data_7RZY
#
_entry.id   7RZY
#
_cell.length_a   1.00
_cell.length_b   1.00
_cell.length_c   1.00
_cell.angle_alpha   90.00
_cell.angle_beta   90.00
_cell.angle_gamma   90.00
#
_symmetry.space_group_name_H-M   'P 1'
#
loop_
_entity.id
_entity.type
_entity.pdbx_description
1 polymer 'Tn6677 Vibrio cholerae transposon TnsC (VchTnsC)'
2 non-polymer "ADENOSINE-5'-TRIPHOSPHATE"
#
_entity_poly.entity_id   1
_entity_poly.type   'polypeptide(L)'
_entity_poly.pdbx_seq_one_letter_code
;MSETREARISRAKRAFVSTPSVRKILSYMDRCRDLSDLESEPTCMMVYGASGVGKTTVIKKYLNQNRRESEAGGDIIPVL
HIELPDNAKPVDAARELLVEMGDPLALYETDLARLTKRLTELIPAVGVKLIIIDEFQHLVEERSNRVLTQVGNWLKMILN
KTKCPIVIFGMPYSKVVLQANSQLHGRFSIQVELRPFSYNGGRGVFKTFLEYLDKALPFEKQAGLANESLQKKLYAFSQG
NMRSLRNLIYQASIEAIDNQHETITEEDFVFASKLTSGDKPNSWKNPFEEGVEVTEDMLRPPPKDIGWEDYLRHSTPRVS
KPGRNKNFFE
;
_entity_poly.pdbx_strand_id   1,2,3,4,5,6,7
#
loop_
_chem_comp.id
_chem_comp.type
_chem_comp.name
_chem_comp.formula
ATP non-polymer ADENOSINE-5'-TRIPHOSPHATE 'C10 H16 N5 O13 P3'
#
# COMPACT_ATOMS: atom_id res chain seq x y z
N THR A 4 -17.46 15.93 -55.47
CA THR A 4 -16.65 16.69 -54.45
C THR A 4 -15.19 16.76 -54.90
N ARG A 5 -14.58 15.60 -55.16
CA ARG A 5 -13.17 15.41 -55.64
C ARG A 5 -12.20 15.59 -54.46
N GLU A 6 -11.15 14.76 -54.41
CA GLU A 6 -10.19 14.66 -53.27
C GLU A 6 -9.30 15.90 -53.21
N ALA A 7 -8.82 16.38 -54.37
CA ALA A 7 -7.89 17.53 -54.51
C ALA A 7 -8.51 18.80 -53.87
N ARG A 8 -9.76 19.09 -54.20
CA ARG A 8 -10.50 20.31 -53.75
C ARG A 8 -10.67 20.30 -52.22
N ILE A 9 -11.18 19.20 -51.66
CA ILE A 9 -11.40 19.02 -50.20
C ILE A 9 -10.06 18.97 -49.46
N SER A 10 -9.03 18.33 -50.06
CA SER A 10 -7.64 18.28 -49.53
C SER A 10 -7.07 19.69 -49.44
N ARG A 11 -7.14 20.45 -50.55
CA ARG A 11 -6.62 21.83 -50.66
C ARG A 11 -7.45 22.79 -49.79
N ALA A 12 -8.74 22.50 -49.60
CA ALA A 12 -9.67 23.26 -48.72
C ALA A 12 -9.27 23.07 -47.25
N LYS A 13 -8.94 21.84 -46.85
CA LYS A 13 -8.49 21.48 -45.47
C LYS A 13 -7.08 22.05 -45.25
N ARG A 14 -6.12 21.67 -46.11
CA ARG A 14 -4.71 22.14 -46.07
C ARG A 14 -4.60 23.44 -46.90
N ALA A 15 -4.98 24.56 -46.29
CA ALA A 15 -4.86 25.93 -46.83
C ALA A 15 -4.09 26.80 -45.81
N PHE A 16 -2.78 26.52 -45.67
CA PHE A 16 -1.89 27.14 -44.64
C PHE A 16 -1.43 28.52 -45.12
N VAL A 17 -1.70 29.55 -44.30
CA VAL A 17 -1.08 30.91 -44.38
C VAL A 17 -0.34 31.17 -43.06
N SER A 18 0.79 31.88 -43.12
CA SER A 18 1.71 32.18 -42.00
C SER A 18 1.47 33.61 -41.48
N THR A 19 1.05 33.73 -40.22
CA THR A 19 0.89 35.02 -39.49
C THR A 19 2.27 35.53 -39.08
N PRO A 20 2.45 36.84 -38.81
CA PRO A 20 3.75 37.38 -38.38
C PRO A 20 4.34 36.70 -37.14
N SER A 21 3.48 36.24 -36.22
CA SER A 21 3.84 35.45 -35.00
C SER A 21 4.48 34.12 -35.42
N VAL A 22 3.89 33.43 -36.40
CA VAL A 22 4.39 32.13 -36.95
C VAL A 22 5.76 32.37 -37.60
N ARG A 23 5.88 33.42 -38.43
CA ARG A 23 7.14 33.83 -39.10
C ARG A 23 8.22 34.13 -38.05
N LYS A 24 7.85 34.79 -36.95
CA LYS A 24 8.75 35.09 -35.80
C LYS A 24 9.22 33.78 -35.16
N ILE A 25 8.30 32.85 -34.88
CA ILE A 25 8.60 31.52 -34.26
C ILE A 25 9.52 30.73 -35.19
N LEU A 26 9.22 30.68 -36.50
CA LEU A 26 10.04 29.99 -37.53
C LEU A 26 11.46 30.60 -37.57
N SER A 27 11.56 31.93 -37.54
CA SER A 27 12.84 32.69 -37.51
C SER A 27 13.62 32.35 -36.23
N TYR A 28 12.94 32.38 -35.07
CA TYR A 28 13.49 32.05 -33.74
C TYR A 28 14.00 30.60 -33.72
N MET A 29 13.24 29.67 -34.29
CA MET A 29 13.60 28.22 -34.40
C MET A 29 14.87 28.07 -35.24
N ASP A 30 14.88 28.64 -36.45
CA ASP A 30 16.03 28.62 -37.40
C ASP A 30 17.29 29.14 -36.70
N ARG A 31 17.17 30.28 -36.00
CA ARG A 31 18.25 30.90 -35.18
C ARG A 31 18.68 29.92 -34.10
N CYS A 32 17.75 29.50 -33.23
CA CYS A 32 17.97 28.59 -32.07
C CYS A 32 18.67 27.31 -32.53
N ARG A 33 18.38 26.82 -33.74
CA ARG A 33 19.05 25.65 -34.36
C ARG A 33 20.49 26.02 -34.74
N ASP A 34 20.65 27.06 -35.56
CA ASP A 34 21.95 27.42 -36.22
C ASP A 34 22.95 27.98 -35.19
N LEU A 35 22.48 28.50 -34.05
CA LEU A 35 23.35 29.05 -32.97
C LEU A 35 24.23 27.95 -32.37
N SER A 36 23.60 26.95 -31.72
CA SER A 36 24.27 25.87 -30.96
C SER A 36 25.08 24.97 -31.91
N ASP A 37 26.33 24.67 -31.55
CA ASP A 37 27.30 23.90 -32.37
C ASP A 37 27.57 22.52 -31.71
N LEU A 38 26.76 22.13 -30.73
CA LEU A 38 26.83 20.82 -30.00
C LEU A 38 28.20 20.66 -29.33
N GLU A 39 28.72 21.74 -28.71
CA GLU A 39 30.04 21.79 -28.03
C GLU A 39 29.94 22.54 -26.70
N SER A 40 29.28 23.72 -26.69
CA SER A 40 28.93 24.51 -25.48
C SER A 40 27.43 24.38 -25.17
N GLU A 41 27.02 24.93 -24.01
CA GLU A 41 25.61 24.97 -23.54
C GLU A 41 24.73 25.61 -24.62
N PRO A 42 23.58 24.98 -24.98
CA PRO A 42 22.70 25.54 -26.01
C PRO A 42 21.88 26.74 -25.50
N THR A 43 21.37 27.55 -26.43
CA THR A 43 20.60 28.81 -26.17
C THR A 43 19.24 28.47 -25.58
N CYS A 44 18.55 27.46 -26.16
CA CYS A 44 17.24 26.91 -25.71
C CYS A 44 16.10 27.90 -26.02
N MET A 45 14.85 27.47 -25.83
CA MET A 45 13.64 28.23 -26.22
C MET A 45 12.41 27.61 -25.54
N MET A 46 11.36 28.41 -25.29
CA MET A 46 10.01 27.92 -24.86
C MET A 46 8.91 28.79 -25.48
N VAL A 47 7.92 28.16 -26.11
CA VAL A 47 6.70 28.80 -26.68
C VAL A 47 5.49 28.42 -25.81
N TYR A 48 4.73 29.42 -25.36
CA TYR A 48 3.49 29.25 -24.54
C TYR A 48 2.30 29.02 -25.47
N GLY A 49 1.92 30.04 -26.24
CA GLY A 49 0.77 30.02 -27.17
C GLY A 49 -0.55 29.89 -26.42
N ALA A 50 -1.49 29.10 -26.97
CA ALA A 50 -2.81 28.78 -26.39
C ALA A 50 -3.40 27.55 -27.07
N SER A 51 -4.62 27.15 -26.67
CA SER A 51 -5.34 25.95 -27.18
C SER A 51 -5.94 26.25 -28.58
N GLY A 52 -5.51 25.49 -29.58
CA GLY A 52 -6.07 25.52 -30.96
C GLY A 52 -5.68 26.78 -31.71
N VAL A 53 -4.40 27.16 -31.68
CA VAL A 53 -3.84 28.35 -32.38
C VAL A 53 -3.08 27.86 -33.64
N GLY A 54 -2.04 27.04 -33.45
CA GLY A 54 -1.31 26.38 -34.56
C GLY A 54 0.09 25.90 -34.20
N LYS A 55 0.31 25.43 -32.96
CA LYS A 55 1.64 25.00 -32.45
C LYS A 55 2.10 23.77 -33.25
N THR A 56 1.25 22.74 -33.34
CA THR A 56 1.47 21.50 -34.12
C THR A 56 1.67 21.82 -35.60
N THR A 57 0.96 22.83 -36.12
CA THR A 57 1.02 23.26 -37.55
C THR A 57 2.35 23.95 -37.82
N VAL A 58 2.79 24.83 -36.91
CA VAL A 58 4.13 25.51 -36.92
C VAL A 58 5.21 24.43 -36.91
N ILE A 59 5.08 23.43 -36.04
CA ILE A 59 6.03 22.28 -35.91
C ILE A 59 6.03 21.47 -37.22
N LYS A 60 4.85 21.19 -37.77
CA LYS A 60 4.66 20.43 -39.05
C LYS A 60 5.31 21.19 -40.20
N LYS A 61 5.06 22.50 -40.30
CA LYS A 61 5.65 23.41 -41.33
C LYS A 61 7.19 23.41 -41.20
N TYR A 62 7.69 23.57 -39.97
CA TYR A 62 9.14 23.56 -39.63
C TYR A 62 9.76 22.22 -40.04
N LEU A 63 9.14 21.11 -39.63
CA LEU A 63 9.52 19.71 -40.00
C LEU A 63 9.55 19.57 -41.53
N ASN A 64 8.52 20.07 -42.22
CA ASN A 64 8.33 19.94 -43.69
C ASN A 64 9.45 20.68 -44.43
N GLN A 65 9.76 21.92 -44.02
CA GLN A 65 10.79 22.77 -44.69
C GLN A 65 12.21 22.27 -44.35
N ASN A 66 12.43 21.79 -43.12
CA ASN A 66 13.76 21.43 -42.59
C ASN A 66 14.12 19.97 -42.91
N ARG A 67 13.32 19.03 -42.40
CA ARG A 67 13.68 17.59 -42.25
C ARG A 67 13.51 16.79 -43.56
N ARG A 68 12.77 17.32 -44.54
CA ARG A 68 12.35 16.62 -45.77
C ARG A 68 13.55 16.02 -46.52
N GLU A 69 14.49 16.87 -46.94
CA GLU A 69 15.68 16.52 -47.76
C GLU A 69 16.61 15.58 -46.98
N SER A 70 16.86 15.91 -45.70
CA SER A 70 17.74 15.14 -44.77
C SER A 70 17.17 13.74 -44.52
N GLU A 71 15.86 13.64 -44.31
CA GLU A 71 15.12 12.35 -44.13
C GLU A 71 15.13 11.55 -45.44
N ALA A 72 14.93 12.23 -46.58
CA ALA A 72 14.95 11.64 -47.94
C ALA A 72 16.36 11.12 -48.28
N GLY A 73 17.41 11.83 -47.84
CA GLY A 73 18.82 11.46 -48.07
C GLY A 73 19.18 10.14 -47.40
N GLY A 74 18.91 10.01 -46.11
CA GLY A 74 19.19 8.81 -45.30
C GLY A 74 18.72 8.94 -43.87
N ASP A 75 19.29 8.14 -42.96
CA ASP A 75 18.98 8.12 -41.51
C ASP A 75 19.77 9.25 -40.82
N ILE A 76 19.28 10.48 -40.95
CA ILE A 76 19.88 11.72 -40.35
C ILE A 76 18.89 12.28 -39.31
N ILE A 77 17.65 12.56 -39.73
CA ILE A 77 16.52 13.12 -38.93
C ILE A 77 17.06 14.18 -37.95
N PRO A 78 17.44 15.39 -38.44
CA PRO A 78 18.00 16.43 -37.58
C PRO A 78 17.09 16.96 -36.46
N VAL A 79 15.77 16.93 -36.68
CA VAL A 79 14.75 17.51 -35.74
C VAL A 79 13.76 16.41 -35.33
N LEU A 80 13.31 16.45 -34.07
CA LEU A 80 12.37 15.46 -33.46
C LEU A 80 11.09 16.19 -33.00
N HIS A 81 9.97 15.48 -32.97
CA HIS A 81 8.66 15.94 -32.43
C HIS A 81 8.20 14.97 -31.33
N ILE A 82 8.25 15.41 -30.07
CA ILE A 82 7.89 14.62 -28.85
C ILE A 82 6.60 15.21 -28.26
N GLU A 83 5.78 14.35 -27.62
CA GLU A 83 4.52 14.73 -26.93
C GLU A 83 4.39 13.88 -25.66
N LEU A 84 4.76 14.45 -24.51
CA LEU A 84 4.95 13.73 -23.21
C LEU A 84 3.60 13.25 -22.69
N PRO A 85 3.45 11.96 -22.28
CA PRO A 85 2.16 11.43 -21.83
C PRO A 85 1.68 12.02 -20.48
N ASP A 86 0.42 11.73 -20.12
CA ASP A 86 -0.29 12.32 -18.95
C ASP A 86 0.39 11.84 -17.66
N ASN A 87 0.78 12.79 -16.80
CA ASN A 87 1.59 12.57 -15.57
C ASN A 87 2.91 11.90 -15.98
N ALA A 88 3.74 12.63 -16.74
CA ALA A 88 4.98 12.14 -17.39
C ALA A 88 6.03 11.79 -16.33
N LYS A 89 6.83 10.76 -16.61
CA LYS A 89 8.01 10.33 -15.80
C LYS A 89 9.22 10.23 -16.73
N PRO A 90 10.46 10.30 -16.21
CA PRO A 90 11.66 10.26 -17.05
C PRO A 90 11.76 9.02 -17.95
N VAL A 91 11.28 7.86 -17.48
CA VAL A 91 11.17 6.59 -18.27
C VAL A 91 10.37 6.86 -19.55
N ASP A 92 9.17 7.46 -19.43
CA ASP A 92 8.19 7.64 -20.53
C ASP A 92 8.74 8.62 -21.57
N ALA A 93 9.31 9.75 -21.11
CA ALA A 93 9.96 10.78 -21.96
C ALA A 93 11.12 10.17 -22.73
N ALA A 94 12.00 9.43 -22.04
CA ALA A 94 13.19 8.74 -22.60
C ALA A 94 12.75 7.69 -23.63
N ARG A 95 11.74 6.89 -23.29
CA ARG A 95 11.14 5.86 -24.20
C ARG A 95 10.65 6.52 -25.49
N GLU A 96 9.91 7.64 -25.37
CA GLU A 96 9.41 8.44 -26.52
C GLU A 96 10.60 8.97 -27.32
N LEU A 97 11.55 9.64 -26.65
CA LEU A 97 12.80 10.19 -27.27
C LEU A 97 13.53 9.12 -28.08
N LEU A 98 13.47 7.85 -27.64
CA LEU A 98 14.06 6.68 -28.37
C LEU A 98 13.14 6.26 -29.52
N VAL A 99 11.88 5.92 -29.23
CA VAL A 99 10.95 5.25 -30.20
C VAL A 99 10.59 6.21 -31.34
N GLU A 100 10.41 7.51 -31.06
CA GLU A 100 10.15 8.54 -32.11
C GLU A 100 11.39 8.70 -33.01
N MET A 101 12.59 8.62 -32.43
CA MET A 101 13.89 8.83 -33.13
C MET A 101 14.47 7.48 -33.57
N GLY A 102 13.97 6.96 -34.70
CA GLY A 102 14.53 5.77 -35.40
C GLY A 102 14.44 4.50 -34.57
N ASP A 103 15.34 4.34 -33.60
CA ASP A 103 15.59 3.08 -32.81
C ASP A 103 14.29 2.61 -32.16
N PRO A 104 13.71 1.45 -32.58
CA PRO A 104 12.56 0.87 -31.89
C PRO A 104 12.87 0.29 -30.50
N LEU A 105 14.11 -0.20 -30.29
CA LEU A 105 14.54 -0.93 -29.06
C LEU A 105 14.65 0.04 -27.87
N ALA A 106 14.97 -0.50 -26.69
CA ALA A 106 14.99 0.20 -25.37
C ALA A 106 13.55 0.42 -24.87
N LEU A 107 12.60 -0.39 -25.36
CA LEU A 107 11.14 -0.28 -25.08
C LEU A 107 10.64 -1.46 -24.23
N TYR A 108 11.26 -2.64 -24.37
CA TYR A 108 10.79 -3.92 -23.75
C TYR A 108 10.99 -3.88 -22.23
N GLU A 109 12.19 -3.51 -21.76
CA GLU A 109 12.53 -3.47 -20.30
C GLU A 109 13.71 -2.52 -20.07
N THR A 110 13.43 -1.33 -19.52
CA THR A 110 14.43 -0.32 -19.05
C THR A 110 13.77 0.58 -17.99
N ASP A 111 14.54 0.96 -16.95
CA ASP A 111 14.09 1.84 -15.84
C ASP A 111 15.28 2.66 -15.33
N LEU A 112 15.60 3.77 -16.03
CA LEU A 112 16.78 4.64 -15.81
C LEU A 112 18.05 3.77 -15.74
N ALA A 113 18.18 2.81 -16.66
CA ALA A 113 19.28 1.81 -16.71
C ALA A 113 20.28 2.20 -17.80
N ARG A 114 19.97 1.87 -19.07
CA ARG A 114 20.88 2.08 -20.23
C ARG A 114 20.28 3.05 -21.26
N LEU A 115 19.05 3.56 -21.03
CA LEU A 115 18.37 4.55 -21.92
C LEU A 115 19.19 5.85 -21.99
N THR A 116 19.68 6.35 -20.85
CA THR A 116 20.45 7.63 -20.73
C THR A 116 21.72 7.54 -21.58
N LYS A 117 22.56 6.54 -21.32
CA LYS A 117 23.90 6.35 -21.94
C LYS A 117 23.75 6.15 -23.46
N ARG A 118 22.84 5.28 -23.89
CA ARG A 118 22.63 4.95 -25.33
C ARG A 118 22.09 6.19 -26.05
N LEU A 119 21.10 6.88 -25.47
CA LEU A 119 20.53 8.14 -26.00
C LEU A 119 21.66 9.18 -26.14
N THR A 120 22.41 9.38 -25.05
CA THR A 120 23.55 10.34 -24.96
C THR A 120 24.60 10.03 -26.04
N GLU A 121 24.95 8.76 -26.25
CA GLU A 121 26.07 8.35 -27.14
C GLU A 121 25.62 8.30 -28.61
N LEU A 122 24.36 7.95 -28.91
CA LEU A 122 23.87 7.74 -30.31
C LEU A 122 23.16 8.99 -30.87
N ILE A 123 22.89 10.03 -30.04
CA ILE A 123 22.34 11.33 -30.53
C ILE A 123 23.35 11.98 -31.47
N PRO A 124 24.65 12.14 -31.10
CA PRO A 124 25.66 12.61 -32.04
C PRO A 124 25.86 11.73 -33.28
N ALA A 125 25.69 10.41 -33.14
CA ALA A 125 25.88 9.40 -34.21
C ALA A 125 24.83 9.60 -35.31
N VAL A 126 23.54 9.65 -34.93
CA VAL A 126 22.41 9.91 -35.87
C VAL A 126 22.43 11.38 -36.29
N GLY A 127 22.75 12.29 -35.37
CA GLY A 127 22.94 13.73 -35.62
C GLY A 127 21.64 14.52 -35.45
N VAL A 128 21.07 14.52 -34.23
CA VAL A 128 19.90 15.36 -33.84
C VAL A 128 20.43 16.76 -33.48
N LYS A 129 20.15 17.76 -34.33
CA LYS A 129 20.63 19.16 -34.17
C LYS A 129 19.65 19.99 -33.33
N LEU A 130 18.43 19.49 -33.06
CA LEU A 130 17.38 20.22 -32.30
C LEU A 130 16.30 19.25 -31.82
N ILE A 131 15.67 19.54 -30.68
CA ILE A 131 14.54 18.76 -30.08
C ILE A 131 13.32 19.67 -29.93
N ILE A 132 12.12 19.15 -30.22
CA ILE A 132 10.82 19.86 -30.05
C ILE A 132 9.89 18.97 -29.22
N ILE A 133 9.57 19.39 -28.00
CA ILE A 133 8.56 18.74 -27.11
C ILE A 133 7.27 19.55 -27.18
N ASP A 134 6.12 18.88 -27.41
CA ASP A 134 4.87 19.49 -27.92
C ASP A 134 4.01 20.05 -26.78
N GLU A 135 3.95 19.35 -25.63
CA GLU A 135 2.96 19.63 -24.55
C GLU A 135 3.61 19.43 -23.17
N PHE A 136 3.48 20.44 -22.29
CA PHE A 136 3.96 20.46 -20.88
C PHE A 136 2.77 20.55 -19.90
N GLN A 137 1.53 20.54 -20.40
CA GLN A 137 0.28 20.59 -19.60
C GLN A 137 0.16 19.32 -18.74
N HIS A 138 0.71 18.20 -19.24
CA HIS A 138 0.64 16.84 -18.63
C HIS A 138 1.35 16.80 -17.28
N LEU A 139 2.45 17.56 -17.13
CA LEU A 139 3.31 17.57 -15.91
C LEU A 139 2.50 18.06 -14.69
N VAL A 140 1.64 19.06 -14.88
CA VAL A 140 0.71 19.58 -13.83
C VAL A 140 -0.40 18.54 -13.62
N GLU A 141 -0.70 18.22 -12.35
CA GLU A 141 -1.73 17.20 -11.97
C GLU A 141 -3.13 17.75 -12.27
N GLU A 142 -4.10 16.84 -12.45
CA GLU A 142 -5.49 17.15 -12.88
C GLU A 142 -6.22 17.90 -11.75
N ARG A 143 -6.33 17.30 -10.57
CA ARG A 143 -7.06 17.85 -9.39
C ARG A 143 -6.13 18.77 -8.61
N SER A 144 -5.01 18.25 -8.10
CA SER A 144 -4.02 18.98 -7.27
C SER A 144 -3.23 19.97 -8.14
N ASN A 145 -2.88 21.13 -7.58
CA ASN A 145 -2.09 22.20 -8.25
C ASN A 145 -0.59 21.88 -8.18
N ARG A 146 -0.20 20.87 -7.40
CA ARG A 146 1.20 20.35 -7.30
C ARG A 146 1.65 19.89 -8.70
N VAL A 147 2.94 20.12 -9.01
CA VAL A 147 3.57 19.77 -10.32
C VAL A 147 4.80 18.88 -10.05
N LEU A 148 4.95 17.80 -10.82
CA LEU A 148 6.13 16.88 -10.77
C LEU A 148 7.32 17.57 -11.46
N THR A 149 8.51 17.45 -10.86
CA THR A 149 9.77 18.12 -11.30
C THR A 149 10.77 17.10 -11.88
N GLN A 150 10.45 15.79 -11.83
CA GLN A 150 11.36 14.69 -12.25
C GLN A 150 11.72 14.82 -13.74
N VAL A 151 10.73 15.14 -14.58
CA VAL A 151 10.88 15.29 -16.07
C VAL A 151 11.76 16.50 -16.36
N GLY A 152 11.52 17.62 -15.67
CA GLY A 152 12.32 18.87 -15.75
C GLY A 152 13.75 18.66 -15.28
N ASN A 153 13.94 17.90 -14.19
CA ASN A 153 15.27 17.54 -13.62
C ASN A 153 16.00 16.60 -14.58
N TRP A 154 15.30 15.62 -15.15
CA TRP A 154 15.85 14.70 -16.19
C TRP A 154 16.17 15.49 -17.47
N LEU A 155 15.39 16.54 -17.78
CA LEU A 155 15.59 17.42 -18.97
C LEU A 155 16.90 18.21 -18.83
N LYS A 156 17.12 18.88 -17.70
CA LYS A 156 18.37 19.64 -17.43
C LYS A 156 19.56 18.68 -17.36
N MET A 157 19.36 17.46 -16.82
CA MET A 157 20.40 16.39 -16.73
C MET A 157 20.78 15.93 -18.13
N ILE A 158 19.81 15.52 -18.95
CA ILE A 158 20.05 15.04 -20.35
C ILE A 158 20.55 16.21 -21.22
N LEU A 159 20.16 17.45 -20.89
CA LEU A 159 20.67 18.69 -21.55
C LEU A 159 22.14 18.92 -21.18
N ASN A 160 22.53 18.61 -19.93
CA ASN A 160 23.93 18.74 -19.44
C ASN A 160 24.82 17.69 -20.11
N LYS A 161 24.39 16.42 -20.13
CA LYS A 161 25.16 15.26 -20.68
C LYS A 161 25.35 15.44 -22.19
N THR A 162 24.25 15.53 -22.93
CA THR A 162 24.22 15.79 -24.40
C THR A 162 23.57 17.16 -24.63
N LYS A 163 24.25 18.04 -25.37
CA LYS A 163 23.99 19.50 -25.40
C LYS A 163 23.47 19.88 -26.79
N CYS A 164 22.14 20.03 -26.91
CA CYS A 164 21.43 20.46 -28.15
C CYS A 164 20.23 21.34 -27.78
N PRO A 165 19.79 22.27 -28.67
CA PRO A 165 18.60 23.09 -28.42
C PRO A 165 17.32 22.28 -28.18
N ILE A 166 16.48 22.74 -27.24
CA ILE A 166 15.13 22.18 -26.93
C ILE A 166 14.11 23.31 -26.98
N VAL A 167 13.02 23.13 -27.73
CA VAL A 167 12.00 24.18 -28.04
C VAL A 167 10.86 24.14 -27.00
N ILE A 168 10.57 22.97 -26.43
CA ILE A 168 9.53 22.70 -25.37
C ILE A 168 8.29 23.59 -25.55
N PHE A 169 7.37 23.21 -26.43
CA PHE A 169 6.00 23.78 -26.55
C PHE A 169 5.15 23.30 -25.37
N GLY A 170 4.18 24.12 -24.94
CA GLY A 170 3.25 23.78 -23.85
C GLY A 170 2.25 24.89 -23.57
N MET A 171 1.01 24.50 -23.22
CA MET A 171 -0.14 25.41 -22.90
C MET A 171 0.31 26.44 -21.86
N PRO A 172 -0.07 27.75 -21.99
CA PRO A 172 0.56 28.82 -21.22
C PRO A 172 0.51 28.75 -19.69
N TYR A 173 -0.31 27.85 -19.11
CA TYR A 173 -0.37 27.60 -17.64
C TYR A 173 0.79 26.69 -17.20
N SER A 174 1.54 26.12 -18.16
CA SER A 174 2.72 25.25 -17.93
C SER A 174 3.92 26.06 -17.40
N LYS A 175 3.92 27.38 -17.53
CA LYS A 175 4.97 28.30 -17.01
C LYS A 175 5.30 27.95 -15.55
N VAL A 176 4.29 27.58 -14.75
CA VAL A 176 4.41 27.15 -13.32
C VAL A 176 5.46 26.04 -13.20
N VAL A 177 5.54 25.11 -14.18
CA VAL A 177 6.52 23.99 -14.22
C VAL A 177 7.94 24.56 -14.07
N LEU A 178 8.24 25.67 -14.74
CA LEU A 178 9.57 26.35 -14.67
C LEU A 178 9.69 27.19 -13.39
N GLN A 179 8.58 27.75 -12.88
CA GLN A 179 8.57 28.61 -11.67
C GLN A 179 9.02 27.80 -10.43
N ALA A 180 8.80 26.48 -10.42
CA ALA A 180 9.24 25.55 -9.36
C ALA A 180 10.77 25.41 -9.38
N ASN A 181 11.33 24.93 -10.50
CA ASN A 181 12.79 24.65 -10.68
C ASN A 181 13.47 25.89 -11.28
N SER A 182 14.10 26.70 -10.43
CA SER A 182 14.79 27.98 -10.78
C SER A 182 15.99 27.71 -11.70
N GLN A 183 16.73 26.63 -11.45
CA GLN A 183 17.92 26.22 -12.26
C GLN A 183 17.47 25.87 -13.69
N LEU A 184 16.32 25.21 -13.83
CA LEU A 184 15.67 24.91 -15.13
C LEU A 184 15.12 26.20 -15.75
N HIS A 185 14.47 27.04 -14.93
CA HIS A 185 13.94 28.39 -15.31
C HIS A 185 15.06 29.21 -15.95
N GLY A 186 16.26 29.21 -15.35
CA GLY A 186 17.46 29.92 -15.82
C GLY A 186 17.83 29.54 -17.25
N ARG A 187 17.80 28.24 -17.58
CA ARG A 187 18.20 27.70 -18.91
C ARG A 187 17.34 28.33 -20.03
N PHE A 188 16.01 28.24 -19.90
CA PHE A 188 15.03 28.69 -20.91
C PHE A 188 14.77 30.20 -20.73
N SER A 189 15.62 31.02 -21.35
CA SER A 189 15.60 32.51 -21.29
C SER A 189 14.80 33.08 -22.46
N ILE A 190 15.04 32.56 -23.68
CA ILE A 190 14.36 33.01 -24.93
C ILE A 190 12.91 32.50 -24.91
N GLN A 191 11.93 33.41 -24.91
CA GLN A 191 10.49 33.08 -24.73
C GLN A 191 9.59 33.96 -25.60
N VAL A 192 8.41 33.39 -25.91
CA VAL A 192 7.54 33.73 -27.07
C VAL A 192 6.07 33.55 -26.63
N GLU A 193 5.19 34.47 -27.07
CA GLU A 193 3.73 34.20 -27.15
C GLU A 193 3.30 33.98 -28.61
N LEU A 194 2.66 32.82 -28.87
CA LEU A 194 1.90 32.52 -30.11
C LEU A 194 0.41 32.68 -29.78
N ARG A 195 0.03 33.87 -29.27
CA ARG A 195 -1.36 34.17 -28.80
C ARG A 195 -2.26 34.42 -30.01
N PRO A 196 -3.59 34.24 -29.90
CA PRO A 196 -4.50 34.46 -31.02
C PRO A 196 -4.69 35.95 -31.38
N PHE A 197 -5.58 36.23 -32.34
CA PHE A 197 -5.87 37.59 -32.88
C PHE A 197 -6.64 38.40 -31.83
N SER A 198 -6.25 39.67 -31.64
CA SER A 198 -6.81 40.60 -30.63
C SER A 198 -7.82 41.55 -31.29
N TYR A 199 -7.43 42.21 -32.40
CA TYR A 199 -8.24 43.22 -33.12
C TYR A 199 -9.19 42.53 -34.10
N ASN A 200 -10.37 43.13 -34.30
CA ASN A 200 -11.50 42.56 -35.09
C ASN A 200 -11.93 43.52 -36.22
N GLY A 201 -11.98 44.83 -35.95
CA GLY A 201 -12.51 45.88 -36.86
C GLY A 201 -12.05 45.70 -38.30
N GLY A 202 -10.75 45.56 -38.52
CA GLY A 202 -10.14 45.34 -39.86
C GLY A 202 -8.96 46.27 -40.09
N ARG A 203 -8.26 46.08 -41.22
CA ARG A 203 -7.07 46.86 -41.67
C ARG A 203 -5.90 46.55 -40.71
N GLY A 204 -5.60 45.26 -40.52
CA GLY A 204 -4.54 44.77 -39.63
C GLY A 204 -4.02 43.42 -40.08
N VAL A 205 -3.97 42.44 -39.17
CA VAL A 205 -3.46 41.06 -39.41
C VAL A 205 -4.61 40.12 -39.79
N PHE A 206 -5.79 40.31 -39.19
CA PHE A 206 -6.99 39.44 -39.37
C PHE A 206 -7.52 39.54 -40.80
N LYS A 207 -7.61 40.75 -41.35
CA LYS A 207 -8.15 41.02 -42.71
C LYS A 207 -7.23 40.39 -43.77
N THR A 208 -5.92 40.66 -43.68
CA THR A 208 -4.87 40.14 -44.61
C THR A 208 -4.79 38.60 -44.48
N PHE A 209 -4.90 38.07 -43.26
CA PHE A 209 -4.97 36.61 -42.98
C PHE A 209 -6.14 35.99 -43.76
N LEU A 210 -7.35 36.54 -43.60
CA LEU A 210 -8.58 36.07 -44.29
C LEU A 210 -8.45 36.25 -45.81
N GLU A 211 -7.89 37.39 -46.27
CA GLU A 211 -7.66 37.69 -47.71
C GLU A 211 -6.81 36.58 -48.35
N TYR A 212 -5.67 36.25 -47.74
CA TYR A 212 -4.74 35.18 -48.19
C TYR A 212 -5.44 33.82 -48.14
N LEU A 213 -6.24 33.57 -47.08
CA LEU A 213 -7.03 32.33 -46.91
C LEU A 213 -8.03 32.18 -48.07
N ASP A 214 -8.72 33.27 -48.43
CA ASP A 214 -9.71 33.32 -49.55
C ASP A 214 -8.99 33.08 -50.89
N LYS A 215 -7.78 33.63 -51.05
CA LYS A 215 -6.91 33.39 -52.24
C LYS A 215 -6.43 31.94 -52.26
N ALA A 216 -6.32 31.30 -51.09
CA ALA A 216 -5.90 29.89 -50.92
C ALA A 216 -7.09 28.92 -51.02
N LEU A 217 -8.33 29.39 -50.85
CA LEU A 217 -9.57 28.56 -50.98
C LEU A 217 -9.76 28.13 -52.43
N PRO A 218 -10.51 27.03 -52.70
CA PRO A 218 -10.63 26.48 -54.06
C PRO A 218 -11.54 27.25 -55.02
N PHE A 219 -12.32 28.22 -54.53
CA PHE A 219 -13.36 28.96 -55.31
C PHE A 219 -12.68 30.04 -56.16
N GLU A 220 -12.91 30.01 -57.48
CA GLU A 220 -12.23 30.86 -58.49
C GLU A 220 -12.98 32.18 -58.71
N LYS A 221 -14.21 32.31 -58.19
CA LYS A 221 -15.09 33.49 -58.35
C LYS A 221 -14.66 34.63 -57.40
N GLN A 222 -13.71 34.36 -56.49
CA GLN A 222 -12.91 35.34 -55.71
C GLN A 222 -13.56 35.58 -54.34
N ALA A 223 -12.73 36.01 -53.37
CA ALA A 223 -13.05 36.23 -51.93
C ALA A 223 -14.44 36.83 -51.71
N GLY A 224 -15.23 36.22 -50.82
CA GLY A 224 -16.46 36.77 -50.23
C GLY A 224 -16.23 37.35 -48.85
N LEU A 225 -15.20 36.86 -48.13
CA LEU A 225 -14.81 37.31 -46.76
C LEU A 225 -13.96 38.58 -46.87
N ALA A 226 -13.50 39.10 -45.72
CA ALA A 226 -12.67 40.33 -45.57
C ALA A 226 -13.51 41.57 -45.92
N ASN A 227 -14.79 41.56 -45.53
CA ASN A 227 -15.77 42.67 -45.70
C ASN A 227 -16.39 42.98 -44.34
N GLU A 228 -16.46 44.27 -43.97
CA GLU A 228 -16.90 44.78 -42.64
C GLU A 228 -18.23 44.12 -42.21
N SER A 229 -19.12 43.83 -43.16
CA SER A 229 -20.43 43.15 -42.94
C SER A 229 -20.21 41.73 -42.39
N LEU A 230 -19.34 40.95 -43.03
CA LEU A 230 -19.13 39.50 -42.75
C LEU A 230 -17.97 39.29 -41.76
N GLN A 231 -16.87 40.04 -41.93
CA GLN A 231 -15.57 39.84 -41.21
C GLN A 231 -15.79 39.82 -39.68
N LYS A 232 -16.55 40.78 -39.15
CA LYS A 232 -16.79 40.96 -37.69
C LYS A 232 -17.50 39.73 -37.10
N LYS A 233 -18.44 39.12 -37.84
CA LYS A 233 -19.26 37.96 -37.40
C LYS A 233 -18.39 36.71 -37.26
N LEU A 234 -17.35 36.56 -38.09
CA LEU A 234 -16.38 35.43 -38.02
C LEU A 234 -15.57 35.54 -36.72
N TYR A 235 -15.19 36.76 -36.32
CA TYR A 235 -14.52 37.05 -35.02
C TYR A 235 -15.54 36.90 -33.88
N ALA A 236 -16.80 37.30 -34.10
CA ALA A 236 -17.93 37.14 -33.15
C ALA A 236 -18.14 35.65 -32.84
N PHE A 237 -18.05 34.80 -33.87
CA PHE A 237 -18.17 33.32 -33.76
C PHE A 237 -16.97 32.75 -32.99
N SER A 238 -15.76 32.94 -33.53
CA SER A 238 -14.46 32.46 -32.98
C SER A 238 -13.63 33.66 -32.50
N GLN A 239 -13.58 33.87 -31.18
CA GLN A 239 -12.89 35.03 -30.53
C GLN A 239 -11.40 34.98 -30.85
N GLY A 240 -10.73 33.88 -30.45
CA GLY A 240 -9.28 33.66 -30.65
C GLY A 240 -9.00 32.39 -31.43
N ASN A 241 -9.49 31.24 -30.93
CA ASN A 241 -9.19 29.88 -31.44
C ASN A 241 -9.31 29.82 -32.96
N MET A 242 -8.17 29.73 -33.66
CA MET A 242 -8.06 29.64 -35.14
C MET A 242 -8.68 28.32 -35.64
N ARG A 243 -8.62 27.27 -34.82
CA ARG A 243 -9.25 25.94 -35.09
C ARG A 243 -10.74 26.13 -35.40
N SER A 244 -11.46 26.87 -34.53
CA SER A 244 -12.91 27.16 -34.65
C SER A 244 -13.22 27.90 -35.96
N LEU A 245 -12.41 28.93 -36.27
CA LEU A 245 -12.51 29.75 -37.51
C LEU A 245 -12.29 28.85 -38.74
N ARG A 246 -11.20 28.07 -38.74
CA ARG A 246 -10.83 27.16 -39.86
C ARG A 246 -11.91 26.08 -40.03
N ASN A 247 -12.44 25.53 -38.94
CA ASN A 247 -13.54 24.53 -38.95
C ASN A 247 -14.77 25.14 -39.62
N LEU A 248 -15.19 26.35 -39.19
CA LEU A 248 -16.37 27.09 -39.75
C LEU A 248 -16.18 27.27 -41.27
N ILE A 249 -15.00 27.75 -41.69
CA ILE A 249 -14.66 28.01 -43.12
C ILE A 249 -14.66 26.68 -43.90
N TYR A 250 -14.07 25.63 -43.31
CA TYR A 250 -13.99 24.27 -43.91
C TYR A 250 -15.40 23.71 -44.13
N GLN A 251 -16.24 23.69 -43.07
CA GLN A 251 -17.63 23.18 -43.11
C GLN A 251 -18.47 23.99 -44.12
N ALA A 252 -18.25 25.31 -44.18
CA ALA A 252 -18.87 26.23 -45.16
C ALA A 252 -18.44 25.85 -46.57
N SER A 253 -17.13 25.63 -46.79
CA SER A 253 -16.53 25.21 -48.09
C SER A 253 -17.14 23.89 -48.55
N ILE A 254 -17.34 22.93 -47.62
CA ILE A 254 -18.02 21.63 -47.87
C ILE A 254 -19.46 21.89 -48.32
N GLU A 255 -20.18 22.78 -47.63
CA GLU A 255 -21.59 23.13 -47.95
C GLU A 255 -21.66 23.95 -49.26
N ALA A 256 -20.57 24.57 -49.67
CA ALA A 256 -20.46 25.35 -50.94
C ALA A 256 -20.21 24.40 -52.12
N ILE A 257 -19.24 23.48 -52.00
CA ILE A 257 -18.90 22.49 -53.08
C ILE A 257 -20.04 21.49 -53.26
N ASP A 258 -20.69 21.06 -52.15
CA ASP A 258 -21.97 20.31 -52.19
C ASP A 258 -23.08 21.29 -52.61
N ASN A 259 -24.12 20.79 -53.29
CA ASN A 259 -25.15 21.58 -54.01
C ASN A 259 -24.47 22.77 -54.71
N GLN A 260 -23.78 22.49 -55.82
CA GLN A 260 -22.74 23.35 -56.47
C GLN A 260 -23.10 24.83 -56.38
N HIS A 261 -22.23 25.64 -55.76
CA HIS A 261 -22.29 27.12 -55.73
C HIS A 261 -20.98 27.70 -56.26
N GLU A 262 -20.95 29.02 -56.51
CA GLU A 262 -19.76 29.75 -57.04
C GLU A 262 -18.78 30.03 -55.89
N THR A 263 -19.29 30.52 -54.75
CA THR A 263 -18.52 30.81 -53.50
C THR A 263 -19.32 30.43 -52.26
N ILE A 264 -18.65 30.44 -51.10
CA ILE A 264 -19.27 30.27 -49.75
C ILE A 264 -20.16 31.50 -49.47
N THR A 265 -21.43 31.42 -49.88
CA THR A 265 -22.47 32.49 -49.69
C THR A 265 -22.86 32.58 -48.21
N GLU A 266 -23.72 33.54 -47.86
CA GLU A 266 -24.20 33.79 -46.47
C GLU A 266 -25.51 33.02 -46.22
N GLU A 267 -25.67 31.85 -46.84
CA GLU A 267 -26.81 30.91 -46.64
C GLU A 267 -26.34 29.59 -46.02
N ASP A 268 -25.05 29.24 -46.16
CA ASP A 268 -24.45 27.97 -45.65
C ASP A 268 -23.73 28.20 -44.31
N PHE A 269 -23.31 29.45 -44.01
CA PHE A 269 -22.63 29.83 -42.75
C PHE A 269 -23.55 29.60 -41.54
N VAL A 270 -24.87 29.74 -41.72
CA VAL A 270 -25.90 29.55 -40.64
C VAL A 270 -25.87 28.09 -40.15
N PHE A 271 -25.85 27.13 -41.08
CA PHE A 271 -25.81 25.67 -40.78
C PHE A 271 -24.41 25.29 -40.30
N ALA A 272 -23.36 25.84 -40.92
CA ALA A 272 -21.94 25.64 -40.55
C ALA A 272 -21.71 26.09 -39.10
N SER A 273 -22.27 27.25 -38.72
CA SER A 273 -22.22 27.82 -37.34
C SER A 273 -23.01 26.94 -36.39
N LYS A 274 -24.23 26.53 -36.77
CA LYS A 274 -25.10 25.59 -35.99
C LYS A 274 -24.39 24.25 -35.76
N LEU A 275 -23.61 23.78 -36.75
CA LEU A 275 -22.91 22.47 -36.73
C LEU A 275 -21.79 22.49 -35.70
N THR A 276 -20.86 23.46 -35.82
CA THR A 276 -19.63 23.57 -35.00
C THR A 276 -19.85 24.58 -33.85
N SER A 277 -20.92 24.39 -33.08
CA SER A 277 -21.26 25.19 -31.86
C SER A 277 -21.49 24.25 -30.66
N GLY A 278 -20.66 23.21 -30.54
CA GLY A 278 -20.69 22.23 -29.44
C GLY A 278 -19.66 22.54 -28.37
N ASP A 279 -18.46 22.96 -28.78
CA ASP A 279 -17.30 23.26 -27.87
C ASP A 279 -17.46 24.64 -27.21
N LYS A 280 -18.35 25.49 -27.72
CA LYS A 280 -18.55 26.88 -27.21
C LYS A 280 -19.30 26.83 -25.88
N PRO A 281 -19.03 27.74 -24.91
CA PRO A 281 -19.80 27.82 -23.67
C PRO A 281 -21.27 28.25 -23.86
N ASN A 282 -22.08 28.08 -22.81
CA ASN A 282 -23.53 28.43 -22.77
C ASN A 282 -23.69 29.95 -22.86
N SER A 283 -22.76 30.72 -22.28
CA SER A 283 -22.73 32.21 -22.25
C SER A 283 -22.57 32.77 -23.68
N TRP A 284 -21.87 32.04 -24.57
CA TRP A 284 -21.61 32.44 -25.98
C TRP A 284 -22.94 32.55 -26.76
N LYS A 285 -23.05 33.55 -27.64
CA LYS A 285 -24.24 33.83 -28.48
C LYS A 285 -23.87 33.67 -29.96
N ASN A 286 -24.62 32.83 -30.68
CA ASN A 286 -24.42 32.55 -32.14
C ASN A 286 -24.92 33.75 -32.94
N PRO A 287 -24.07 34.44 -33.72
CA PRO A 287 -24.53 35.56 -34.56
C PRO A 287 -25.29 35.13 -35.83
N PHE A 288 -25.00 33.94 -36.35
CA PHE A 288 -25.54 33.42 -37.65
C PHE A 288 -26.91 32.73 -37.46
N GLU A 289 -27.28 32.37 -36.23
CA GLU A 289 -28.49 31.53 -35.90
C GLU A 289 -29.76 32.18 -36.48
N GLU A 290 -29.88 33.51 -36.37
CA GLU A 290 -31.03 34.31 -36.90
C GLU A 290 -30.59 35.77 -37.04
N GLY A 291 -31.54 36.68 -37.34
CA GLY A 291 -31.30 38.13 -37.45
C GLY A 291 -30.81 38.73 -36.15
N VAL A 292 -29.52 38.55 -35.85
CA VAL A 292 -28.82 39.05 -34.63
C VAL A 292 -27.79 40.11 -35.08
N GLU A 293 -28.00 41.37 -34.70
CA GLU A 293 -27.05 42.49 -34.97
C GLU A 293 -25.83 42.30 -34.05
N VAL A 294 -24.65 42.07 -34.64
CA VAL A 294 -23.37 41.78 -33.92
C VAL A 294 -23.03 42.97 -33.02
N THR A 295 -22.81 42.71 -31.72
CA THR A 295 -22.58 43.72 -30.65
C THR A 295 -21.07 43.83 -30.38
N GLU A 296 -20.58 45.04 -30.09
CA GLU A 296 -19.15 45.33 -29.77
C GLU A 296 -18.78 44.69 -28.42
N ASP A 297 -19.73 44.63 -27.47
CA ASP A 297 -19.56 44.08 -26.10
C ASP A 297 -18.93 42.68 -26.17
N MET A 298 -19.50 41.78 -26.98
CA MET A 298 -19.02 40.38 -27.18
C MET A 298 -17.72 40.39 -27.98
N LEU A 299 -17.48 41.42 -28.80
CA LEU A 299 -16.28 41.56 -29.68
C LEU A 299 -15.15 42.29 -28.93
N ARG A 300 -14.92 41.93 -27.66
CA ARG A 300 -13.74 42.35 -26.86
C ARG A 300 -12.57 41.44 -27.23
N PRO A 301 -11.31 41.88 -27.05
CA PRO A 301 -10.15 41.00 -27.28
C PRO A 301 -10.05 39.93 -26.20
N PRO A 302 -9.40 38.78 -26.46
CA PRO A 302 -9.30 37.70 -25.48
C PRO A 302 -8.40 38.09 -24.31
N PRO A 303 -8.61 37.52 -23.10
CA PRO A 303 -7.85 37.93 -21.91
C PRO A 303 -6.39 37.44 -21.93
N LYS A 304 -5.57 37.97 -21.02
CA LYS A 304 -4.12 37.66 -20.89
C LYS A 304 -3.95 36.20 -20.42
N ASP A 305 -4.86 35.71 -19.57
CA ASP A 305 -4.88 34.33 -19.02
C ASP A 305 -5.89 33.49 -19.84
N ILE A 306 -5.65 33.38 -21.15
CA ILE A 306 -6.56 32.70 -22.13
C ILE A 306 -6.52 31.17 -21.92
N GLY A 307 -5.33 30.60 -21.69
CA GLY A 307 -5.11 29.15 -21.54
C GLY A 307 -4.74 28.78 -20.11
N TRP A 308 -5.35 29.44 -19.12
CA TRP A 308 -5.12 29.23 -17.66
C TRP A 308 -6.38 28.70 -16.98
N GLU A 309 -7.47 28.47 -17.72
CA GLU A 309 -8.80 28.06 -17.20
C GLU A 309 -8.68 26.71 -16.47
N ASP A 310 -7.94 25.77 -17.07
CA ASP A 310 -7.66 24.42 -16.50
C ASP A 310 -6.96 24.55 -15.15
N TYR A 311 -6.03 25.50 -15.01
CA TYR A 311 -5.24 25.75 -13.78
C TYR A 311 -6.09 26.48 -12.73
N LEU A 312 -6.81 27.52 -13.15
CA LEU A 312 -7.68 28.36 -12.27
C LEU A 312 -8.97 27.60 -11.87
N ARG A 313 -9.28 26.48 -12.55
CA ARG A 313 -10.40 25.57 -12.18
C ARG A 313 -10.22 25.10 -10.73
N HIS A 314 -9.02 24.61 -10.39
CA HIS A 314 -8.61 24.14 -9.03
C HIS A 314 -7.65 25.17 -8.42
N THR B 4 -46.40 -20.08 -32.68
CA THR B 4 -45.90 -18.66 -32.60
C THR B 4 -45.15 -18.30 -33.88
N ARG B 5 -44.20 -19.15 -34.30
CA ARG B 5 -43.34 -19.01 -35.51
C ARG B 5 -42.21 -18.02 -35.24
N GLU B 6 -40.98 -18.36 -35.66
CA GLU B 6 -39.74 -17.61 -35.34
C GLU B 6 -39.69 -16.29 -36.11
N ALA B 7 -40.03 -16.32 -37.40
CA ALA B 7 -39.98 -15.17 -38.35
C ALA B 7 -40.91 -14.04 -37.89
N ARG B 8 -42.11 -14.38 -37.40
CA ARG B 8 -43.15 -13.42 -36.94
C ARG B 8 -42.63 -12.65 -35.71
N ILE B 9 -42.08 -13.37 -34.71
CA ILE B 9 -41.51 -12.80 -33.45
C ILE B 9 -40.23 -12.03 -33.79
N SER B 10 -39.38 -12.59 -34.66
CA SER B 10 -38.14 -11.97 -35.20
C SER B 10 -38.48 -10.61 -35.84
N ARG B 11 -39.48 -10.58 -36.72
CA ARG B 11 -39.94 -9.36 -37.44
C ARG B 11 -40.68 -8.42 -36.47
N ALA B 12 -41.37 -8.98 -35.45
CA ALA B 12 -42.04 -8.21 -34.38
C ALA B 12 -41.00 -7.48 -33.53
N LYS B 13 -39.87 -8.13 -33.24
CA LYS B 13 -38.73 -7.53 -32.48
C LYS B 13 -38.00 -6.53 -33.39
N ARG B 14 -37.54 -6.99 -34.57
CA ARG B 14 -36.82 -6.15 -35.57
C ARG B 14 -37.85 -5.46 -36.47
N ALA B 15 -38.45 -4.38 -35.98
CA ALA B 15 -39.40 -3.50 -36.71
C ALA B 15 -38.87 -2.06 -36.65
N PHE B 16 -37.67 -1.84 -37.20
CA PHE B 16 -36.91 -0.57 -37.13
C PHE B 16 -37.52 0.46 -38.09
N VAL B 17 -37.85 1.65 -37.58
CA VAL B 17 -38.23 2.88 -38.35
C VAL B 17 -37.34 4.04 -37.88
N SER B 18 -37.01 4.95 -38.81
CA SER B 18 -36.03 6.05 -38.62
C SER B 18 -36.76 7.37 -38.34
N THR B 19 -36.55 7.93 -37.13
CA THR B 19 -36.99 9.29 -36.73
C THR B 19 -36.01 10.30 -37.34
N PRO B 20 -36.42 11.56 -37.64
CA PRO B 20 -35.51 12.56 -38.23
C PRO B 20 -34.16 12.74 -37.51
N SER B 21 -34.14 12.59 -36.18
CA SER B 21 -32.92 12.64 -35.33
C SER B 21 -31.92 11.57 -35.79
N VAL B 22 -32.39 10.32 -35.96
CA VAL B 22 -31.58 9.16 -36.44
C VAL B 22 -31.03 9.49 -37.84
N ARG B 23 -31.89 9.96 -38.74
CA ARG B 23 -31.53 10.35 -40.14
C ARG B 23 -30.46 11.45 -40.12
N LYS B 24 -30.58 12.42 -39.21
CA LYS B 24 -29.59 13.53 -39.02
C LYS B 24 -28.24 12.94 -38.58
N ILE B 25 -28.26 12.03 -37.60
CA ILE B 25 -27.04 11.34 -37.05
C ILE B 25 -26.38 10.52 -38.17
N LEU B 26 -27.18 9.76 -38.94
CA LEU B 26 -26.72 8.95 -40.11
C LEU B 26 -26.06 9.86 -41.15
N SER B 27 -26.69 11.00 -41.46
CA SER B 27 -26.19 12.02 -42.42
C SER B 27 -24.87 12.62 -41.90
N TYR B 28 -24.84 13.01 -40.62
CA TYR B 28 -23.65 13.60 -39.92
C TYR B 28 -22.50 12.59 -39.92
N MET B 29 -22.79 11.31 -39.63
CA MET B 29 -21.82 10.18 -39.67
C MET B 29 -21.23 10.07 -41.08
N ASP B 30 -22.09 9.98 -42.10
CA ASP B 30 -21.72 9.86 -43.54
C ASP B 30 -20.81 11.03 -43.93
N ARG B 31 -21.20 12.27 -43.57
CA ARG B 31 -20.40 13.49 -43.79
C ARG B 31 -19.04 13.34 -43.10
N CYS B 32 -19.05 13.16 -41.77
CA CYS B 32 -17.86 13.04 -40.88
C CYS B 32 -16.87 12.01 -41.43
N ARG B 33 -17.36 10.89 -41.98
CA ARG B 33 -16.55 9.86 -42.67
C ARG B 33 -16.01 10.43 -43.99
N ASP B 34 -16.88 11.03 -44.80
CA ASP B 34 -16.57 11.51 -46.18
C ASP B 34 -15.54 12.64 -46.17
N LEU B 35 -15.56 13.52 -45.17
CA LEU B 35 -14.70 14.75 -45.12
C LEU B 35 -13.23 14.37 -44.94
N SER B 36 -12.90 13.63 -43.87
CA SER B 36 -11.51 13.23 -43.51
C SER B 36 -10.97 12.23 -44.54
N ASP B 37 -9.72 12.44 -44.98
CA ASP B 37 -9.04 11.64 -46.05
C ASP B 37 -7.81 10.93 -45.47
N LEU B 38 -7.74 10.75 -44.15
CA LEU B 38 -6.67 10.01 -43.42
C LEU B 38 -5.30 10.63 -43.72
N GLU B 39 -5.21 11.97 -43.73
CA GLU B 39 -3.98 12.75 -44.06
C GLU B 39 -3.88 13.97 -43.13
N SER B 40 -4.85 14.88 -43.20
CA SER B 40 -4.96 16.11 -42.37
C SER B 40 -5.62 15.79 -41.04
N GLU B 41 -5.80 16.79 -40.17
CA GLU B 41 -6.54 16.69 -38.89
C GLU B 41 -7.99 16.30 -39.19
N PRO B 42 -8.53 15.22 -38.58
CA PRO B 42 -9.90 14.78 -38.88
C PRO B 42 -10.95 15.71 -38.24
N THR B 43 -12.13 15.79 -38.88
CA THR B 43 -13.27 16.65 -38.48
C THR B 43 -13.80 16.21 -37.11
N CYS B 44 -13.99 14.89 -36.93
CA CYS B 44 -14.45 14.23 -35.67
C CYS B 44 -15.91 14.61 -35.38
N MET B 45 -16.47 14.09 -34.28
CA MET B 45 -17.91 14.22 -33.92
C MET B 45 -18.12 13.82 -32.46
N MET B 46 -19.25 14.20 -31.86
CA MET B 46 -19.76 13.60 -30.59
C MET B 46 -21.29 13.49 -30.66
N VAL B 47 -21.84 12.38 -30.13
CA VAL B 47 -23.31 12.14 -29.96
C VAL B 47 -23.58 11.90 -28.48
N TYR B 48 -24.45 12.71 -27.86
CA TYR B 48 -24.81 12.65 -26.42
C TYR B 48 -26.01 11.71 -26.23
N GLY B 49 -27.22 12.16 -26.61
CA GLY B 49 -28.47 11.39 -26.48
C GLY B 49 -28.89 11.22 -25.02
N ALA B 50 -29.27 10.00 -24.63
CA ALA B 50 -29.69 9.63 -23.25
C ALA B 50 -29.70 8.10 -23.10
N SER B 51 -30.11 7.61 -21.92
CA SER B 51 -30.17 6.16 -21.56
C SER B 51 -31.34 5.49 -22.29
N GLY B 52 -31.04 4.58 -23.23
CA GLY B 52 -32.01 3.70 -23.91
C GLY B 52 -32.93 4.47 -24.85
N VAL B 53 -32.35 5.24 -25.78
CA VAL B 53 -33.09 6.02 -26.83
C VAL B 53 -32.93 5.29 -28.16
N GLY B 54 -31.68 5.09 -28.63
CA GLY B 54 -31.36 4.25 -29.80
C GLY B 54 -29.94 4.41 -30.33
N LYS B 55 -28.95 4.60 -29.45
CA LYS B 55 -27.53 4.85 -29.83
C LYS B 55 -26.95 3.61 -30.50
N THR B 56 -27.11 2.44 -29.87
CA THR B 56 -26.58 1.13 -30.33
C THR B 56 -27.22 0.75 -31.67
N THR B 57 -28.53 0.97 -31.85
CA THR B 57 -29.29 0.57 -33.06
C THR B 57 -28.94 1.50 -34.23
N VAL B 58 -28.67 2.78 -33.95
CA VAL B 58 -28.15 3.79 -34.94
C VAL B 58 -26.78 3.31 -35.44
N ILE B 59 -25.90 2.89 -34.51
CA ILE B 59 -24.55 2.34 -34.82
C ILE B 59 -24.70 1.03 -35.61
N LYS B 60 -25.65 0.18 -35.22
CA LYS B 60 -25.91 -1.16 -35.83
C LYS B 60 -26.43 -0.97 -37.26
N LYS B 61 -27.40 -0.06 -37.45
CA LYS B 61 -27.98 0.31 -38.77
C LYS B 61 -26.88 0.86 -39.68
N TYR B 62 -26.05 1.79 -39.16
CA TYR B 62 -24.88 2.40 -39.84
C TYR B 62 -23.90 1.29 -40.26
N LEU B 63 -23.53 0.41 -39.31
CA LEU B 63 -22.64 -0.76 -39.53
C LEU B 63 -23.24 -1.66 -40.63
N ASN B 64 -24.56 -1.90 -40.59
CA ASN B 64 -25.29 -2.80 -41.53
C ASN B 64 -25.20 -2.24 -42.95
N GLN B 65 -25.54 -0.96 -43.15
CA GLN B 65 -25.60 -0.30 -44.49
C GLN B 65 -24.18 -0.06 -45.03
N ASN B 66 -23.20 0.23 -44.15
CA ASN B 66 -21.82 0.62 -44.52
C ASN B 66 -20.92 -0.62 -44.67
N ARG B 67 -20.73 -1.38 -43.58
CA ARG B 67 -19.62 -2.34 -43.41
C ARG B 67 -19.88 -3.69 -44.11
N ARG B 68 -21.13 -3.99 -44.47
CA ARG B 68 -21.57 -5.30 -44.99
C ARG B 68 -20.77 -5.70 -46.24
N GLU B 69 -20.75 -4.84 -47.26
CA GLU B 69 -20.12 -5.07 -48.58
C GLU B 69 -18.60 -5.19 -48.43
N SER B 70 -17.98 -4.34 -47.61
CA SER B 70 -16.52 -4.29 -47.33
C SER B 70 -16.10 -5.55 -46.55
N GLU B 71 -16.87 -5.94 -45.53
CA GLU B 71 -16.64 -7.14 -44.68
C GLU B 71 -16.80 -8.42 -45.51
N ALA B 72 -17.77 -8.43 -46.45
CA ALA B 72 -18.05 -9.55 -47.38
C ALA B 72 -16.85 -9.78 -48.32
N GLY B 73 -16.17 -8.70 -48.73
CA GLY B 73 -14.99 -8.74 -49.63
C GLY B 73 -13.82 -9.47 -48.99
N GLY B 74 -13.41 -9.05 -47.79
CA GLY B 74 -12.30 -9.66 -47.03
C GLY B 74 -12.00 -8.92 -45.75
N ASP B 75 -10.76 -9.01 -45.25
CA ASP B 75 -10.30 -8.37 -43.99
C ASP B 75 -10.00 -6.89 -44.27
N ILE B 76 -11.03 -6.05 -44.20
CA ILE B 76 -10.95 -4.56 -44.40
C ILE B 76 -11.53 -3.88 -43.15
N ILE B 77 -12.79 -4.17 -42.81
CA ILE B 77 -13.59 -3.59 -41.68
C ILE B 77 -13.29 -2.09 -41.56
N PRO B 78 -13.82 -1.24 -42.47
CA PRO B 78 -13.54 0.19 -42.47
C PRO B 78 -14.04 0.97 -41.23
N VAL B 79 -15.08 0.46 -40.56
CA VAL B 79 -15.72 1.08 -39.35
C VAL B 79 -15.66 0.08 -38.19
N LEU B 80 -15.52 0.59 -36.96
CA LEU B 80 -15.33 -0.19 -35.71
C LEU B 80 -16.39 0.20 -34.68
N HIS B 81 -16.79 -0.75 -33.82
CA HIS B 81 -17.67 -0.55 -32.63
C HIS B 81 -16.87 -0.87 -31.37
N ILE B 82 -16.46 0.17 -30.62
CA ILE B 82 -15.64 0.07 -29.38
C ILE B 82 -16.53 0.33 -28.17
N GLU B 83 -16.39 -0.49 -27.12
CA GLU B 83 -17.07 -0.33 -25.80
C GLU B 83 -16.01 -0.31 -24.70
N LEU B 84 -15.83 0.83 -24.02
CA LEU B 84 -14.77 1.05 -23.00
C LEU B 84 -15.24 0.47 -21.67
N PRO B 85 -14.46 -0.41 -20.99
CA PRO B 85 -14.85 -0.96 -19.69
C PRO B 85 -14.88 0.06 -18.55
N ASP B 86 -15.41 -0.35 -17.39
CA ASP B 86 -15.67 0.53 -16.21
C ASP B 86 -14.33 1.03 -15.65
N ASN B 87 -14.17 2.36 -15.55
CA ASN B 87 -12.94 3.05 -15.12
C ASN B 87 -11.80 2.66 -16.08
N ALA B 88 -11.98 2.96 -17.37
CA ALA B 88 -11.09 2.55 -18.48
C ALA B 88 -9.71 3.20 -18.33
N LYS B 89 -8.65 2.42 -18.57
CA LYS B 89 -7.24 2.89 -18.68
C LYS B 89 -6.85 2.85 -20.16
N PRO B 90 -5.83 3.63 -20.60
CA PRO B 90 -5.41 3.62 -22.01
C PRO B 90 -5.03 2.23 -22.54
N VAL B 91 -4.41 1.40 -21.68
CA VAL B 91 -4.08 -0.04 -21.96
C VAL B 91 -5.39 -0.78 -22.31
N ASP B 92 -6.45 -0.60 -21.51
CA ASP B 92 -7.75 -1.32 -21.65
C ASP B 92 -8.47 -0.84 -22.91
N ALA B 93 -8.53 0.48 -23.11
CA ALA B 93 -9.14 1.14 -24.29
C ALA B 93 -8.45 0.66 -25.59
N ALA B 94 -7.12 0.58 -25.57
CA ALA B 94 -6.29 0.12 -26.71
C ALA B 94 -6.45 -1.39 -26.91
N ARG B 95 -6.49 -2.16 -25.82
CA ARG B 95 -6.77 -3.63 -25.84
C ARG B 95 -8.13 -3.88 -26.50
N GLU B 96 -9.15 -3.10 -26.11
CA GLU B 96 -10.52 -3.14 -26.70
C GLU B 96 -10.45 -2.81 -28.20
N LEU B 97 -9.70 -1.77 -28.57
CA LEU B 97 -9.45 -1.36 -29.98
C LEU B 97 -8.77 -2.49 -30.75
N LEU B 98 -7.85 -3.23 -30.10
CA LEU B 98 -7.08 -4.34 -30.72
C LEU B 98 -7.99 -5.57 -30.90
N VAL B 99 -8.63 -6.05 -29.83
CA VAL B 99 -9.48 -7.29 -29.84
C VAL B 99 -10.60 -7.13 -30.88
N GLU B 100 -11.16 -5.92 -31.03
CA GLU B 100 -12.15 -5.58 -32.09
C GLU B 100 -11.47 -5.65 -33.46
N MET B 101 -10.23 -5.15 -33.57
CA MET B 101 -9.45 -5.10 -34.84
C MET B 101 -8.78 -6.46 -35.09
N GLY B 102 -9.57 -7.45 -35.52
CA GLY B 102 -9.13 -8.75 -36.05
C GLY B 102 -8.15 -9.49 -35.15
N ASP B 103 -6.87 -9.06 -35.16
CA ASP B 103 -5.70 -9.72 -34.55
C ASP B 103 -6.01 -10.18 -33.12
N PRO B 104 -6.04 -11.50 -32.83
CA PRO B 104 -6.16 -12.00 -31.46
C PRO B 104 -5.00 -11.65 -30.50
N LEU B 105 -3.81 -11.35 -31.03
CA LEU B 105 -2.57 -11.07 -30.25
C LEU B 105 -2.61 -9.65 -29.68
N ALA B 106 -1.62 -9.29 -28.85
CA ALA B 106 -1.45 -8.01 -28.13
C ALA B 106 -2.37 -7.96 -26.90
N LEU B 107 -2.61 -9.12 -26.27
CA LEU B 107 -3.43 -9.29 -25.04
C LEU B 107 -2.58 -9.79 -23.87
N TYR B 108 -1.67 -10.74 -24.13
CA TYR B 108 -0.98 -11.59 -23.10
C TYR B 108 -0.09 -10.72 -22.21
N GLU B 109 0.89 -10.01 -22.80
CA GLU B 109 1.87 -9.16 -22.08
C GLU B 109 2.19 -7.92 -22.91
N THR B 110 1.38 -6.86 -22.75
CA THR B 110 1.55 -5.52 -23.38
C THR B 110 1.10 -4.44 -22.38
N ASP B 111 1.97 -3.47 -22.09
CA ASP B 111 1.77 -2.43 -21.04
C ASP B 111 2.11 -1.04 -21.60
N LEU B 112 1.24 -0.52 -22.48
CA LEU B 112 1.31 0.84 -23.09
C LEU B 112 2.71 1.09 -23.66
N ALA B 113 3.18 0.19 -24.53
CA ALA B 113 4.55 0.19 -25.10
C ALA B 113 4.49 0.00 -26.62
N ARG B 114 4.21 -1.23 -27.08
CA ARG B 114 4.28 -1.64 -28.52
C ARG B 114 2.88 -1.75 -29.13
N LEU B 115 1.84 -1.95 -28.30
CA LEU B 115 0.42 -2.02 -28.73
C LEU B 115 0.00 -0.72 -29.44
N THR B 116 0.46 0.43 -28.96
CA THR B 116 0.18 1.78 -29.54
C THR B 116 0.83 1.89 -30.92
N LYS B 117 2.12 1.53 -31.01
CA LYS B 117 2.94 1.58 -32.25
C LYS B 117 2.30 0.68 -33.33
N ARG B 118 2.00 -0.58 -32.99
CA ARG B 118 1.43 -1.58 -33.95
C ARG B 118 0.02 -1.14 -34.37
N LEU B 119 -0.80 -0.66 -33.43
CA LEU B 119 -2.16 -0.12 -33.71
C LEU B 119 -2.08 1.02 -34.74
N THR B 120 -1.20 1.99 -34.47
CA THR B 120 -1.00 3.21 -35.32
C THR B 120 -0.43 2.83 -36.69
N GLU B 121 0.33 1.74 -36.80
CA GLU B 121 1.00 1.31 -38.07
C GLU B 121 0.08 0.35 -38.86
N LEU B 122 -0.82 -0.41 -38.18
CA LEU B 122 -1.71 -1.40 -38.84
C LEU B 122 -3.06 -0.77 -39.23
N ILE B 123 -3.46 0.35 -38.60
CA ILE B 123 -4.74 1.07 -38.89
C ILE B 123 -4.75 1.54 -40.35
N PRO B 124 -3.66 2.16 -40.88
CA PRO B 124 -3.56 2.44 -42.32
C PRO B 124 -3.59 1.20 -43.22
N ALA B 125 -2.96 0.11 -42.78
CA ALA B 125 -2.81 -1.17 -43.53
C ALA B 125 -4.17 -1.86 -43.68
N VAL B 126 -4.89 -2.05 -42.56
CA VAL B 126 -6.25 -2.69 -42.54
C VAL B 126 -7.26 -1.78 -43.27
N GLY B 127 -7.09 -0.45 -43.16
CA GLY B 127 -7.88 0.56 -43.90
C GLY B 127 -9.12 0.99 -43.14
N VAL B 128 -8.94 1.69 -42.01
CA VAL B 128 -10.03 2.26 -41.16
C VAL B 128 -10.39 3.65 -41.69
N LYS B 129 -11.66 3.89 -41.99
CA LYS B 129 -12.18 5.20 -42.50
C LYS B 129 -12.91 5.97 -41.39
N LEU B 130 -13.26 5.31 -40.28
CA LEU B 130 -14.01 5.92 -39.14
C LEU B 130 -13.96 4.98 -37.92
N ILE B 131 -14.04 5.54 -36.71
CA ILE B 131 -14.09 4.78 -35.42
C ILE B 131 -15.34 5.23 -34.64
N ILE B 132 -15.99 4.31 -33.93
CA ILE B 132 -17.19 4.57 -33.07
C ILE B 132 -16.91 4.04 -31.66
N ILE B 133 -16.80 4.94 -30.67
CA ILE B 133 -16.69 4.63 -29.22
C ILE B 133 -18.09 4.79 -28.61
N ASP B 134 -18.57 3.76 -27.90
CA ASP B 134 -20.00 3.57 -27.55
C ASP B 134 -20.37 4.30 -26.25
N GLU B 135 -19.47 4.32 -25.26
CA GLU B 135 -19.74 4.87 -23.90
C GLU B 135 -18.50 5.59 -23.35
N PHE B 136 -18.68 6.79 -22.79
CA PHE B 136 -17.69 7.53 -21.97
C PHE B 136 -18.24 7.78 -20.55
N GLN B 137 -19.39 7.18 -20.21
CA GLN B 137 -19.96 7.18 -18.83
C GLN B 137 -18.98 6.49 -17.86
N HIS B 138 -18.22 5.51 -18.37
CA HIS B 138 -17.28 4.65 -17.60
C HIS B 138 -16.11 5.49 -17.03
N LEU B 139 -15.65 6.51 -17.77
CA LEU B 139 -14.48 7.36 -17.40
C LEU B 139 -14.77 8.12 -16.10
N VAL B 140 -16.00 8.63 -15.93
CA VAL B 140 -16.46 9.31 -14.68
C VAL B 140 -16.70 8.22 -13.62
N GLU B 141 -16.07 8.35 -12.45
CA GLU B 141 -16.19 7.39 -11.31
C GLU B 141 -17.60 7.49 -10.72
N GLU B 142 -18.05 6.42 -10.04
CA GLU B 142 -19.45 6.25 -9.56
C GLU B 142 -19.73 7.26 -8.44
N ARG B 143 -19.03 7.14 -7.29
CA ARG B 143 -19.22 8.02 -6.10
C ARG B 143 -18.61 9.40 -6.39
N SER B 144 -17.30 9.47 -6.59
CA SER B 144 -16.51 10.71 -6.76
C SER B 144 -16.86 11.39 -8.10
N ASN B 145 -16.95 12.71 -8.11
CA ASN B 145 -17.24 13.55 -9.31
C ASN B 145 -15.95 13.76 -10.13
N ARG B 146 -14.79 13.36 -9.60
CA ARG B 146 -13.48 13.35 -10.33
C ARG B 146 -13.61 12.49 -11.59
N VAL B 147 -12.99 12.93 -12.69
CA VAL B 147 -13.00 12.25 -14.02
C VAL B 147 -11.55 11.99 -14.43
N LEU B 148 -11.23 10.75 -14.82
CA LEU B 148 -9.89 10.35 -15.33
C LEU B 148 -9.74 10.86 -16.78
N THR B 149 -8.60 11.48 -17.09
CA THR B 149 -8.29 12.11 -18.41
C THR B 149 -7.30 11.25 -19.21
N GLN B 150 -6.86 10.10 -18.65
CA GLN B 150 -5.81 9.22 -19.22
C GLN B 150 -6.24 8.74 -20.61
N VAL B 151 -7.47 8.23 -20.72
CA VAL B 151 -8.07 7.69 -21.99
C VAL B 151 -8.29 8.86 -22.97
N GLY B 152 -8.79 10.00 -22.49
CA GLY B 152 -9.05 11.21 -23.28
C GLY B 152 -7.78 11.78 -23.90
N ASN B 153 -6.70 11.84 -23.11
CA ASN B 153 -5.36 12.32 -23.56
C ASN B 153 -4.75 11.30 -24.52
N TRP B 154 -4.87 10.00 -24.22
CA TRP B 154 -4.41 8.89 -25.09
C TRP B 154 -5.13 8.96 -26.45
N LEU B 155 -6.45 9.19 -26.44
CA LEU B 155 -7.29 9.43 -27.65
C LEU B 155 -6.75 10.65 -28.41
N LYS B 156 -6.45 11.75 -27.71
CA LYS B 156 -5.85 12.98 -28.28
C LYS B 156 -4.52 12.63 -28.95
N MET B 157 -3.67 11.83 -28.28
CA MET B 157 -2.31 11.46 -28.76
C MET B 157 -2.41 10.55 -29.99
N ILE B 158 -3.22 9.48 -29.93
CA ILE B 158 -3.42 8.54 -31.07
C ILE B 158 -4.11 9.26 -32.23
N LEU B 159 -5.02 10.20 -31.95
CA LEU B 159 -5.68 11.06 -32.98
C LEU B 159 -4.64 11.96 -33.65
N ASN B 160 -3.65 12.45 -32.89
CA ASN B 160 -2.51 13.26 -33.42
C ASN B 160 -1.58 12.36 -34.25
N LYS B 161 -1.26 11.16 -33.76
CA LYS B 161 -0.31 10.22 -34.41
C LYS B 161 -0.92 9.68 -35.71
N THR B 162 -2.10 9.03 -35.64
CA THR B 162 -2.84 8.48 -36.80
C THR B 162 -4.15 9.27 -36.98
N LYS B 163 -4.40 9.74 -38.20
CA LYS B 163 -5.57 10.61 -38.54
C LYS B 163 -6.75 9.73 -38.98
N CYS B 164 -7.87 9.81 -38.26
CA CYS B 164 -9.13 9.09 -38.54
C CYS B 164 -10.28 9.70 -37.73
N PRO B 165 -11.50 9.84 -38.30
CA PRO B 165 -12.66 10.29 -37.54
C PRO B 165 -13.03 9.36 -36.36
N ILE B 166 -13.42 9.96 -35.24
CA ILE B 166 -14.00 9.25 -34.04
C ILE B 166 -15.39 9.86 -33.79
N VAL B 167 -16.40 9.02 -33.57
CA VAL B 167 -17.84 9.43 -33.49
C VAL B 167 -18.20 9.78 -32.04
N ILE B 168 -17.78 8.97 -31.07
CA ILE B 168 -18.01 9.14 -29.59
C ILE B 168 -19.51 9.19 -29.28
N PHE B 169 -20.05 8.08 -28.75
CA PHE B 169 -21.37 8.00 -28.06
C PHE B 169 -21.14 7.95 -26.55
N GLY B 170 -22.12 8.39 -25.76
CA GLY B 170 -22.07 8.37 -24.29
C GLY B 170 -23.16 9.19 -23.64
N MET B 171 -23.63 8.76 -22.47
CA MET B 171 -24.72 9.39 -21.67
C MET B 171 -24.39 10.88 -21.45
N PRO B 172 -25.36 11.81 -21.60
CA PRO B 172 -25.05 13.25 -21.66
C PRO B 172 -24.40 13.92 -20.43
N TYR B 173 -24.20 13.19 -19.33
CA TYR B 173 -23.39 13.64 -18.16
C TYR B 173 -21.89 13.45 -18.46
N SER B 174 -21.54 12.78 -19.58
CA SER B 174 -20.15 12.55 -20.04
C SER B 174 -19.51 13.84 -20.57
N LYS B 175 -20.30 14.90 -20.84
CA LYS B 175 -19.81 16.23 -21.32
C LYS B 175 -18.62 16.69 -20.46
N VAL B 176 -18.70 16.49 -19.14
CA VAL B 176 -17.65 16.83 -18.13
C VAL B 176 -16.29 16.26 -18.58
N VAL B 177 -16.28 15.04 -19.15
CA VAL B 177 -15.04 14.34 -19.65
C VAL B 177 -14.30 15.28 -20.61
N LEU B 178 -15.01 15.97 -21.51
CA LEU B 178 -14.42 16.95 -22.46
C LEU B 178 -14.02 18.22 -21.70
N GLN B 179 -14.89 18.70 -20.79
CA GLN B 179 -14.71 19.98 -20.04
C GLN B 179 -13.44 19.95 -19.18
N ALA B 180 -13.03 18.76 -18.71
CA ALA B 180 -11.81 18.53 -17.88
C ALA B 180 -10.57 19.01 -18.64
N ASN B 181 -10.35 18.49 -19.86
CA ASN B 181 -9.21 18.85 -20.75
C ASN B 181 -9.60 20.09 -21.59
N SER B 182 -8.67 20.60 -22.40
CA SER B 182 -8.83 21.83 -23.22
C SER B 182 -9.14 21.45 -24.68
N GLN B 183 -8.17 20.87 -25.39
CA GLN B 183 -8.25 20.60 -26.85
C GLN B 183 -8.97 19.26 -27.12
N LEU B 184 -9.30 18.49 -26.07
CA LEU B 184 -10.24 17.33 -26.17
C LEU B 184 -11.64 17.90 -26.47
N HIS B 185 -12.03 18.95 -25.74
CA HIS B 185 -13.26 19.76 -25.99
C HIS B 185 -13.11 20.52 -27.31
N GLY B 186 -11.90 21.05 -27.59
CA GLY B 186 -11.55 21.79 -28.81
C GLY B 186 -11.71 20.97 -30.08
N ARG B 187 -11.20 19.73 -30.09
CA ARG B 187 -11.21 18.82 -31.27
C ARG B 187 -12.65 18.48 -31.66
N PHE B 188 -13.44 17.96 -30.71
CA PHE B 188 -14.84 17.48 -30.93
C PHE B 188 -15.78 18.68 -30.95
N SER B 189 -15.93 19.29 -32.13
CA SER B 189 -16.75 20.51 -32.40
C SER B 189 -18.17 20.14 -32.83
N ILE B 190 -18.30 19.13 -33.70
CA ILE B 190 -19.61 18.67 -34.27
C ILE B 190 -20.35 17.86 -33.19
N GLN B 191 -21.48 18.40 -32.69
CA GLN B 191 -22.21 17.86 -31.51
C GLN B 191 -23.73 17.95 -31.70
N VAL B 192 -24.41 16.94 -31.14
CA VAL B 192 -25.80 16.50 -31.51
C VAL B 192 -26.51 16.01 -30.23
N GLU B 193 -27.79 16.38 -30.06
CA GLU B 193 -28.69 15.63 -29.13
C GLU B 193 -29.52 14.60 -29.90
N LEU B 194 -29.40 13.32 -29.52
CA LEU B 194 -30.30 12.20 -29.91
C LEU B 194 -31.29 11.98 -28.77
N ARG B 195 -32.02 13.04 -28.40
CA ARG B 195 -32.94 13.07 -27.22
C ARG B 195 -34.26 12.40 -27.60
N PRO B 196 -35.05 11.91 -26.62
CA PRO B 196 -36.34 11.27 -26.91
C PRO B 196 -37.42 12.25 -27.38
N PHE B 197 -38.66 11.74 -27.57
CA PHE B 197 -39.82 12.49 -28.11
C PHE B 197 -40.33 13.48 -27.06
N SER B 198 -40.67 14.70 -27.49
CA SER B 198 -41.02 15.86 -26.63
C SER B 198 -42.54 15.97 -26.46
N TYR B 199 -43.28 16.06 -27.56
CA TYR B 199 -44.76 16.29 -27.59
C TYR B 199 -45.51 14.95 -27.55
N ASN B 200 -46.72 14.97 -26.98
CA ASN B 200 -47.57 13.78 -26.70
C ASN B 200 -48.87 13.83 -27.52
N GLY B 201 -49.51 15.00 -27.63
CA GLY B 201 -50.84 15.20 -28.21
C GLY B 201 -51.07 14.45 -29.52
N GLY B 202 -50.13 14.57 -30.45
CA GLY B 202 -50.17 13.91 -31.78
C GLY B 202 -49.95 14.92 -32.91
N ARG B 203 -50.15 14.47 -34.15
CA ARG B 203 -49.97 15.26 -35.41
C ARG B 203 -48.52 15.76 -35.49
N GLY B 204 -47.56 14.88 -35.18
CA GLY B 204 -46.11 15.20 -35.13
C GLY B 204 -45.25 13.97 -35.41
N VAL B 205 -44.05 13.94 -34.83
CA VAL B 205 -43.03 12.86 -35.03
C VAL B 205 -43.50 11.56 -34.34
N PHE B 206 -44.10 11.66 -33.15
CA PHE B 206 -44.52 10.52 -32.29
C PHE B 206 -45.66 9.75 -32.97
N LYS B 207 -46.69 10.47 -33.43
CA LYS B 207 -47.90 9.90 -34.10
C LYS B 207 -47.48 9.18 -35.38
N THR B 208 -46.70 9.84 -36.24
CA THR B 208 -46.22 9.30 -37.54
C THR B 208 -45.22 8.16 -37.29
N PHE B 209 -44.40 8.24 -36.23
CA PHE B 209 -43.50 7.14 -35.78
C PHE B 209 -44.34 5.88 -35.50
N LEU B 210 -45.36 6.02 -34.64
CA LEU B 210 -46.29 4.91 -34.26
C LEU B 210 -47.03 4.39 -35.49
N GLU B 211 -47.36 5.27 -36.44
CA GLU B 211 -48.03 4.90 -37.73
C GLU B 211 -47.10 3.99 -38.55
N TYR B 212 -45.82 4.37 -38.70
CA TYR B 212 -44.77 3.58 -39.40
C TYR B 212 -44.53 2.26 -38.65
N LEU B 213 -44.42 2.33 -37.32
CA LEU B 213 -44.23 1.15 -36.42
C LEU B 213 -45.41 0.18 -36.60
N ASP B 214 -46.65 0.69 -36.67
CA ASP B 214 -47.89 -0.11 -36.85
C ASP B 214 -47.91 -0.74 -38.26
N LYS B 215 -47.42 -0.03 -39.28
CA LYS B 215 -47.26 -0.55 -40.66
C LYS B 215 -46.18 -1.65 -40.68
N ALA B 216 -45.18 -1.58 -39.78
CA ALA B 216 -44.06 -2.53 -39.67
C ALA B 216 -44.45 -3.78 -38.84
N LEU B 217 -45.50 -3.70 -38.01
CA LEU B 217 -45.96 -4.83 -37.13
C LEU B 217 -46.46 -5.99 -37.99
N PRO B 218 -46.46 -7.23 -37.45
CA PRO B 218 -46.74 -8.43 -38.26
C PRO B 218 -48.22 -8.71 -38.57
N PHE B 219 -49.15 -8.02 -37.90
CA PHE B 219 -50.61 -8.24 -38.00
C PHE B 219 -51.15 -7.50 -39.24
N GLU B 220 -52.07 -8.14 -39.97
CA GLU B 220 -52.57 -7.70 -41.31
C GLU B 220 -53.91 -6.96 -41.18
N LYS B 221 -54.29 -6.53 -39.98
CA LYS B 221 -55.56 -5.79 -39.71
C LYS B 221 -55.25 -4.30 -39.43
N GLN B 222 -54.15 -3.79 -40.00
CA GLN B 222 -53.81 -2.33 -40.07
C GLN B 222 -53.51 -1.77 -38.67
N ALA B 223 -53.30 -0.45 -38.57
CA ALA B 223 -52.81 0.25 -37.36
C ALA B 223 -53.91 0.34 -36.30
N GLY B 224 -53.57 0.01 -35.04
CA GLY B 224 -54.38 0.25 -33.84
C GLY B 224 -53.97 1.52 -33.10
N LEU B 225 -52.68 1.87 -33.16
CA LEU B 225 -52.09 3.07 -32.49
C LEU B 225 -52.21 4.28 -33.43
N ALA B 226 -51.63 5.42 -33.03
CA ALA B 226 -51.68 6.72 -33.74
C ALA B 226 -53.09 7.32 -33.64
N ASN B 227 -53.80 7.01 -32.54
CA ASN B 227 -55.14 7.55 -32.19
C ASN B 227 -55.01 8.35 -30.88
N GLU B 228 -55.75 9.45 -30.77
CA GLU B 228 -55.69 10.42 -29.63
C GLU B 228 -55.96 9.70 -28.29
N SER B 229 -56.82 8.68 -28.28
CA SER B 229 -57.23 7.89 -27.08
C SER B 229 -56.04 7.12 -26.51
N LEU B 230 -55.29 6.39 -27.36
CA LEU B 230 -54.30 5.36 -26.95
C LEU B 230 -52.89 5.97 -26.82
N GLN B 231 -52.47 6.83 -27.75
CA GLN B 231 -51.07 7.34 -27.86
C GLN B 231 -50.73 8.20 -26.62
N LYS B 232 -51.71 8.94 -26.08
CA LYS B 232 -51.56 9.74 -24.84
C LYS B 232 -51.18 8.82 -23.67
N LYS B 233 -51.86 7.69 -23.52
CA LYS B 233 -51.59 6.65 -22.47
C LYS B 233 -50.24 6.00 -22.72
N LEU B 234 -49.90 5.73 -23.99
CA LEU B 234 -48.58 5.16 -24.40
C LEU B 234 -47.46 6.13 -24.05
N TYR B 235 -47.67 7.44 -24.24
CA TYR B 235 -46.73 8.51 -23.83
C TYR B 235 -46.71 8.63 -22.29
N ALA B 236 -47.87 8.47 -21.64
CA ALA B 236 -48.03 8.50 -20.17
C ALA B 236 -47.18 7.38 -19.54
N PHE B 237 -47.26 6.17 -20.10
CA PHE B 237 -46.48 4.97 -19.68
C PHE B 237 -44.98 5.26 -19.76
N SER B 238 -44.48 5.52 -20.98
CA SER B 238 -43.07 5.81 -21.30
C SER B 238 -42.92 7.27 -21.73
N GLN B 239 -42.41 8.14 -20.84
CA GLN B 239 -42.31 9.61 -21.05
C GLN B 239 -41.37 9.90 -22.23
N GLY B 240 -40.12 9.43 -22.13
CA GLY B 240 -39.09 9.57 -23.18
C GLY B 240 -38.55 8.22 -23.64
N ASN B 241 -38.02 7.44 -22.70
CA ASN B 241 -37.31 6.14 -22.92
C ASN B 241 -38.04 5.31 -23.99
N MET B 242 -37.47 5.25 -25.19
CA MET B 242 -38.00 4.53 -26.38
C MET B 242 -37.97 3.01 -26.14
N ARG B 243 -37.01 2.53 -25.33
CA ARG B 243 -36.88 1.11 -24.89
C ARG B 243 -38.21 0.66 -24.26
N SER B 244 -38.69 1.40 -23.27
CA SER B 244 -39.93 1.11 -22.49
C SER B 244 -41.14 0.98 -23.42
N LEU B 245 -41.28 1.91 -24.37
CA LEU B 245 -42.35 1.93 -25.40
C LEU B 245 -42.28 0.64 -26.23
N ARG B 246 -41.15 0.41 -26.89
CA ARG B 246 -40.91 -0.77 -27.78
C ARG B 246 -41.11 -2.08 -27.00
N ASN B 247 -40.70 -2.12 -25.72
CA ASN B 247 -40.91 -3.27 -24.81
C ASN B 247 -42.42 -3.51 -24.64
N LEU B 248 -43.19 -2.47 -24.30
CA LEU B 248 -44.67 -2.55 -24.14
C LEU B 248 -45.33 -2.98 -25.46
N ILE B 249 -44.84 -2.48 -26.60
CA ILE B 249 -45.32 -2.85 -27.97
C ILE B 249 -45.02 -4.33 -28.20
N TYR B 250 -43.80 -4.79 -27.89
CA TYR B 250 -43.34 -6.19 -28.04
C TYR B 250 -44.20 -7.11 -27.18
N GLN B 251 -44.39 -6.76 -25.90
CA GLN B 251 -45.22 -7.51 -24.90
C GLN B 251 -46.68 -7.58 -25.40
N ALA B 252 -47.23 -6.45 -25.84
CA ALA B 252 -48.59 -6.32 -26.43
C ALA B 252 -48.71 -7.21 -27.67
N SER B 253 -47.67 -7.23 -28.52
CA SER B 253 -47.60 -8.04 -29.77
C SER B 253 -47.58 -9.54 -29.44
N ILE B 254 -46.60 -9.98 -28.63
CA ILE B 254 -46.38 -11.42 -28.29
C ILE B 254 -47.63 -12.01 -27.62
N GLU B 255 -48.39 -11.21 -26.86
CA GLU B 255 -49.67 -11.65 -26.23
C GLU B 255 -50.78 -11.79 -27.28
N ALA B 256 -50.67 -11.10 -28.43
CA ALA B 256 -51.64 -11.18 -29.55
C ALA B 256 -51.31 -12.36 -30.47
N ILE B 257 -50.01 -12.73 -30.59
CA ILE B 257 -49.57 -13.98 -31.28
C ILE B 257 -50.12 -15.19 -30.50
N ASP B 258 -50.00 -15.16 -29.17
CA ASP B 258 -50.65 -16.15 -28.25
C ASP B 258 -52.15 -15.88 -28.21
N ASN B 259 -52.95 -16.87 -27.77
CA ASN B 259 -54.44 -16.88 -27.79
C ASN B 259 -54.93 -16.05 -28.99
N GLN B 260 -54.85 -16.65 -30.18
CA GLN B 260 -54.85 -15.98 -31.52
C GLN B 260 -55.87 -14.83 -31.56
N HIS B 261 -55.41 -13.62 -31.90
CA HIS B 261 -56.23 -12.39 -32.12
C HIS B 261 -55.96 -11.85 -33.54
N GLU B 262 -56.76 -10.85 -33.95
CA GLU B 262 -56.64 -10.16 -35.27
C GLU B 262 -55.76 -8.92 -35.11
N THR B 263 -56.07 -8.07 -34.11
CA THR B 263 -55.32 -6.84 -33.74
C THR B 263 -54.73 -7.00 -32.35
N ILE B 264 -53.84 -6.07 -31.95
CA ILE B 264 -53.33 -5.92 -30.56
C ILE B 264 -54.35 -5.09 -29.78
N THR B 265 -55.40 -5.75 -29.28
CA THR B 265 -56.59 -5.13 -28.63
C THR B 265 -56.20 -4.53 -27.27
N GLU B 266 -56.86 -3.44 -26.87
CA GLU B 266 -56.62 -2.72 -25.59
C GLU B 266 -57.20 -3.58 -24.45
N GLU B 267 -56.59 -4.75 -24.24
CA GLU B 267 -56.98 -5.80 -23.25
C GLU B 267 -55.72 -6.55 -22.79
N ASP B 268 -54.86 -6.94 -23.74
CA ASP B 268 -53.51 -7.52 -23.48
C ASP B 268 -52.53 -6.41 -23.05
N PHE B 269 -52.83 -5.14 -23.36
CA PHE B 269 -51.99 -3.95 -23.04
C PHE B 269 -51.87 -3.77 -21.52
N VAL B 270 -52.91 -4.10 -20.75
CA VAL B 270 -52.95 -3.91 -19.26
C VAL B 270 -51.95 -4.89 -18.61
N PHE B 271 -51.86 -6.13 -19.10
CA PHE B 271 -50.91 -7.16 -18.62
C PHE B 271 -49.49 -6.80 -19.10
N ALA B 272 -49.36 -6.37 -20.36
CA ALA B 272 -48.10 -5.91 -20.99
C ALA B 272 -47.51 -4.75 -20.17
N SER B 273 -48.36 -3.78 -19.78
CA SER B 273 -48.01 -2.60 -18.95
C SER B 273 -47.62 -3.07 -17.54
N LYS B 274 -48.46 -3.88 -16.90
CA LYS B 274 -48.24 -4.48 -15.55
C LYS B 274 -46.88 -5.20 -15.51
N LEU B 275 -46.58 -6.01 -16.53
CA LEU B 275 -45.40 -6.90 -16.62
C LEU B 275 -44.11 -6.06 -16.72
N THR B 276 -44.12 -4.99 -17.53
CA THR B 276 -42.97 -4.06 -17.74
C THR B 276 -43.16 -2.79 -16.91
N SER B 277 -43.35 -2.94 -15.59
CA SER B 277 -43.45 -1.84 -14.58
C SER B 277 -42.47 -2.11 -13.44
N GLY B 278 -41.21 -2.40 -13.78
CA GLY B 278 -40.11 -2.69 -12.84
C GLY B 278 -39.12 -1.54 -12.76
N ASP B 279 -38.69 -1.01 -13.91
CA ASP B 279 -37.66 0.05 -14.03
C ASP B 279 -38.25 1.43 -13.70
N LYS B 280 -39.57 1.57 -13.67
CA LYS B 280 -40.26 2.87 -13.40
C LYS B 280 -40.17 3.20 -11.90
N PRO B 281 -40.01 4.49 -11.50
CA PRO B 281 -40.02 4.87 -10.09
C PRO B 281 -41.38 4.67 -9.39
N ASN B 282 -41.41 4.96 -8.08
CA ASN B 282 -42.62 4.86 -7.21
C ASN B 282 -43.58 6.01 -7.53
N SER B 283 -43.05 7.20 -7.86
CA SER B 283 -43.81 8.43 -8.20
C SER B 283 -44.69 8.22 -9.43
N TRP B 284 -44.24 7.41 -10.39
CA TRP B 284 -44.98 7.07 -11.65
C TRP B 284 -46.27 6.31 -11.32
N LYS B 285 -47.32 6.55 -12.11
CA LYS B 285 -48.65 5.87 -12.02
C LYS B 285 -48.96 5.21 -13.37
N ASN B 286 -49.43 3.95 -13.34
CA ASN B 286 -49.77 3.14 -14.53
C ASN B 286 -51.15 3.56 -15.03
N PRO B 287 -51.28 4.07 -16.28
CA PRO B 287 -52.60 4.45 -16.82
C PRO B 287 -53.49 3.25 -17.18
N PHE B 288 -52.91 2.09 -17.48
CA PHE B 288 -53.60 0.86 -17.97
C PHE B 288 -54.13 0.01 -16.81
N GLU B 289 -53.64 0.22 -15.58
CA GLU B 289 -53.86 -0.69 -14.41
C GLU B 289 -55.36 -0.86 -14.13
N GLU B 290 -56.13 0.23 -14.14
CA GLU B 290 -57.59 0.26 -13.84
C GLU B 290 -58.25 1.34 -14.72
N GLY B 291 -59.54 1.63 -14.48
CA GLY B 291 -60.26 2.77 -15.09
C GLY B 291 -59.76 4.10 -14.53
N VAL B 292 -58.53 4.48 -14.88
CA VAL B 292 -57.84 5.72 -14.43
C VAL B 292 -57.63 6.62 -15.66
N GLU B 293 -58.34 7.75 -15.73
CA GLU B 293 -58.29 8.71 -16.86
C GLU B 293 -56.90 9.37 -16.88
N VAL B 294 -56.20 9.28 -18.01
CA VAL B 294 -54.82 9.83 -18.22
C VAL B 294 -54.88 11.36 -18.05
N THR B 295 -54.03 11.89 -17.16
CA THR B 295 -53.97 13.34 -16.77
C THR B 295 -52.81 14.01 -17.51
N GLU B 296 -53.03 15.22 -18.02
CA GLU B 296 -52.08 15.98 -18.89
C GLU B 296 -50.89 16.51 -18.06
N ASP B 297 -50.99 16.49 -16.72
CA ASP B 297 -49.90 16.88 -15.78
C ASP B 297 -48.66 16.00 -16.00
N MET B 298 -48.84 14.68 -16.01
CA MET B 298 -47.75 13.67 -16.17
C MET B 298 -47.23 13.66 -17.61
N LEU B 299 -48.04 14.10 -18.59
CA LEU B 299 -47.67 14.17 -20.03
C LEU B 299 -46.98 15.51 -20.36
N ARG B 300 -46.12 16.00 -19.45
CA ARG B 300 -45.18 17.13 -19.71
C ARG B 300 -43.99 16.58 -20.48
N PRO B 301 -43.25 17.42 -21.25
CA PRO B 301 -42.07 16.94 -21.98
C PRO B 301 -40.93 16.60 -21.01
N PRO B 302 -40.00 15.69 -21.38
CA PRO B 302 -38.94 15.26 -20.47
C PRO B 302 -37.95 16.37 -20.17
N PRO B 303 -37.30 16.39 -18.97
CA PRO B 303 -36.41 17.49 -18.59
C PRO B 303 -35.10 17.49 -19.38
N LYS B 304 -34.40 18.63 -19.36
CA LYS B 304 -33.09 18.84 -20.06
C LYS B 304 -32.01 17.97 -19.39
N ASP B 305 -32.11 17.78 -18.07
CA ASP B 305 -31.25 16.87 -17.26
C ASP B 305 -31.90 15.47 -17.25
N ILE B 306 -31.96 14.81 -18.42
CA ILE B 306 -32.62 13.49 -18.63
C ILE B 306 -31.63 12.37 -18.28
N GLY B 307 -30.36 12.50 -18.67
CA GLY B 307 -29.29 11.52 -18.43
C GLY B 307 -28.23 12.04 -17.48
N TRP B 308 -28.59 12.96 -16.58
CA TRP B 308 -27.70 13.59 -15.57
C TRP B 308 -28.02 13.08 -14.15
N GLU B 309 -29.03 12.22 -14.00
CA GLU B 309 -29.52 11.70 -12.69
C GLU B 309 -28.40 10.90 -11.98
N ASP B 310 -27.57 10.19 -12.75
CA ASP B 310 -26.40 9.41 -12.24
C ASP B 310 -25.35 10.36 -11.64
N TYR B 311 -25.16 11.54 -12.26
CA TYR B 311 -24.13 12.55 -11.88
C TYR B 311 -24.65 13.42 -10.73
N LEU B 312 -25.89 13.91 -10.84
CA LEU B 312 -26.53 14.83 -9.85
C LEU B 312 -26.87 14.10 -8.54
N ARG B 313 -26.87 12.76 -8.55
CA ARG B 313 -26.98 11.89 -7.33
C ARG B 313 -26.00 12.39 -6.25
N HIS B 314 -24.72 12.49 -6.59
CA HIS B 314 -23.62 12.99 -5.71
C HIS B 314 -23.28 14.43 -6.11
N THR C 4 -36.97 -46.67 10.27
CA THR C 4 -37.29 -45.31 9.73
C THR C 4 -37.52 -45.38 8.22
N ARG C 5 -36.57 -45.98 7.49
CA ARG C 5 -36.58 -46.17 6.00
C ARG C 5 -36.19 -44.84 5.32
N GLU C 6 -35.29 -44.92 4.33
CA GLU C 6 -34.68 -43.73 3.66
C GLU C 6 -35.71 -43.05 2.74
N ALA C 7 -36.57 -43.83 2.07
CA ALA C 7 -37.54 -43.35 1.05
C ALA C 7 -38.62 -42.48 1.71
N ARG C 8 -39.13 -42.91 2.87
CA ARG C 8 -40.17 -42.19 3.66
C ARG C 8 -39.65 -40.81 4.08
N ILE C 9 -38.44 -40.75 4.63
CA ILE C 9 -37.78 -39.50 5.13
C ILE C 9 -37.39 -38.64 3.92
N SER C 10 -36.85 -39.25 2.86
CA SER C 10 -36.50 -38.60 1.57
C SER C 10 -37.74 -37.91 0.98
N ARG C 11 -38.87 -38.63 0.92
CA ARG C 11 -40.16 -38.13 0.38
C ARG C 11 -40.78 -37.12 1.36
N ALA C 12 -40.55 -37.28 2.68
CA ALA C 12 -40.98 -36.34 3.73
C ALA C 12 -40.24 -35.01 3.58
N LYS C 13 -38.93 -35.05 3.25
CA LYS C 13 -38.10 -33.84 3.00
C LYS C 13 -38.49 -33.24 1.63
N ARG C 14 -38.38 -34.03 0.55
CA ARG C 14 -38.75 -33.61 -0.83
C ARG C 14 -40.26 -33.81 -1.02
N ALA C 15 -41.05 -32.85 -0.52
CA ALA C 15 -42.53 -32.78 -0.66
C ALA C 15 -42.91 -31.41 -1.23
N PHE C 16 -42.58 -31.18 -2.51
CA PHE C 16 -42.76 -29.89 -3.22
C PHE C 16 -44.19 -29.77 -3.73
N VAL C 17 -44.87 -28.68 -3.37
CA VAL C 17 -46.17 -28.22 -3.94
C VAL C 17 -46.00 -26.76 -4.41
N SER C 18 -46.72 -26.37 -5.47
CA SER C 18 -46.57 -25.09 -6.20
C SER C 18 -47.64 -24.08 -5.76
N THR C 19 -47.19 -22.95 -5.19
CA THR C 19 -48.02 -21.75 -4.90
C THR C 19 -48.16 -20.94 -6.19
N PRO C 20 -49.28 -20.20 -6.42
CA PRO C 20 -49.47 -19.44 -7.66
C PRO C 20 -48.32 -18.50 -8.05
N SER C 21 -47.61 -17.94 -7.07
CA SER C 21 -46.39 -17.10 -7.26
C SER C 21 -45.31 -17.89 -8.02
N VAL C 22 -45.05 -19.14 -7.60
CA VAL C 22 -44.05 -20.06 -8.21
C VAL C 22 -44.49 -20.37 -9.65
N ARG C 23 -45.78 -20.67 -9.84
CA ARG C 23 -46.39 -20.97 -11.17
C ARG C 23 -46.22 -19.76 -12.11
N LYS C 24 -46.42 -18.54 -11.59
CA LYS C 24 -46.23 -17.27 -12.34
C LYS C 24 -44.75 -17.13 -12.74
N ILE C 25 -43.81 -17.38 -11.82
CA ILE C 25 -42.35 -17.30 -12.05
C ILE C 25 -41.96 -18.33 -13.13
N LEU C 26 -42.44 -19.57 -13.00
CA LEU C 26 -42.20 -20.67 -13.98
C LEU C 26 -42.73 -20.27 -15.37
N SER C 27 -43.94 -19.68 -15.42
CA SER C 27 -44.57 -19.17 -16.67
C SER C 27 -43.73 -18.04 -17.27
N TYR C 28 -43.29 -17.09 -16.44
CA TYR C 28 -42.43 -15.93 -16.83
C TYR C 28 -41.07 -16.43 -17.34
N MET C 29 -40.51 -17.47 -16.72
CA MET C 29 -39.24 -18.11 -17.15
C MET C 29 -39.41 -18.76 -18.53
N ASP C 30 -40.45 -19.58 -18.70
CA ASP C 30 -40.83 -20.24 -19.98
C ASP C 30 -41.02 -19.15 -21.06
N ARG C 31 -41.78 -18.10 -20.73
CA ARG C 31 -42.02 -16.90 -21.60
C ARG C 31 -40.67 -16.29 -22.00
N CYS C 32 -39.87 -15.86 -21.02
CA CYS C 32 -38.59 -15.13 -21.20
C CYS C 32 -37.61 -15.95 -22.05
N ARG C 33 -37.61 -17.28 -21.92
CA ARG C 33 -36.76 -18.20 -22.72
C ARG C 33 -37.31 -18.29 -24.15
N ASP C 34 -38.60 -18.57 -24.30
CA ASP C 34 -39.27 -18.84 -25.61
C ASP C 34 -39.22 -17.60 -26.51
N LEU C 35 -39.28 -16.39 -25.95
CA LEU C 35 -39.35 -15.12 -26.72
C LEU C 35 -38.02 -14.85 -27.43
N SER C 36 -36.91 -14.83 -26.69
CA SER C 36 -35.54 -14.52 -27.20
C SER C 36 -35.12 -15.59 -28.21
N ASP C 37 -34.72 -15.17 -29.42
CA ASP C 37 -34.39 -16.05 -30.58
C ASP C 37 -32.86 -16.05 -30.83
N LEU C 38 -32.07 -15.52 -29.89
CA LEU C 38 -30.58 -15.49 -29.92
C LEU C 38 -30.10 -14.76 -31.19
N GLU C 39 -30.66 -13.57 -31.45
CA GLU C 39 -30.33 -12.72 -32.63
C GLU C 39 -30.38 -11.24 -32.21
N SER C 40 -31.54 -10.75 -31.78
CA SER C 40 -31.77 -9.37 -31.26
C SER C 40 -31.59 -9.34 -29.74
N GLU C 41 -31.66 -8.14 -29.14
CA GLU C 41 -31.59 -7.90 -27.68
C GLU C 41 -32.61 -8.80 -26.97
N PRO C 42 -32.23 -9.55 -25.92
CA PRO C 42 -33.16 -10.42 -25.20
C PRO C 42 -34.12 -9.63 -24.28
N THR C 43 -35.22 -10.27 -23.86
CA THR C 43 -36.29 -9.67 -23.02
C THR C 43 -35.73 -9.33 -21.63
N CYS C 44 -35.08 -10.31 -20.99
CA CYS C 44 -34.46 -10.21 -19.63
C CYS C 44 -35.55 -10.13 -18.55
N MET C 45 -35.20 -10.48 -17.30
CA MET C 45 -36.14 -10.53 -16.15
C MET C 45 -35.36 -10.55 -14.83
N MET C 46 -35.97 -10.09 -13.73
CA MET C 46 -35.37 -10.14 -12.37
C MET C 46 -36.42 -10.55 -11.32
N VAL C 47 -36.16 -11.65 -10.59
CA VAL C 47 -36.95 -12.12 -9.41
C VAL C 47 -36.34 -11.53 -8.14
N TYR C 48 -37.19 -11.03 -7.23
CA TYR C 48 -36.80 -10.37 -5.97
C TYR C 48 -36.91 -11.39 -4.81
N GLY C 49 -38.12 -11.63 -4.32
CA GLY C 49 -38.41 -12.58 -3.22
C GLY C 49 -37.95 -12.04 -1.87
N ALA C 50 -37.34 -12.90 -1.05
CA ALA C 50 -36.80 -12.56 0.29
C ALA C 50 -35.83 -13.67 0.76
N SER C 51 -35.25 -13.51 1.95
CA SER C 51 -34.28 -14.45 2.57
C SER C 51 -35.00 -15.73 3.00
N GLY C 52 -34.85 -16.82 2.23
CA GLY C 52 -35.40 -18.14 2.52
C GLY C 52 -36.90 -18.20 2.30
N VAL C 53 -37.33 -18.25 1.03
CA VAL C 53 -38.75 -18.40 0.60
C VAL C 53 -38.87 -19.64 -0.29
N GLY C 54 -38.15 -19.66 -1.43
CA GLY C 54 -38.00 -20.85 -2.29
C GLY C 54 -37.40 -20.56 -3.66
N LYS C 55 -36.45 -19.60 -3.74
CA LYS C 55 -35.84 -19.12 -5.00
C LYS C 55 -35.04 -20.27 -5.64
N THR C 56 -34.12 -20.86 -4.88
CA THR C 56 -33.29 -22.04 -5.27
C THR C 56 -34.20 -23.20 -5.68
N THR C 57 -35.28 -23.45 -4.90
CA THR C 57 -36.25 -24.56 -5.12
C THR C 57 -36.99 -24.34 -6.44
N VAL C 58 -37.45 -23.12 -6.72
CA VAL C 58 -38.08 -22.72 -8.01
C VAL C 58 -37.10 -23.00 -9.16
N ILE C 59 -35.83 -22.61 -8.98
CA ILE C 59 -34.75 -22.78 -10.01
C ILE C 59 -34.49 -24.28 -10.23
N LYS C 60 -34.41 -25.07 -9.16
CA LYS C 60 -34.20 -26.55 -9.22
C LYS C 60 -35.40 -27.22 -9.90
N LYS C 61 -36.63 -26.83 -9.52
CA LYS C 61 -37.90 -27.33 -10.13
C LYS C 61 -37.90 -27.03 -11.63
N TYR C 62 -37.48 -25.82 -12.02
CA TYR C 62 -37.37 -25.36 -13.43
C TYR C 62 -36.29 -26.17 -14.15
N LEU C 63 -35.12 -26.35 -13.52
CA LEU C 63 -33.97 -27.13 -14.07
C LEU C 63 -34.38 -28.59 -14.32
N ASN C 64 -35.14 -29.20 -13.41
CA ASN C 64 -35.59 -30.62 -13.48
C ASN C 64 -36.48 -30.82 -14.71
N GLN C 65 -37.46 -29.95 -14.94
CA GLN C 65 -38.44 -30.06 -16.06
C GLN C 65 -37.78 -29.65 -17.39
N ASN C 66 -36.84 -28.70 -17.37
CA ASN C 66 -36.22 -28.09 -18.58
C ASN C 66 -34.99 -28.91 -19.02
N ARG C 67 -33.96 -28.97 -18.18
CA ARG C 67 -32.57 -29.36 -18.55
C ARG C 67 -32.40 -30.88 -18.67
N ARG C 68 -33.27 -31.68 -18.05
CA ARG C 68 -33.14 -33.15 -17.89
C ARG C 68 -32.93 -33.84 -19.24
N GLU C 69 -33.91 -33.76 -20.13
CA GLU C 69 -33.96 -34.45 -21.44
C GLU C 69 -32.83 -33.96 -22.36
N SER C 70 -32.55 -32.66 -22.34
CA SER C 70 -31.48 -32.00 -23.15
C SER C 70 -30.09 -32.45 -22.68
N GLU C 71 -29.87 -32.46 -21.36
CA GLU C 71 -28.61 -32.92 -20.71
C GLU C 71 -28.40 -34.41 -20.94
N ALA C 72 -29.48 -35.21 -20.89
CA ALA C 72 -29.49 -36.67 -21.12
C ALA C 72 -29.02 -37.00 -22.54
N GLY C 73 -29.37 -36.15 -23.52
CA GLY C 73 -28.97 -36.31 -24.94
C GLY C 73 -27.48 -36.25 -25.14
N GLY C 74 -26.82 -35.23 -24.57
CA GLY C 74 -25.35 -35.04 -24.64
C GLY C 74 -24.92 -33.69 -24.08
N ASP C 75 -23.80 -33.16 -24.57
CA ASP C 75 -23.21 -31.86 -24.15
C ASP C 75 -23.99 -30.73 -24.82
N ILE C 76 -25.15 -30.37 -24.26
CA ILE C 76 -26.05 -29.27 -24.74
C ILE C 76 -26.19 -28.24 -23.60
N ILE C 77 -26.68 -28.69 -22.44
CA ILE C 77 -26.93 -27.88 -21.19
C ILE C 77 -27.51 -26.51 -21.58
N PRO C 78 -28.82 -26.44 -21.93
CA PRO C 78 -29.44 -25.19 -22.38
C PRO C 78 -29.50 -24.08 -21.33
N VAL C 79 -29.66 -24.43 -20.05
CA VAL C 79 -29.86 -23.48 -18.91
C VAL C 79 -28.73 -23.68 -17.88
N LEU C 80 -28.29 -22.58 -17.25
CA LEU C 80 -27.17 -22.55 -16.27
C LEU C 80 -27.70 -22.30 -14.86
N HIS C 81 -26.84 -22.42 -13.85
CA HIS C 81 -27.08 -22.06 -12.43
C HIS C 81 -25.81 -21.40 -11.86
N ILE C 82 -25.80 -20.06 -11.82
CA ILE C 82 -24.65 -19.23 -11.34
C ILE C 82 -24.97 -18.74 -9.92
N GLU C 83 -23.94 -18.53 -9.09
CA GLU C 83 -24.05 -18.04 -7.70
C GLU C 83 -22.76 -17.29 -7.33
N LEU C 84 -22.78 -15.94 -7.45
CA LEU C 84 -21.59 -15.04 -7.34
C LEU C 84 -20.97 -15.18 -5.94
N PRO C 85 -19.62 -15.05 -5.78
CA PRO C 85 -18.99 -15.04 -4.46
C PRO C 85 -19.19 -13.73 -3.69
N ASP C 86 -18.59 -13.63 -2.50
CA ASP C 86 -18.62 -12.43 -1.61
C ASP C 86 -17.71 -11.35 -2.22
N ASN C 87 -18.22 -10.11 -2.33
CA ASN C 87 -17.56 -8.96 -3.00
C ASN C 87 -17.13 -9.39 -4.41
N ALA C 88 -18.10 -9.75 -5.25
CA ALA C 88 -17.90 -10.36 -6.60
C ALA C 88 -17.24 -9.34 -7.54
N LYS C 89 -16.31 -9.82 -8.37
CA LYS C 89 -15.62 -9.05 -9.43
C LYS C 89 -15.85 -9.75 -10.77
N PRO C 90 -15.75 -9.04 -11.92
CA PRO C 90 -16.06 -9.62 -13.23
C PRO C 90 -15.22 -10.86 -13.58
N VAL C 91 -13.97 -10.91 -13.10
CA VAL C 91 -13.07 -12.11 -13.18
C VAL C 91 -13.80 -13.31 -12.56
N ASP C 92 -14.33 -13.16 -11.34
CA ASP C 92 -14.94 -14.24 -10.52
C ASP C 92 -16.25 -14.71 -11.19
N ALA C 93 -17.09 -13.76 -11.58
CA ALA C 93 -18.37 -13.99 -12.30
C ALA C 93 -18.12 -14.78 -13.59
N ALA C 94 -17.13 -14.36 -14.37
CA ALA C 94 -16.74 -14.98 -15.67
C ALA C 94 -16.13 -16.37 -15.44
N ARG C 95 -15.25 -16.50 -14.43
CA ARG C 95 -14.66 -17.81 -14.00
C ARG C 95 -15.79 -18.80 -13.69
N GLU C 96 -16.77 -18.37 -12.87
CA GLU C 96 -17.96 -19.19 -12.49
C GLU C 96 -18.76 -19.55 -13.73
N LEU C 97 -19.05 -18.57 -14.60
CA LEU C 97 -19.79 -18.76 -15.89
C LEU C 97 -19.08 -19.83 -16.74
N LEU C 98 -17.75 -19.86 -16.74
CA LEU C 98 -16.93 -20.82 -17.53
C LEU C 98 -16.93 -22.20 -16.85
N VAL C 99 -16.53 -22.28 -15.57
CA VAL C 99 -16.37 -23.58 -14.84
C VAL C 99 -17.73 -24.30 -14.72
N GLU C 100 -18.83 -23.55 -14.60
CA GLU C 100 -20.22 -24.12 -14.58
C GLU C 100 -20.56 -24.69 -15.96
N MET C 101 -20.31 -23.93 -17.03
CA MET C 101 -20.66 -24.30 -18.43
C MET C 101 -19.62 -25.28 -18.98
N GLY C 102 -19.83 -26.58 -18.75
CA GLY C 102 -19.09 -27.70 -19.39
C GLY C 102 -17.60 -27.68 -19.11
N ASP C 103 -16.87 -26.80 -19.81
CA ASP C 103 -15.39 -26.71 -19.82
C ASP C 103 -14.88 -26.42 -18.41
N PRO C 104 -14.06 -27.31 -17.79
CA PRO C 104 -13.45 -27.04 -16.49
C PRO C 104 -12.17 -26.17 -16.55
N LEU C 105 -11.63 -25.94 -17.74
CA LEU C 105 -10.40 -25.13 -17.99
C LEU C 105 -10.72 -23.63 -17.86
N ALA C 106 -9.69 -22.78 -18.00
CA ALA C 106 -9.77 -21.30 -17.94
C ALA C 106 -10.01 -20.83 -16.50
N LEU C 107 -9.38 -21.50 -15.52
CA LEU C 107 -9.44 -21.14 -14.08
C LEU C 107 -8.03 -21.01 -13.48
N TYR C 108 -6.97 -21.18 -14.28
CA TYR C 108 -5.55 -21.19 -13.82
C TYR C 108 -4.98 -19.77 -13.84
N GLU C 109 -4.96 -19.14 -15.03
CA GLU C 109 -4.38 -17.79 -15.26
C GLU C 109 -5.16 -17.08 -16.38
N THR C 110 -6.21 -16.32 -16.00
CA THR C 110 -7.03 -15.48 -16.91
C THR C 110 -7.45 -14.21 -16.16
N ASP C 111 -7.19 -13.03 -16.74
CA ASP C 111 -7.43 -11.69 -16.11
C ASP C 111 -8.09 -10.76 -17.15
N LEU C 112 -9.37 -11.03 -17.47
CA LEU C 112 -10.23 -10.25 -18.41
C LEU C 112 -9.48 -10.02 -19.74
N ALA C 113 -8.89 -11.08 -20.30
CA ALA C 113 -8.04 -11.04 -21.52
C ALA C 113 -8.70 -11.85 -22.65
N ARG C 114 -8.73 -13.19 -22.53
CA ARG C 114 -9.21 -14.13 -23.58
C ARG C 114 -10.43 -14.93 -23.09
N LEU C 115 -10.82 -14.81 -21.82
CA LEU C 115 -11.98 -15.52 -21.21
C LEU C 115 -13.30 -15.00 -21.81
N THR C 116 -13.39 -13.68 -22.03
CA THR C 116 -14.61 -12.98 -22.57
C THR C 116 -14.92 -13.51 -23.97
N LYS C 117 -13.93 -13.46 -24.87
CA LYS C 117 -14.06 -13.85 -26.30
C LYS C 117 -14.42 -15.35 -26.41
N ARG C 118 -13.75 -16.21 -25.62
CA ARG C 118 -13.96 -17.69 -25.66
C ARG C 118 -15.34 -18.01 -25.09
N LEU C 119 -15.76 -17.31 -24.02
CA LEU C 119 -17.13 -17.43 -23.43
C LEU C 119 -18.17 -16.99 -24.47
N THR C 120 -17.94 -15.84 -25.12
CA THR C 120 -18.81 -15.27 -26.19
C THR C 120 -18.86 -16.23 -27.39
N GLU C 121 -17.76 -16.94 -27.68
CA GLU C 121 -17.64 -17.89 -28.83
C GLU C 121 -18.30 -19.23 -28.51
N LEU C 122 -18.14 -19.74 -27.28
CA LEU C 122 -18.60 -21.11 -26.88
C LEU C 122 -20.09 -21.11 -26.49
N ILE C 123 -20.64 -19.98 -26.01
CA ILE C 123 -22.06 -19.87 -25.54
C ILE C 123 -23.01 -20.28 -26.67
N PRO C 124 -22.90 -19.70 -27.90
CA PRO C 124 -23.69 -20.18 -29.04
C PRO C 124 -23.39 -21.63 -29.46
N ALA C 125 -22.12 -22.05 -29.38
CA ALA C 125 -21.62 -23.37 -29.84
C ALA C 125 -22.22 -24.50 -29.00
N VAL C 126 -22.11 -24.39 -27.66
CA VAL C 126 -22.68 -25.39 -26.69
C VAL C 126 -24.21 -25.32 -26.73
N GLY C 127 -24.78 -24.12 -26.93
CA GLY C 127 -26.22 -23.89 -27.13
C GLY C 127 -26.93 -23.48 -25.86
N VAL C 128 -26.50 -22.38 -25.24
CA VAL C 128 -27.13 -21.77 -24.04
C VAL C 128 -28.34 -20.94 -24.50
N LYS C 129 -29.52 -21.20 -23.92
CA LYS C 129 -30.80 -20.52 -24.26
C LYS C 129 -31.26 -19.60 -23.11
N LEU C 130 -30.66 -19.68 -21.92
CA LEU C 130 -31.05 -18.88 -20.73
C LEU C 130 -29.96 -19.00 -19.64
N ILE C 131 -29.74 -17.92 -18.88
CA ILE C 131 -28.79 -17.86 -17.72
C ILE C 131 -29.59 -17.54 -16.45
N ILE C 132 -29.42 -18.35 -15.40
CA ILE C 132 -30.11 -18.19 -14.08
C ILE C 132 -29.05 -17.84 -13.03
N ILE C 133 -28.77 -16.54 -12.86
CA ILE C 133 -27.88 -16.00 -11.78
C ILE C 133 -28.73 -15.90 -10.50
N ASP C 134 -28.22 -16.46 -9.39
CA ASP C 134 -28.97 -16.72 -8.14
C ASP C 134 -28.71 -15.62 -7.10
N GLU C 135 -27.53 -14.99 -7.13
CA GLU C 135 -26.96 -14.22 -5.97
C GLU C 135 -26.50 -12.83 -6.44
N PHE C 136 -27.19 -11.78 -5.98
CA PHE C 136 -26.85 -10.35 -6.20
C PHE C 136 -26.60 -9.64 -4.86
N GLN C 137 -26.71 -10.35 -3.73
CA GLN C 137 -26.66 -9.78 -2.35
C GLN C 137 -25.25 -9.26 -2.04
N HIS C 138 -24.21 -9.86 -2.65
CA HIS C 138 -22.78 -9.61 -2.36
C HIS C 138 -22.29 -8.30 -3.02
N LEU C 139 -22.94 -7.84 -4.09
CA LEU C 139 -22.56 -6.62 -4.85
C LEU C 139 -22.63 -5.38 -3.93
N VAL C 140 -23.62 -5.34 -3.03
CA VAL C 140 -23.70 -4.36 -1.91
C VAL C 140 -22.73 -4.82 -0.81
N GLU C 141 -21.78 -3.95 -0.43
CA GLU C 141 -20.74 -4.26 0.60
C GLU C 141 -21.39 -4.37 1.98
N GLU C 142 -20.75 -5.10 2.90
CA GLU C 142 -21.28 -5.46 4.24
C GLU C 142 -21.30 -4.20 5.12
N ARG C 143 -20.13 -3.63 5.43
CA ARG C 143 -19.97 -2.48 6.37
C ARG C 143 -20.36 -1.19 5.65
N SER C 144 -19.70 -0.89 4.52
CA SER C 144 -19.92 0.34 3.72
C SER C 144 -21.25 0.23 2.95
N ASN C 145 -21.93 1.37 2.78
CA ASN C 145 -23.22 1.48 2.04
C ASN C 145 -22.96 1.42 0.53
N ARG C 146 -21.70 1.61 0.11
CA ARG C 146 -21.21 1.50 -1.29
C ARG C 146 -21.71 0.20 -1.96
N VAL C 147 -21.86 0.24 -3.29
CA VAL C 147 -22.25 -0.92 -4.16
C VAL C 147 -21.34 -0.93 -5.38
N LEU C 148 -20.72 -2.08 -5.69
CA LEU C 148 -19.81 -2.25 -6.86
C LEU C 148 -20.66 -2.43 -8.13
N THR C 149 -20.26 -1.77 -9.22
CA THR C 149 -20.99 -1.72 -10.52
C THR C 149 -20.20 -2.45 -11.63
N GLN C 150 -18.97 -2.90 -11.36
CA GLN C 150 -18.06 -3.54 -12.35
C GLN C 150 -18.73 -4.79 -12.93
N VAL C 151 -19.34 -5.62 -12.08
CA VAL C 151 -20.04 -6.89 -12.45
C VAL C 151 -21.28 -6.55 -13.28
N GLY C 152 -22.02 -5.51 -12.88
CA GLY C 152 -23.23 -5.01 -13.61
C GLY C 152 -22.87 -4.47 -14.99
N ASN C 153 -21.77 -3.72 -15.09
CA ASN C 153 -21.24 -3.15 -16.36
C ASN C 153 -20.68 -4.30 -17.22
N TRP C 154 -20.05 -5.30 -16.62
CA TRP C 154 -19.57 -6.54 -17.31
C TRP C 154 -20.78 -7.32 -17.83
N LEU C 155 -21.86 -7.41 -17.04
CA LEU C 155 -23.15 -8.04 -17.44
C LEU C 155 -23.73 -7.31 -18.66
N LYS C 156 -23.74 -5.98 -18.64
CA LYS C 156 -24.15 -5.12 -19.79
C LYS C 156 -23.32 -5.53 -21.02
N MET C 157 -21.99 -5.55 -20.88
CA MET C 157 -21.02 -5.82 -21.98
C MET C 157 -21.22 -7.24 -22.53
N ILE C 158 -21.31 -8.26 -21.67
CA ILE C 158 -21.48 -9.68 -22.08
C ILE C 158 -22.90 -9.87 -22.66
N LEU C 159 -23.90 -9.13 -22.16
CA LEU C 159 -25.29 -9.16 -22.69
C LEU C 159 -25.35 -8.48 -24.07
N ASN C 160 -24.55 -7.43 -24.28
CA ASN C 160 -24.44 -6.72 -25.59
C ASN C 160 -23.77 -7.64 -26.63
N LYS C 161 -22.68 -8.32 -26.24
CA LYS C 161 -21.86 -9.19 -27.14
C LYS C 161 -22.65 -10.44 -27.53
N THR C 162 -23.09 -11.23 -26.55
CA THR C 162 -23.91 -12.45 -26.73
C THR C 162 -25.30 -12.19 -26.12
N LYS C 163 -26.36 -12.36 -26.93
CA LYS C 163 -27.77 -12.03 -26.59
C LYS C 163 -28.48 -13.30 -26.10
N CYS C 164 -28.72 -13.40 -24.78
CA CYS C 164 -29.43 -14.52 -24.11
C CYS C 164 -30.17 -14.01 -22.88
N PRO C 165 -31.38 -14.53 -22.57
CA PRO C 165 -32.10 -14.17 -21.34
C PRO C 165 -31.31 -14.43 -20.04
N ILE C 166 -31.35 -13.46 -19.12
CA ILE C 166 -30.73 -13.54 -17.75
C ILE C 166 -31.82 -13.25 -16.71
N VAL C 167 -31.87 -14.04 -15.63
CA VAL C 167 -32.96 -14.05 -14.61
C VAL C 167 -32.52 -13.30 -13.34
N ILE C 168 -31.21 -13.30 -13.01
CA ILE C 168 -30.57 -12.52 -11.90
C ILE C 168 -31.47 -12.48 -10.65
N PHE C 169 -31.59 -13.60 -9.93
CA PHE C 169 -32.24 -13.69 -8.60
C PHE C 169 -31.41 -12.89 -7.58
N GLY C 170 -32.06 -12.29 -6.58
CA GLY C 170 -31.42 -11.53 -5.51
C GLY C 170 -32.43 -10.87 -4.58
N MET C 171 -32.07 -10.69 -3.30
CA MET C 171 -32.93 -10.14 -2.22
C MET C 171 -33.46 -8.76 -2.61
N PRO C 172 -34.62 -8.31 -2.07
CA PRO C 172 -35.26 -7.07 -2.52
C PRO C 172 -34.43 -5.79 -2.30
N TYR C 173 -33.45 -5.82 -1.40
CA TYR C 173 -32.49 -4.70 -1.16
C TYR C 173 -31.45 -4.64 -2.29
N SER C 174 -31.36 -5.66 -3.14
CA SER C 174 -30.44 -5.71 -4.32
C SER C 174 -30.89 -4.73 -5.41
N LYS C 175 -32.13 -4.23 -5.37
CA LYS C 175 -32.67 -3.21 -6.31
C LYS C 175 -31.69 -2.03 -6.45
N VAL C 176 -31.00 -1.66 -5.36
CA VAL C 176 -29.97 -0.58 -5.29
C VAL C 176 -28.90 -0.83 -6.37
N VAL C 177 -28.57 -2.09 -6.67
CA VAL C 177 -27.62 -2.50 -7.75
C VAL C 177 -28.17 -2.00 -9.10
N LEU C 178 -29.48 -2.15 -9.34
CA LEU C 178 -30.15 -1.69 -10.59
C LEU C 178 -30.28 -0.16 -10.55
N GLN C 179 -30.70 0.42 -9.42
CA GLN C 179 -30.94 1.88 -9.25
C GLN C 179 -29.69 2.70 -9.59
N ALA C 180 -28.49 2.16 -9.31
CA ALA C 180 -27.18 2.81 -9.57
C ALA C 180 -26.98 3.07 -11.07
N ASN C 181 -27.05 2.01 -11.89
CA ASN C 181 -26.74 2.04 -13.34
C ASN C 181 -28.05 1.95 -14.15
N SER C 182 -28.37 2.99 -14.93
CA SER C 182 -29.58 3.08 -15.80
C SER C 182 -29.53 1.99 -16.88
N GLN C 183 -28.34 1.68 -17.39
CA GLN C 183 -28.07 0.56 -18.35
C GLN C 183 -28.59 -0.75 -17.76
N LEU C 184 -28.21 -1.05 -16.52
CA LEU C 184 -28.60 -2.28 -15.77
C LEU C 184 -30.06 -2.17 -15.31
N HIS C 185 -30.56 -0.96 -15.07
CA HIS C 185 -31.97 -0.71 -14.62
C HIS C 185 -32.94 -0.97 -15.78
N GLY C 186 -32.88 -0.15 -16.84
CA GLY C 186 -33.85 -0.13 -17.96
C GLY C 186 -33.89 -1.45 -18.73
N ARG C 187 -32.71 -1.98 -19.08
CA ARG C 187 -32.54 -3.20 -19.92
C ARG C 187 -33.15 -4.43 -19.21
N PHE C 188 -33.19 -4.42 -17.87
CA PHE C 188 -33.93 -5.41 -17.03
C PHE C 188 -35.26 -4.79 -16.58
N SER C 189 -36.23 -4.75 -17.50
CA SER C 189 -37.57 -4.12 -17.32
C SER C 189 -38.54 -5.06 -16.57
N ILE C 190 -38.52 -6.36 -16.90
CA ILE C 190 -39.51 -7.37 -16.40
C ILE C 190 -39.14 -7.73 -14.96
N GLN C 191 -40.09 -7.62 -14.02
CA GLN C 191 -39.84 -7.75 -12.56
C GLN C 191 -41.04 -8.37 -11.82
N VAL C 192 -40.70 -9.08 -10.74
CA VAL C 192 -41.53 -10.12 -10.06
C VAL C 192 -41.27 -10.05 -8.55
N GLU C 193 -42.31 -10.22 -7.72
CA GLU C 193 -42.12 -10.61 -6.29
C GLU C 193 -42.47 -12.08 -6.06
N LEU C 194 -41.54 -12.83 -5.46
CA LEU C 194 -41.74 -14.20 -4.90
C LEU C 194 -41.82 -14.06 -3.37
N ARG C 195 -42.69 -13.17 -2.89
CA ARG C 195 -42.79 -12.81 -1.44
C ARG C 195 -43.53 -13.93 -0.69
N PRO C 196 -43.36 -14.06 0.64
CA PRO C 196 -44.00 -15.13 1.41
C PRO C 196 -45.52 -14.90 1.61
N PHE C 197 -46.16 -15.77 2.38
CA PHE C 197 -47.63 -15.78 2.65
C PHE C 197 -48.00 -14.60 3.55
N SER C 198 -49.14 -13.96 3.26
CA SER C 198 -49.61 -12.70 3.91
C SER C 198 -50.73 -13.01 4.92
N TYR C 199 -51.81 -13.67 4.46
CA TYR C 199 -53.04 -13.94 5.25
C TYR C 199 -52.86 -15.23 6.06
N ASN C 200 -53.37 -15.23 7.31
CA ASN C 200 -53.21 -16.32 8.30
C ASN C 200 -54.55 -17.01 8.60
N GLY C 201 -55.68 -16.31 8.44
CA GLY C 201 -57.04 -16.77 8.79
C GLY C 201 -57.36 -18.14 8.22
N GLY C 202 -57.13 -18.33 6.91
CA GLY C 202 -57.36 -19.60 6.18
C GLY C 202 -58.15 -19.37 4.91
N ARG C 203 -58.78 -20.43 4.40
CA ARG C 203 -59.62 -20.48 3.16
C ARG C 203 -59.01 -19.59 2.06
N GLY C 204 -57.69 -19.72 1.84
CA GLY C 204 -56.91 -18.93 0.87
C GLY C 204 -55.83 -19.77 0.20
N VAL C 205 -54.60 -19.23 0.15
CA VAL C 205 -53.41 -19.89 -0.48
C VAL C 205 -52.68 -20.75 0.55
N PHE C 206 -52.56 -20.26 1.80
CA PHE C 206 -51.83 -20.91 2.92
C PHE C 206 -52.53 -22.23 3.31
N LYS C 207 -53.86 -22.22 3.36
CA LYS C 207 -54.71 -23.39 3.72
C LYS C 207 -54.52 -24.50 2.67
N THR C 208 -54.73 -24.17 1.39
CA THR C 208 -54.63 -25.11 0.24
C THR C 208 -53.16 -25.57 0.08
N PHE C 209 -52.19 -24.69 0.31
CA PHE C 209 -50.74 -25.02 0.35
C PHE C 209 -50.50 -26.14 1.37
N LEU C 210 -50.92 -25.94 2.61
CA LEU C 210 -50.77 -26.92 3.73
C LEU C 210 -51.61 -28.18 3.45
N GLU C 211 -52.77 -28.04 2.81
CA GLU C 211 -53.67 -29.18 2.43
C GLU C 211 -52.95 -30.07 1.40
N TYR C 212 -52.37 -29.47 0.36
CA TYR C 212 -51.57 -30.16 -0.69
C TYR C 212 -50.29 -30.75 -0.05
N LEU C 213 -49.70 -30.04 0.93
CA LEU C 213 -48.53 -30.53 1.70
C LEU C 213 -48.92 -31.79 2.49
N ASP C 214 -50.09 -31.78 3.14
CA ASP C 214 -50.65 -32.93 3.91
C ASP C 214 -50.87 -34.13 2.96
N LYS C 215 -51.34 -33.87 1.73
CA LYS C 215 -51.51 -34.90 0.68
C LYS C 215 -50.13 -35.44 0.27
N ALA C 216 -49.10 -34.58 0.26
CA ALA C 216 -47.70 -34.90 -0.13
C ALA C 216 -46.93 -35.60 1.00
N LEU C 217 -47.37 -35.44 2.27
CA LEU C 217 -46.69 -36.05 3.47
C LEU C 217 -46.77 -37.58 3.39
N PRO C 218 -45.86 -38.31 4.06
CA PRO C 218 -45.75 -39.76 3.89
C PRO C 218 -46.82 -40.61 4.61
N PHE C 219 -47.57 -40.01 5.55
CA PHE C 219 -48.54 -40.70 6.44
C PHE C 219 -49.83 -40.97 5.65
N GLU C 220 -50.39 -42.18 5.80
CA GLU C 220 -51.55 -42.70 5.01
C GLU C 220 -52.88 -42.45 5.75
N LYS C 221 -52.86 -41.76 6.89
CA LYS C 221 -54.06 -41.52 7.76
C LYS C 221 -54.51 -40.05 7.60
N GLN C 222 -54.53 -39.54 6.36
CA GLN C 222 -55.16 -38.26 5.95
C GLN C 222 -54.45 -37.06 6.58
N ALA C 223 -54.99 -35.84 6.38
CA ALA C 223 -54.40 -34.55 6.81
C ALA C 223 -54.69 -34.29 8.30
N GLY C 224 -53.69 -33.77 9.01
CA GLY C 224 -53.80 -33.26 10.40
C GLY C 224 -53.85 -31.75 10.46
N LEU C 225 -53.22 -31.06 9.51
CA LEU C 225 -53.11 -29.57 9.44
C LEU C 225 -54.33 -29.01 8.68
N ALA C 226 -54.33 -27.70 8.41
CA ALA C 226 -55.39 -26.96 7.68
C ALA C 226 -56.67 -26.89 8.54
N ASN C 227 -56.51 -26.74 9.85
CA ASN C 227 -57.59 -26.57 10.85
C ASN C 227 -57.38 -25.25 11.59
N GLU C 228 -58.47 -24.52 11.87
CA GLU C 228 -58.46 -23.13 12.42
C GLU C 228 -57.70 -23.10 13.76
N SER C 229 -57.73 -24.18 14.54
CA SER C 229 -57.04 -24.33 15.85
C SER C 229 -55.51 -24.34 15.65
N LEU C 230 -55.01 -25.15 14.70
CA LEU C 230 -53.57 -25.49 14.54
C LEU C 230 -52.89 -24.54 13.54
N GLN C 231 -53.57 -24.20 12.44
CA GLN C 231 -53.02 -23.41 11.30
C GLN C 231 -52.54 -22.03 11.78
N LYS C 232 -53.27 -21.40 12.72
CA LYS C 232 -52.94 -20.07 13.29
C LYS C 232 -51.60 -20.14 14.06
N LYS C 233 -51.37 -21.22 14.82
CA LYS C 233 -50.11 -21.47 15.57
C LYS C 233 -48.96 -21.73 14.58
N LEU C 234 -49.24 -22.40 13.46
CA LEU C 234 -48.25 -22.67 12.37
C LEU C 234 -47.82 -21.35 11.73
N TYR C 235 -48.75 -20.39 11.55
CA TYR C 235 -48.45 -19.01 11.07
C TYR C 235 -47.77 -18.21 12.19
N ALA C 236 -48.16 -18.44 13.44
CA ALA C 236 -47.58 -17.80 14.64
C ALA C 236 -46.10 -18.19 14.79
N PHE C 237 -45.75 -19.45 14.48
CA PHE C 237 -44.37 -19.98 14.53
C PHE C 237 -43.53 -19.35 13.41
N SER C 238 -43.96 -19.54 12.16
CA SER C 238 -43.31 -19.04 10.92
C SER C 238 -44.22 -18.00 10.26
N GLN C 239 -43.86 -16.71 10.38
CA GLN C 239 -44.67 -15.55 9.89
C GLN C 239 -44.79 -15.63 8.37
N GLY C 240 -43.66 -15.62 7.67
CA GLY C 240 -43.57 -15.72 6.19
C GLY C 240 -42.69 -16.88 5.75
N ASN C 241 -41.44 -16.92 6.25
CA ASN C 241 -40.36 -17.85 5.83
C ASN C 241 -40.89 -19.29 5.77
N MET C 242 -41.05 -19.83 4.56
CA MET C 242 -41.51 -21.21 4.28
C MET C 242 -40.45 -22.22 4.74
N ARG C 243 -39.17 -21.81 4.76
CA ARG C 243 -38.01 -22.55 5.32
C ARG C 243 -38.35 -23.04 6.73
N SER C 244 -38.67 -22.11 7.64
CA SER C 244 -38.98 -22.35 9.08
C SER C 244 -40.18 -23.29 9.22
N LEU C 245 -41.23 -23.05 8.43
CA LEU C 245 -42.46 -23.89 8.37
C LEU C 245 -42.07 -25.32 7.98
N ARG C 246 -41.45 -25.48 6.80
CA ARG C 246 -41.04 -26.80 6.24
C ARG C 246 -40.08 -27.51 7.21
N ASN C 247 -39.18 -26.77 7.88
CA ASN C 247 -38.30 -27.29 8.97
C ASN C 247 -39.19 -27.86 10.09
N LEU C 248 -40.13 -27.07 10.61
CA LEU C 248 -41.07 -27.49 11.69
C LEU C 248 -41.84 -28.74 11.26
N ILE C 249 -42.32 -28.77 10.01
CA ILE C 249 -43.11 -29.91 9.44
C ILE C 249 -42.19 -31.15 9.35
N TYR C 250 -40.96 -30.97 8.86
CA TYR C 250 -39.95 -32.06 8.73
C TYR C 250 -39.63 -32.64 10.12
N GLN C 251 -39.32 -31.76 11.09
CA GLN C 251 -38.98 -32.15 12.50
C GLN C 251 -40.16 -32.89 13.14
N ALA C 252 -41.39 -32.42 12.90
CA ALA C 252 -42.65 -33.05 13.35
C ALA C 252 -42.82 -34.42 12.69
N SER C 253 -42.56 -34.51 11.38
CA SER C 253 -42.66 -35.76 10.57
C SER C 253 -41.68 -36.82 11.11
N ILE C 254 -40.37 -36.51 11.13
CA ILE C 254 -39.30 -37.44 11.57
C ILE C 254 -39.54 -37.86 13.04
N GLU C 255 -40.16 -36.99 13.85
CA GLU C 255 -40.63 -37.34 15.23
C GLU C 255 -41.74 -38.40 15.16
N ALA C 256 -42.65 -38.29 14.19
CA ALA C 256 -43.79 -39.23 13.98
C ALA C 256 -43.30 -40.54 13.36
N ILE C 257 -42.25 -40.51 12.52
CA ILE C 257 -41.56 -41.75 12.02
C ILE C 257 -40.94 -42.48 13.21
N ASP C 258 -40.30 -41.74 14.13
CA ASP C 258 -39.82 -42.26 15.44
C ASP C 258 -41.04 -42.57 16.33
N ASN C 259 -40.82 -43.31 17.43
CA ASN C 259 -41.87 -43.87 18.33
C ASN C 259 -43.19 -44.01 17.56
N GLN C 260 -43.22 -44.96 16.60
CA GLN C 260 -44.21 -45.11 15.50
C GLN C 260 -45.59 -44.57 15.92
N HIS C 261 -46.04 -43.49 15.25
CA HIS C 261 -47.39 -42.88 15.38
C HIS C 261 -48.16 -43.02 14.06
N GLU C 262 -49.46 -42.74 14.08
CA GLU C 262 -50.36 -42.78 12.89
C GLU C 262 -50.22 -41.46 12.11
N THR C 263 -50.45 -40.33 12.79
CA THR C 263 -50.35 -38.95 12.24
C THR C 263 -49.40 -38.12 13.11
N ILE C 264 -49.05 -36.91 12.63
CA ILE C 264 -48.18 -35.93 13.35
C ILE C 264 -49.04 -35.15 14.35
N THR C 265 -49.32 -35.78 15.50
CA THR C 265 -50.23 -35.28 16.57
C THR C 265 -49.60 -34.07 17.27
N GLU C 266 -50.43 -33.19 17.83
CA GLU C 266 -49.99 -31.95 18.55
C GLU C 266 -49.39 -32.37 19.89
N GLU C 267 -48.21 -32.99 19.84
CA GLU C 267 -47.45 -33.56 20.99
C GLU C 267 -45.93 -33.53 20.69
N ASP C 268 -45.53 -33.80 19.45
CA ASP C 268 -44.13 -33.64 18.95
C ASP C 268 -43.94 -32.27 18.29
N PHE C 269 -45.04 -31.55 17.99
CA PHE C 269 -45.04 -30.16 17.46
C PHE C 269 -44.32 -29.23 18.46
N VAL C 270 -44.62 -29.37 19.76
CA VAL C 270 -44.02 -28.59 20.87
C VAL C 270 -42.49 -28.83 20.92
N PHE C 271 -42.06 -30.07 20.74
CA PHE C 271 -40.61 -30.46 20.69
C PHE C 271 -39.96 -29.82 19.46
N ALA C 272 -40.56 -30.02 18.28
CA ALA C 272 -40.10 -29.49 16.97
C ALA C 272 -39.98 -27.97 17.02
N SER C 273 -40.95 -27.29 17.65
CA SER C 273 -40.98 -25.82 17.83
C SER C 273 -39.85 -25.38 18.76
N LYS C 274 -39.65 -26.08 19.89
CA LYS C 274 -38.54 -25.83 20.86
C LYS C 274 -37.18 -26.08 20.19
N LEU C 275 -37.10 -27.06 19.28
CA LEU C 275 -35.84 -27.48 18.60
C LEU C 275 -35.38 -26.36 17.64
N THR C 276 -36.24 -25.96 16.71
CA THR C 276 -35.94 -24.97 15.63
C THR C 276 -36.38 -23.57 16.07
N SER C 277 -35.91 -23.13 17.25
CA SER C 277 -36.14 -21.78 17.83
C SER C 277 -34.81 -21.06 18.06
N GLY C 278 -33.86 -21.23 17.13
CA GLY C 278 -32.52 -20.61 17.17
C GLY C 278 -32.44 -19.37 16.30
N ASP C 279 -32.99 -19.44 15.08
CA ASP C 279 -32.95 -18.34 14.06
C ASP C 279 -33.91 -17.20 14.47
N LYS C 280 -34.94 -17.48 15.28
CA LYS C 280 -36.01 -16.51 15.65
C LYS C 280 -35.45 -15.46 16.61
N PRO C 281 -35.91 -14.18 16.55
CA PRO C 281 -35.49 -13.16 17.51
C PRO C 281 -35.98 -13.40 18.95
N ASN C 282 -35.38 -12.69 19.91
CA ASN C 282 -35.71 -12.77 21.37
C ASN C 282 -37.15 -12.27 21.61
N SER C 283 -37.60 -11.27 20.86
CA SER C 283 -38.96 -10.66 20.95
C SER C 283 -40.04 -11.67 20.53
N TRP C 284 -39.73 -12.55 19.57
CA TRP C 284 -40.65 -13.59 19.04
C TRP C 284 -41.04 -14.57 20.16
N LYS C 285 -42.30 -15.02 20.17
CA LYS C 285 -42.88 -15.95 21.19
C LYS C 285 -43.18 -17.30 20.54
N ASN C 286 -42.99 -18.39 21.29
CA ASN C 286 -43.29 -19.79 20.87
C ASN C 286 -44.71 -20.11 21.31
N PRO C 287 -45.67 -20.37 20.38
CA PRO C 287 -47.05 -20.64 20.76
C PRO C 287 -47.30 -22.03 21.37
N PHE C 288 -46.42 -23.00 21.11
CA PHE C 288 -46.58 -24.43 21.52
C PHE C 288 -45.96 -24.70 22.90
N GLU C 289 -44.97 -23.90 23.32
CA GLU C 289 -44.10 -24.15 24.51
C GLU C 289 -44.95 -24.52 25.75
N GLU C 290 -46.06 -23.82 25.97
CA GLU C 290 -47.01 -24.03 27.11
C GLU C 290 -48.44 -23.77 26.61
N GLY C 291 -49.42 -23.81 27.52
CA GLY C 291 -50.82 -23.41 27.24
C GLY C 291 -50.93 -21.91 27.05
N VAL C 292 -50.41 -21.40 25.92
CA VAL C 292 -50.37 -19.95 25.54
C VAL C 292 -51.21 -19.78 24.27
N GLU C 293 -52.38 -19.15 24.39
CA GLU C 293 -53.34 -18.91 23.26
C GLU C 293 -52.72 -17.90 22.29
N VAL C 294 -52.75 -18.21 20.99
CA VAL C 294 -52.18 -17.36 19.89
C VAL C 294 -52.95 -16.03 19.86
N THR C 295 -52.22 -14.91 19.77
CA THR C 295 -52.75 -13.52 19.79
C THR C 295 -52.82 -12.98 18.36
N GLU C 296 -53.92 -12.30 18.01
CA GLU C 296 -54.23 -11.81 16.64
C GLU C 296 -53.23 -10.73 16.20
N ASP C 297 -52.79 -9.87 17.13
CA ASP C 297 -51.86 -8.74 16.87
C ASP C 297 -50.50 -9.26 16.37
N MET C 298 -50.06 -10.42 16.87
CA MET C 298 -48.76 -11.07 16.48
C MET C 298 -48.84 -11.59 15.04
N LEU C 299 -50.03 -11.96 14.56
CA LEU C 299 -50.25 -12.56 13.21
C LEU C 299 -50.61 -11.47 12.18
N ARG C 300 -50.00 -10.29 12.28
CA ARG C 300 -50.07 -9.23 11.23
C ARG C 300 -49.23 -9.68 10.05
N PRO C 301 -49.53 -9.25 8.80
CA PRO C 301 -48.76 -9.67 7.63
C PRO C 301 -47.34 -9.09 7.67
N PRO C 302 -46.34 -9.78 7.08
CA PRO C 302 -44.94 -9.36 7.20
C PRO C 302 -44.68 -8.02 6.53
N PRO C 303 -43.73 -7.18 7.03
CA PRO C 303 -43.48 -5.86 6.47
C PRO C 303 -43.07 -5.89 4.98
N LYS C 304 -43.38 -4.81 4.25
CA LYS C 304 -43.00 -4.63 2.82
C LYS C 304 -41.48 -4.63 2.68
N ASP C 305 -40.76 -4.12 3.69
CA ASP C 305 -39.29 -4.17 3.82
C ASP C 305 -38.89 -5.44 4.58
N ILE C 306 -39.20 -6.62 4.02
CA ILE C 306 -38.96 -7.95 4.65
C ILE C 306 -37.48 -8.34 4.51
N GLY C 307 -36.89 -8.12 3.32
CA GLY C 307 -35.49 -8.48 3.00
C GLY C 307 -34.60 -7.26 2.86
N TRP C 308 -34.88 -6.19 3.62
CA TRP C 308 -34.11 -4.92 3.65
C TRP C 308 -33.35 -4.76 4.98
N GLU C 309 -33.59 -5.65 5.96
CA GLU C 309 -33.06 -5.55 7.35
C GLU C 309 -31.54 -5.41 7.31
N ASP C 310 -30.86 -6.28 6.56
CA ASP C 310 -29.38 -6.33 6.39
C ASP C 310 -28.87 -5.00 5.82
N TYR C 311 -29.63 -4.36 4.92
CA TYR C 311 -29.30 -3.06 4.29
C TYR C 311 -29.55 -1.91 5.29
N LEU C 312 -30.63 -2.01 6.08
CA LEU C 312 -31.04 -0.96 7.06
C LEU C 312 -30.25 -1.10 8.38
N ARG C 313 -29.42 -2.14 8.54
CA ARG C 313 -28.45 -2.27 9.66
C ARG C 313 -27.48 -1.08 9.64
N HIS C 314 -26.85 -0.84 8.49
CA HIS C 314 -25.87 0.26 8.25
C HIS C 314 -26.60 1.45 7.60
N THR D 4 4.09 -43.77 40.97
CA THR D 4 2.87 -43.06 40.45
C THR D 4 2.10 -43.99 39.51
N ARG D 5 2.78 -44.56 38.50
CA ARG D 5 2.25 -45.52 37.50
C ARG D 5 1.46 -44.75 36.43
N GLU D 6 1.64 -45.12 35.15
CA GLU D 6 1.08 -44.40 33.97
C GLU D 6 -0.43 -44.66 33.86
N ALA D 7 -0.89 -45.88 34.19
CA ALA D 7 -2.30 -46.32 34.05
C ALA D 7 -3.20 -45.53 35.02
N ARG D 8 -2.76 -45.36 36.27
CA ARG D 8 -3.50 -44.65 37.35
C ARG D 8 -3.67 -43.17 36.96
N ILE D 9 -2.58 -42.49 36.59
CA ILE D 9 -2.58 -41.04 36.19
C ILE D 9 -3.34 -40.87 34.86
N SER D 10 -3.19 -41.81 33.93
CA SER D 10 -3.95 -41.85 32.64
C SER D 10 -5.47 -41.89 32.93
N ARG D 11 -5.89 -42.85 33.76
CA ARG D 11 -7.33 -43.07 34.13
C ARG D 11 -7.83 -41.92 35.01
N ALA D 12 -6.95 -41.32 35.83
CA ALA D 12 -7.24 -40.13 36.67
C ALA D 12 -7.52 -38.91 35.79
N LYS D 13 -6.76 -38.73 34.71
CA LYS D 13 -6.94 -37.63 33.73
C LYS D 13 -8.17 -37.93 32.86
N ARG D 14 -8.22 -39.11 32.23
CA ARG D 14 -9.37 -39.58 31.40
C ARG D 14 -10.43 -40.19 32.34
N ALA D 15 -11.20 -39.33 33.01
CA ALA D 15 -12.32 -39.68 33.90
C ALA D 15 -13.60 -38.98 33.41
N PHE D 16 -14.02 -39.31 32.18
CA PHE D 16 -15.17 -38.68 31.47
C PHE D 16 -16.47 -39.33 31.95
N VAL D 17 -17.37 -38.52 32.52
CA VAL D 17 -18.79 -38.86 32.82
C VAL D 17 -19.70 -37.86 32.07
N SER D 18 -20.91 -38.31 31.71
CA SER D 18 -21.85 -37.59 30.80
C SER D 18 -22.83 -36.73 31.61
N THR D 19 -22.95 -35.45 31.22
CA THR D 19 -23.96 -34.48 31.72
C THR D 19 -25.21 -34.61 30.85
N PRO D 20 -26.45 -34.45 31.37
CA PRO D 20 -27.66 -34.52 30.54
C PRO D 20 -27.62 -33.60 29.31
N SER D 21 -26.97 -32.44 29.43
CA SER D 21 -26.66 -31.50 28.32
C SER D 21 -25.82 -32.21 27.25
N VAL D 22 -24.77 -32.93 27.66
CA VAL D 22 -23.85 -33.69 26.76
C VAL D 22 -24.65 -34.77 26.02
N ARG D 23 -25.50 -35.52 26.75
CA ARG D 23 -26.41 -36.57 26.20
C ARG D 23 -27.34 -35.96 25.14
N LYS D 24 -27.89 -34.77 25.42
CA LYS D 24 -28.76 -34.02 24.49
C LYS D 24 -27.98 -33.68 23.21
N ILE D 25 -26.78 -33.13 23.35
CA ILE D 25 -25.87 -32.74 22.21
C ILE D 25 -25.54 -34.00 21.39
N LEU D 26 -25.10 -35.07 22.06
CA LEU D 26 -24.77 -36.38 21.42
C LEU D 26 -25.97 -36.90 20.62
N SER D 27 -27.17 -36.90 21.23
CA SER D 27 -28.45 -37.32 20.60
C SER D 27 -28.75 -36.44 19.38
N TYR D 28 -28.67 -35.12 19.55
CA TYR D 28 -28.95 -34.09 18.51
C TYR D 28 -27.98 -34.25 17.33
N MET D 29 -26.69 -34.51 17.61
CA MET D 29 -25.64 -34.70 16.57
C MET D 29 -25.87 -36.03 15.83
N ASP D 30 -26.12 -37.12 16.57
CA ASP D 30 -26.48 -38.45 16.02
C ASP D 30 -27.70 -38.31 15.10
N ARG D 31 -28.74 -37.62 15.58
CA ARG D 31 -29.98 -37.28 14.81
C ARG D 31 -29.59 -36.51 13.55
N CYS D 32 -28.94 -35.35 13.70
CA CYS D 32 -28.50 -34.43 12.62
C CYS D 32 -27.76 -35.18 11.51
N ARG D 33 -26.95 -36.18 11.87
CA ARG D 33 -26.24 -37.08 10.92
C ARG D 33 -27.27 -38.01 10.24
N ASP D 34 -28.10 -38.69 11.03
CA ASP D 34 -29.03 -39.76 10.57
C ASP D 34 -30.09 -39.19 9.59
N LEU D 35 -30.52 -37.94 9.78
CA LEU D 35 -31.65 -37.34 9.01
C LEU D 35 -31.23 -37.07 7.56
N SER D 36 -30.10 -36.37 7.35
CA SER D 36 -29.57 -36.00 6.01
C SER D 36 -29.14 -37.27 5.26
N ASP D 37 -29.52 -37.38 3.98
CA ASP D 37 -29.28 -38.57 3.12
C ASP D 37 -28.34 -38.21 1.95
N LEU D 38 -27.64 -37.07 2.05
CA LEU D 38 -26.69 -36.54 1.03
C LEU D 38 -27.39 -36.44 -0.34
N GLU D 39 -28.60 -35.88 -0.37
CA GLU D 39 -29.43 -35.68 -1.59
C GLU D 39 -30.18 -34.34 -1.49
N SER D 40 -31.01 -34.18 -0.45
CA SER D 40 -31.77 -32.94 -0.13
C SER D 40 -30.88 -31.95 0.63
N GLU D 41 -31.43 -30.79 0.98
CA GLU D 41 -30.79 -29.75 1.83
C GLU D 41 -30.57 -30.31 3.22
N PRO D 42 -29.37 -30.13 3.85
CA PRO D 42 -29.09 -30.71 5.17
C PRO D 42 -29.83 -29.99 6.30
N THR D 43 -30.07 -30.70 7.41
CA THR D 43 -30.80 -30.22 8.61
C THR D 43 -29.98 -29.12 9.31
N CYS D 44 -28.68 -29.35 9.47
CA CYS D 44 -27.68 -28.41 10.05
C CYS D 44 -27.87 -28.25 11.57
N MET D 45 -26.93 -27.59 12.24
CA MET D 45 -26.91 -27.41 13.72
C MET D 45 -25.85 -26.37 14.09
N MET D 46 -25.99 -25.73 15.26
CA MET D 46 -24.94 -24.89 15.90
C MET D 46 -24.96 -25.09 17.42
N VAL D 47 -23.80 -25.34 18.03
CA VAL D 47 -23.60 -25.46 19.51
C VAL D 47 -22.82 -24.23 20.00
N TYR D 48 -23.31 -23.61 21.08
CA TYR D 48 -22.81 -22.32 21.64
C TYR D 48 -21.74 -22.63 22.71
N GLY D 49 -22.18 -23.12 23.87
CA GLY D 49 -21.31 -23.45 25.03
C GLY D 49 -20.66 -22.23 25.63
N ALA D 50 -19.40 -22.36 26.07
CA ALA D 50 -18.55 -21.27 26.63
C ALA D 50 -17.08 -21.73 26.65
N SER D 51 -16.20 -20.93 27.26
CA SER D 51 -14.74 -21.20 27.37
C SER D 51 -14.47 -22.27 28.43
N GLY D 52 -14.06 -23.47 28.02
CA GLY D 52 -13.58 -24.55 28.89
C GLY D 52 -14.70 -25.24 29.65
N VAL D 53 -15.75 -25.66 28.94
CA VAL D 53 -16.95 -26.38 29.49
C VAL D 53 -16.84 -27.86 29.13
N GLY D 54 -16.67 -28.17 27.84
CA GLY D 54 -16.37 -29.53 27.34
C GLY D 54 -16.85 -29.79 25.92
N LYS D 55 -16.60 -28.84 24.99
CA LYS D 55 -17.03 -28.93 23.57
C LYS D 55 -16.14 -29.95 22.84
N THR D 56 -14.81 -29.78 22.94
CA THR D 56 -13.78 -30.65 22.31
C THR D 56 -13.92 -32.09 22.82
N THR D 57 -14.24 -32.27 24.11
CA THR D 57 -14.44 -33.59 24.77
C THR D 57 -15.70 -34.26 24.21
N VAL D 58 -16.79 -33.51 24.06
CA VAL D 58 -18.07 -33.97 23.43
C VAL D 58 -17.79 -34.39 21.98
N ILE D 59 -17.02 -33.58 21.24
CA ILE D 59 -16.62 -33.84 19.82
C ILE D 59 -15.76 -35.11 19.77
N LYS D 60 -14.77 -35.23 20.65
CA LYS D 60 -13.82 -36.39 20.71
C LYS D 60 -14.59 -37.67 21.10
N LYS D 61 -15.52 -37.56 22.06
CA LYS D 61 -16.41 -38.68 22.49
C LYS D 61 -17.24 -39.17 21.29
N TYR D 62 -17.85 -38.23 20.56
CA TYR D 62 -18.66 -38.48 19.33
C TYR D 62 -17.78 -39.11 18.25
N LEU D 63 -16.57 -38.57 18.03
CA LEU D 63 -15.56 -39.09 17.07
C LEU D 63 -15.17 -40.53 17.44
N ASN D 64 -14.92 -40.79 18.74
CA ASN D 64 -14.47 -42.11 19.26
C ASN D 64 -15.57 -43.16 19.07
N GLN D 65 -16.83 -42.83 19.39
CA GLN D 65 -17.98 -43.78 19.30
C GLN D 65 -18.36 -44.03 17.83
N ASN D 66 -18.24 -43.00 16.96
CA ASN D 66 -18.70 -43.04 15.55
C ASN D 66 -17.59 -43.52 14.61
N ARG D 67 -16.48 -42.77 14.51
CA ARG D 67 -15.48 -42.84 13.42
C ARG D 67 -14.57 -44.07 13.56
N ARG D 68 -14.42 -44.63 14.77
CA ARG D 68 -13.44 -45.70 15.11
C ARG D 68 -13.63 -46.92 14.20
N GLU D 69 -14.85 -47.47 14.13
CA GLU D 69 -15.21 -48.70 13.38
C GLU D 69 -15.04 -48.46 11.87
N SER D 70 -15.47 -47.30 11.38
CA SER D 70 -15.39 -46.89 9.94
C SER D 70 -13.94 -46.68 9.51
N GLU D 71 -13.14 -45.99 10.34
CA GLU D 71 -11.70 -45.71 10.12
C GLU D 71 -10.89 -47.01 10.16
N ALA D 72 -11.26 -47.94 11.05
CA ALA D 72 -10.63 -49.28 11.21
C ALA D 72 -10.79 -50.11 9.92
N GLY D 73 -11.94 -49.98 9.24
CA GLY D 73 -12.25 -50.67 7.98
C GLY D 73 -11.33 -50.24 6.85
N GLY D 74 -11.25 -48.93 6.59
CA GLY D 74 -10.41 -48.33 5.55
C GLY D 74 -10.51 -46.82 5.50
N ASP D 75 -10.22 -46.22 4.33
CA ASP D 75 -10.26 -44.75 4.10
C ASP D 75 -11.72 -44.33 3.85
N ILE D 76 -12.49 -44.14 4.93
CA ILE D 76 -13.92 -43.71 4.92
C ILE D 76 -14.05 -42.35 5.61
N ILE D 77 -13.61 -42.26 6.87
CA ILE D 77 -13.71 -41.08 7.79
C ILE D 77 -15.07 -40.42 7.63
N PRO D 78 -16.16 -41.02 8.19
CA PRO D 78 -17.51 -40.46 8.10
C PRO D 78 -17.69 -39.03 8.63
N VAL D 79 -17.04 -38.72 9.76
CA VAL D 79 -17.15 -37.42 10.49
C VAL D 79 -15.78 -36.73 10.48
N LEU D 80 -15.77 -35.39 10.40
CA LEU D 80 -14.56 -34.54 10.27
C LEU D 80 -14.43 -33.61 11.49
N HIS D 81 -13.20 -33.18 11.78
CA HIS D 81 -12.85 -32.15 12.81
C HIS D 81 -12.08 -31.02 12.13
N ILE D 82 -12.59 -29.78 12.23
CA ILE D 82 -11.95 -28.55 11.69
C ILE D 82 -11.88 -27.50 12.81
N GLU D 83 -10.80 -26.70 12.84
CA GLU D 83 -10.58 -25.59 13.81
C GLU D 83 -9.95 -24.41 13.04
N LEU D 84 -10.78 -23.44 12.64
CA LEU D 84 -10.44 -22.39 11.63
C LEU D 84 -9.29 -21.52 12.12
N PRO D 85 -8.39 -21.03 11.24
CA PRO D 85 -7.27 -20.17 11.66
C PRO D 85 -7.73 -18.75 12.04
N ASP D 86 -6.91 -18.04 12.82
CA ASP D 86 -7.17 -16.66 13.31
C ASP D 86 -7.31 -15.70 12.12
N ASN D 87 -8.40 -14.91 12.10
CA ASN D 87 -8.81 -14.05 10.96
C ASN D 87 -9.02 -14.95 9.73
N ALA D 88 -9.97 -15.88 9.83
CA ALA D 88 -10.23 -16.97 8.87
C ALA D 88 -10.63 -16.40 7.50
N LYS D 89 -10.16 -17.04 6.42
CA LYS D 89 -10.53 -16.75 5.01
C LYS D 89 -10.96 -18.05 4.35
N PRO D 90 -11.81 -18.01 3.29
CA PRO D 90 -12.38 -19.22 2.70
C PRO D 90 -11.32 -20.22 2.17
N VAL D 91 -10.25 -19.70 1.56
CA VAL D 91 -9.08 -20.50 1.07
C VAL D 91 -8.46 -21.28 2.24
N ASP D 92 -8.26 -20.63 3.39
CA ASP D 92 -7.55 -21.20 4.57
C ASP D 92 -8.42 -22.26 5.24
N ALA D 93 -9.73 -22.01 5.36
CA ALA D 93 -10.75 -22.96 5.88
C ALA D 93 -10.81 -24.20 4.98
N ALA D 94 -10.85 -24.00 3.66
CA ALA D 94 -10.90 -25.07 2.63
C ALA D 94 -9.58 -25.88 2.64
N ARG D 95 -8.44 -25.20 2.78
CA ARG D 95 -7.10 -25.82 2.92
C ARG D 95 -7.10 -26.77 4.13
N GLU D 96 -7.53 -26.26 5.30
CA GLU D 96 -7.67 -27.04 6.56
C GLU D 96 -8.65 -28.21 6.36
N LEU D 97 -9.81 -27.93 5.74
CA LEU D 97 -10.87 -28.94 5.47
C LEU D 97 -10.34 -30.06 4.56
N LEU D 98 -9.40 -29.75 3.67
CA LEU D 98 -8.77 -30.73 2.73
C LEU D 98 -7.63 -31.48 3.42
N VAL D 99 -6.70 -30.78 4.06
CA VAL D 99 -5.47 -31.38 4.67
C VAL D 99 -5.86 -32.29 5.85
N GLU D 100 -6.94 -31.96 6.57
CA GLU D 100 -7.53 -32.81 7.63
C GLU D 100 -8.02 -34.13 7.02
N MET D 101 -8.69 -34.07 5.87
CA MET D 101 -9.31 -35.24 5.17
C MET D 101 -8.31 -35.84 4.17
N GLY D 102 -7.33 -36.60 4.68
CA GLY D 102 -6.43 -37.46 3.89
C GLY D 102 -5.45 -36.68 3.02
N ASP D 103 -5.93 -36.14 1.90
CA ASP D 103 -5.14 -35.58 0.76
C ASP D 103 -4.11 -34.56 1.28
N PRO D 104 -2.79 -34.86 1.17
CA PRO D 104 -1.75 -33.85 1.43
C PRO D 104 -1.74 -32.70 0.42
N LEU D 105 -2.08 -32.98 -0.85
CA LEU D 105 -2.06 -32.01 -1.98
C LEU D 105 -3.22 -31.00 -1.82
N ALA D 106 -3.27 -30.00 -2.71
CA ALA D 106 -4.16 -28.81 -2.66
C ALA D 106 -3.71 -27.86 -1.54
N LEU D 107 -2.41 -27.91 -1.19
CA LEU D 107 -1.78 -27.17 -0.07
C LEU D 107 -0.71 -26.20 -0.60
N TYR D 108 0.09 -26.64 -1.59
CA TYR D 108 1.30 -25.93 -2.10
C TYR D 108 0.91 -24.62 -2.79
N GLU D 109 0.11 -24.72 -3.87
CA GLU D 109 -0.31 -23.56 -4.71
C GLU D 109 -1.77 -23.77 -5.17
N THR D 110 -2.73 -23.29 -4.37
CA THR D 110 -4.19 -23.27 -4.67
C THR D 110 -4.79 -21.98 -4.07
N ASP D 111 -5.50 -21.20 -4.89
CA ASP D 111 -6.05 -19.86 -4.53
C ASP D 111 -7.53 -19.79 -4.91
N LEU D 112 -8.37 -20.55 -4.19
CA LEU D 112 -9.87 -20.53 -4.27
C LEU D 112 -10.37 -20.95 -5.67
N ALA D 113 -9.52 -21.64 -6.45
CA ALA D 113 -9.76 -21.94 -7.88
C ALA D 113 -10.29 -23.37 -8.05
N ARG D 114 -9.43 -24.38 -7.85
CA ARG D 114 -9.70 -25.81 -8.16
C ARG D 114 -9.99 -26.62 -6.87
N LEU D 115 -9.53 -26.14 -5.71
CA LEU D 115 -9.74 -26.79 -4.39
C LEU D 115 -11.24 -27.01 -4.12
N THR D 116 -12.09 -26.06 -4.52
CA THR D 116 -13.57 -26.10 -4.34
C THR D 116 -14.15 -27.29 -5.11
N LYS D 117 -13.85 -27.38 -6.40
CA LYS D 117 -14.38 -28.43 -7.33
C LYS D 117 -13.91 -29.82 -6.87
N ARG D 118 -12.61 -29.98 -6.57
CA ARG D 118 -12.03 -31.30 -6.15
C ARG D 118 -12.62 -31.70 -4.79
N LEU D 119 -12.80 -30.74 -3.87
CA LEU D 119 -13.48 -30.98 -2.56
C LEU D 119 -14.89 -31.51 -2.84
N THR D 120 -15.68 -30.78 -3.63
CA THR D 120 -17.07 -31.13 -4.02
C THR D 120 -17.12 -32.49 -4.72
N GLU D 121 -16.09 -32.83 -5.51
CA GLU D 121 -16.00 -34.09 -6.31
C GLU D 121 -15.73 -35.29 -5.39
N LEU D 122 -14.80 -35.18 -4.44
CA LEU D 122 -14.27 -36.33 -3.64
C LEU D 122 -14.96 -36.45 -2.27
N ILE D 123 -15.81 -35.50 -1.87
CA ILE D 123 -16.59 -35.56 -0.59
C ILE D 123 -17.58 -36.72 -0.65
N PRO D 124 -18.39 -36.88 -1.72
CA PRO D 124 -19.25 -38.06 -1.86
C PRO D 124 -18.49 -39.39 -2.03
N ALA D 125 -17.30 -39.35 -2.66
CA ALA D 125 -16.46 -40.52 -2.99
C ALA D 125 -15.93 -41.18 -1.71
N VAL D 126 -15.27 -40.39 -0.85
CA VAL D 126 -14.70 -40.88 0.45
C VAL D 126 -15.84 -41.28 1.40
N GLY D 127 -16.96 -40.55 1.37
CA GLY D 127 -18.19 -40.86 2.12
C GLY D 127 -18.24 -40.13 3.45
N VAL D 128 -18.40 -38.80 3.41
CA VAL D 128 -18.57 -37.91 4.60
C VAL D 128 -20.06 -37.79 4.90
N LYS D 129 -20.47 -38.18 6.12
CA LYS D 129 -21.90 -38.18 6.57
C LYS D 129 -22.20 -36.96 7.47
N LEU D 130 -21.18 -36.23 7.92
CA LEU D 130 -21.32 -35.04 8.81
C LEU D 130 -19.98 -34.28 8.88
N ILE D 131 -20.02 -32.96 9.13
CA ILE D 131 -18.83 -32.08 9.31
C ILE D 131 -18.94 -31.35 10.66
N ILE D 132 -17.83 -31.21 11.38
CA ILE D 132 -17.73 -30.48 12.69
C ILE D 132 -16.63 -29.42 12.58
N ILE D 133 -17.00 -28.15 12.66
CA ILE D 133 -16.08 -26.97 12.78
C ILE D 133 -16.07 -26.54 14.25
N ASP D 134 -14.89 -26.34 14.84
CA ASP D 134 -14.68 -26.27 16.31
C ASP D 134 -14.83 -24.83 16.83
N GLU D 135 -14.34 -23.84 16.09
CA GLU D 135 -14.24 -22.42 16.54
C GLU D 135 -14.80 -21.48 15.48
N PHE D 136 -15.63 -20.51 15.90
CA PHE D 136 -16.15 -19.37 15.09
C PHE D 136 -15.71 -18.03 15.71
N GLN D 137 -14.75 -18.06 16.64
CA GLN D 137 -14.17 -16.86 17.32
C GLN D 137 -13.30 -16.07 16.34
N HIS D 138 -12.71 -16.76 15.35
CA HIS D 138 -11.66 -16.24 14.43
C HIS D 138 -12.28 -15.28 13.40
N LEU D 139 -13.55 -15.47 13.05
CA LEU D 139 -14.29 -14.65 12.05
C LEU D 139 -14.49 -13.23 12.60
N VAL D 140 -14.76 -13.09 13.90
CA VAL D 140 -14.84 -11.78 14.63
C VAL D 140 -13.41 -11.29 14.88
N GLU D 141 -13.14 -10.00 14.63
CA GLU D 141 -11.81 -9.37 14.78
C GLU D 141 -11.52 -9.14 16.27
N GLU D 142 -10.24 -9.05 16.64
CA GLU D 142 -9.76 -8.90 18.04
C GLU D 142 -10.09 -7.50 18.54
N ARG D 143 -9.61 -6.47 17.84
CA ARG D 143 -9.77 -5.03 18.24
C ARG D 143 -11.18 -4.56 17.86
N SER D 144 -11.48 -4.51 16.56
CA SER D 144 -12.76 -3.97 16.00
C SER D 144 -13.91 -4.96 16.26
N ASN D 145 -15.15 -4.44 16.28
CA ASN D 145 -16.39 -5.23 16.47
C ASN D 145 -16.91 -5.76 15.11
N ARG D 146 -16.28 -5.35 14.00
CA ARG D 146 -16.59 -5.84 12.62
C ARG D 146 -16.36 -7.36 12.56
N VAL D 147 -17.18 -8.06 11.75
CA VAL D 147 -17.10 -9.53 11.50
C VAL D 147 -16.98 -9.76 9.99
N LEU D 148 -16.05 -10.62 9.57
CA LEU D 148 -15.88 -11.04 8.14
C LEU D 148 -16.94 -12.10 7.81
N THR D 149 -17.59 -11.96 6.66
CA THR D 149 -18.70 -12.83 6.19
C THR D 149 -18.21 -13.88 5.18
N GLN D 150 -17.03 -13.66 4.58
CA GLN D 150 -16.47 -14.47 3.45
C GLN D 150 -16.56 -15.97 3.75
N VAL D 151 -16.15 -16.38 4.96
CA VAL D 151 -16.11 -17.80 5.42
C VAL D 151 -17.55 -18.34 5.51
N GLY D 152 -18.46 -17.57 6.10
CA GLY D 152 -19.89 -17.92 6.24
C GLY D 152 -20.60 -18.01 4.90
N ASN D 153 -20.27 -17.10 3.97
CA ASN D 153 -20.80 -17.06 2.59
C ASN D 153 -20.23 -18.23 1.79
N TRP D 154 -18.96 -18.58 2.01
CA TRP D 154 -18.31 -19.79 1.42
C TRP D 154 -18.94 -21.07 1.99
N LEU D 155 -19.28 -21.07 3.28
CA LEU D 155 -20.00 -22.18 3.95
C LEU D 155 -21.39 -22.36 3.33
N LYS D 156 -22.12 -21.25 3.13
CA LYS D 156 -23.42 -21.22 2.39
C LYS D 156 -23.22 -21.83 1.00
N MET D 157 -22.22 -21.34 0.25
CA MET D 157 -21.89 -21.75 -1.14
C MET D 157 -21.57 -23.24 -1.21
N ILE D 158 -20.67 -23.73 -0.33
CA ILE D 158 -20.22 -25.16 -0.31
C ILE D 158 -21.36 -26.04 0.21
N LEU D 159 -22.19 -25.55 1.14
CA LEU D 159 -23.41 -26.26 1.65
C LEU D 159 -24.41 -26.43 0.50
N ASN D 160 -24.61 -25.39 -0.33
CA ASN D 160 -25.51 -25.40 -1.51
C ASN D 160 -25.00 -26.43 -2.53
N LYS D 161 -23.68 -26.45 -2.79
CA LYS D 161 -23.05 -27.37 -3.80
C LYS D 161 -23.05 -28.80 -3.26
N THR D 162 -22.30 -29.08 -2.18
CA THR D 162 -22.23 -30.41 -1.51
C THR D 162 -23.09 -30.35 -0.24
N LYS D 163 -24.17 -31.14 -0.21
CA LYS D 163 -25.23 -31.10 0.82
C LYS D 163 -24.94 -32.17 1.89
N CYS D 164 -24.44 -31.75 3.05
CA CYS D 164 -24.13 -32.62 4.22
C CYS D 164 -24.31 -31.84 5.53
N PRO D 165 -24.58 -32.51 6.67
CA PRO D 165 -24.69 -31.84 7.97
C PRO D 165 -23.41 -31.10 8.39
N ILE D 166 -23.57 -29.88 8.91
CA ILE D 166 -22.48 -29.02 9.48
C ILE D 166 -22.92 -28.58 10.89
N VAL D 167 -22.11 -28.89 11.91
CA VAL D 167 -22.45 -28.74 13.36
C VAL D 167 -21.95 -27.39 13.89
N ILE D 168 -20.86 -26.84 13.32
CA ILE D 168 -20.24 -25.51 13.64
C ILE D 168 -20.32 -25.20 15.14
N PHE D 169 -19.42 -25.79 15.95
CA PHE D 169 -19.17 -25.40 17.37
C PHE D 169 -18.51 -24.02 17.40
N GLY D 170 -18.73 -23.26 18.48
CA GLY D 170 -18.13 -21.92 18.67
C GLY D 170 -18.77 -21.16 19.82
N MET D 171 -17.96 -20.39 20.57
CA MET D 171 -18.34 -19.67 21.83
C MET D 171 -19.48 -18.69 21.54
N PRO D 172 -20.40 -18.45 22.51
CA PRO D 172 -21.78 -18.04 22.21
C PRO D 172 -21.93 -16.72 21.44
N TYR D 173 -21.04 -15.74 21.65
CA TYR D 173 -21.07 -14.42 20.97
C TYR D 173 -20.77 -14.59 19.47
N SER D 174 -20.27 -15.76 19.06
CA SER D 174 -20.18 -16.19 17.63
C SER D 174 -21.54 -16.12 16.94
N LYS D 175 -22.66 -16.15 17.70
CA LYS D 175 -24.03 -15.85 17.20
C LYS D 175 -24.00 -14.58 16.31
N VAL D 176 -23.24 -13.56 16.72
CA VAL D 176 -23.08 -12.26 15.99
C VAL D 176 -22.67 -12.52 14.53
N VAL D 177 -21.87 -13.57 14.28
CA VAL D 177 -21.45 -13.99 12.91
C VAL D 177 -22.71 -14.32 12.09
N LEU D 178 -23.65 -15.06 12.68
CA LEU D 178 -24.92 -15.48 12.01
C LEU D 178 -25.92 -14.31 11.99
N GLN D 179 -25.92 -13.45 13.02
CA GLN D 179 -26.82 -12.26 13.11
C GLN D 179 -26.62 -11.35 11.89
N ALA D 180 -25.40 -11.28 11.33
CA ALA D 180 -25.05 -10.50 10.12
C ALA D 180 -25.74 -11.07 8.89
N ASN D 181 -25.44 -12.32 8.52
CA ASN D 181 -25.93 -13.00 7.29
C ASN D 181 -27.24 -13.74 7.61
N SER D 182 -28.36 -13.24 7.08
CA SER D 182 -29.75 -13.74 7.34
C SER D 182 -29.94 -15.16 6.80
N GLN D 183 -29.45 -15.42 5.57
CA GLN D 183 -29.58 -16.74 4.89
C GLN D 183 -28.79 -17.81 5.66
N LEU D 184 -27.58 -17.46 6.12
CA LEU D 184 -26.72 -18.35 6.96
C LEU D 184 -27.42 -18.63 8.29
N HIS D 185 -28.04 -17.60 8.89
CA HIS D 185 -28.88 -17.69 10.12
C HIS D 185 -30.05 -18.65 9.88
N GLY D 186 -30.73 -18.51 8.74
CA GLY D 186 -31.86 -19.34 8.31
C GLY D 186 -31.50 -20.82 8.22
N ARG D 187 -30.35 -21.15 7.63
CA ARG D 187 -29.85 -22.54 7.45
C ARG D 187 -29.67 -23.20 8.82
N PHE D 188 -28.91 -22.56 9.73
CA PHE D 188 -28.60 -23.07 11.09
C PHE D 188 -29.75 -22.72 12.04
N SER D 189 -30.79 -23.57 12.03
CA SER D 189 -32.06 -23.39 12.80
C SER D 189 -31.96 -24.09 14.17
N ILE D 190 -31.49 -25.35 14.18
CA ILE D 190 -31.35 -26.20 15.41
C ILE D 190 -30.19 -25.64 16.23
N GLN D 191 -30.47 -25.16 17.46
CA GLN D 191 -29.49 -24.43 18.31
C GLN D 191 -29.67 -24.78 19.79
N VAL D 192 -28.54 -24.74 20.51
CA VAL D 192 -28.27 -25.46 21.80
C VAL D 192 -27.38 -24.55 22.67
N GLU D 193 -27.67 -24.49 23.98
CA GLU D 193 -26.66 -24.08 25.00
C GLU D 193 -26.06 -25.31 25.69
N LEU D 194 -24.74 -25.47 25.60
CA LEU D 194 -23.91 -26.38 26.41
C LEU D 194 -23.38 -25.57 27.61
N ARG D 195 -24.29 -25.04 28.42
CA ARG D 195 -24.00 -24.06 29.50
C ARG D 195 -23.47 -24.81 30.73
N PRO D 196 -22.52 -24.23 31.51
CA PRO D 196 -22.02 -24.91 32.71
C PRO D 196 -23.05 -25.06 33.84
N PHE D 197 -22.63 -25.67 34.96
CA PHE D 197 -23.48 -25.99 36.14
C PHE D 197 -23.92 -24.70 36.83
N SER D 198 -25.22 -24.56 37.08
CA SER D 198 -25.88 -23.35 37.65
C SER D 198 -26.12 -23.52 39.15
N TYR D 199 -26.73 -24.64 39.55
CA TYR D 199 -27.15 -24.94 40.95
C TYR D 199 -25.96 -25.50 41.75
N ASN D 200 -25.82 -25.05 43.01
CA ASN D 200 -24.71 -25.43 43.94
C ASN D 200 -25.24 -26.04 45.25
N GLY D 201 -26.56 -25.97 45.51
CA GLY D 201 -27.18 -26.35 46.80
C GLY D 201 -26.96 -27.81 47.15
N GLY D 202 -27.06 -28.71 46.17
CA GLY D 202 -26.91 -30.17 46.32
C GLY D 202 -28.20 -30.90 45.99
N ARG D 203 -28.11 -32.22 45.79
CA ARG D 203 -29.23 -33.13 45.41
C ARG D 203 -29.71 -32.76 44.00
N GLY D 204 -28.78 -32.62 43.05
CA GLY D 204 -29.04 -32.22 41.66
C GLY D 204 -28.02 -32.83 40.69
N VAL D 205 -27.80 -32.15 39.55
CA VAL D 205 -26.89 -32.61 38.45
C VAL D 205 -25.44 -32.54 38.93
N PHE D 206 -25.08 -31.55 39.76
CA PHE D 206 -23.71 -31.29 40.27
C PHE D 206 -23.27 -32.45 41.19
N LYS D 207 -24.14 -32.86 42.12
CA LYS D 207 -23.88 -33.92 43.13
C LYS D 207 -23.65 -35.26 42.41
N THR D 208 -24.58 -35.66 41.53
CA THR D 208 -24.52 -36.93 40.76
C THR D 208 -23.29 -36.92 39.83
N PHE D 209 -22.98 -35.77 39.21
CA PHE D 209 -21.76 -35.54 38.38
C PHE D 209 -20.51 -35.84 39.22
N LEU D 210 -20.41 -35.23 40.40
CA LEU D 210 -19.28 -35.43 41.36
C LEU D 210 -19.23 -36.88 41.83
N GLU D 211 -20.39 -37.49 42.13
CA GLU D 211 -20.50 -38.91 42.59
C GLU D 211 -19.99 -39.84 41.49
N TYR D 212 -20.42 -39.63 40.24
CA TYR D 212 -19.99 -40.41 39.05
C TYR D 212 -18.49 -40.19 38.81
N LEU D 213 -17.99 -38.96 38.99
CA LEU D 213 -16.55 -38.61 38.87
C LEU D 213 -15.75 -39.36 39.95
N ASP D 214 -16.24 -39.38 41.19
CA ASP D 214 -15.63 -40.11 42.35
C ASP D 214 -15.64 -41.62 42.07
N LYS D 215 -16.68 -42.12 41.41
CA LYS D 215 -16.78 -43.55 40.99
C LYS D 215 -15.75 -43.85 39.91
N ALA D 216 -15.40 -42.85 39.08
CA ALA D 216 -14.41 -42.94 37.97
C ALA D 216 -12.99 -42.68 38.48
N LEU D 217 -12.80 -42.00 39.62
CA LEU D 217 -11.47 -41.72 40.22
C LEU D 217 -10.76 -43.03 40.59
N PRO D 218 -9.41 -43.04 40.68
CA PRO D 218 -8.66 -44.29 40.84
C PRO D 218 -8.70 -44.94 42.24
N PHE D 219 -9.10 -44.17 43.27
CA PHE D 219 -9.09 -44.61 44.69
C PHE D 219 -10.25 -45.59 44.92
N GLU D 220 -9.95 -46.78 45.46
CA GLU D 220 -10.87 -47.94 45.55
C GLU D 220 -11.90 -47.75 46.68
N LYS D 221 -11.56 -46.99 47.73
CA LYS D 221 -12.33 -46.92 49.00
C LYS D 221 -13.34 -45.77 48.95
N GLN D 222 -14.22 -45.79 47.94
CA GLN D 222 -15.47 -44.97 47.85
C GLN D 222 -15.14 -43.48 47.66
N ALA D 223 -16.19 -42.64 47.57
CA ALA D 223 -16.12 -41.19 47.28
C ALA D 223 -15.74 -40.40 48.54
N GLY D 224 -14.87 -39.39 48.37
CA GLY D 224 -14.54 -38.38 49.38
C GLY D 224 -15.36 -37.11 49.21
N LEU D 225 -15.70 -36.75 47.96
CA LEU D 225 -16.50 -35.54 47.59
C LEU D 225 -18.00 -35.87 47.69
N ALA D 226 -18.86 -34.94 47.28
CA ALA D 226 -20.34 -35.01 47.30
C ALA D 226 -20.83 -34.85 48.74
N ASN D 227 -20.14 -34.01 49.53
CA ASN D 227 -20.46 -33.67 50.94
C ASN D 227 -20.76 -32.17 51.03
N GLU D 228 -21.82 -31.79 51.76
CA GLU D 228 -22.32 -30.41 51.94
C GLU D 228 -21.17 -29.47 52.37
N SER D 229 -20.20 -29.99 53.13
CA SER D 229 -18.96 -29.27 53.56
C SER D 229 -18.13 -28.85 52.34
N LEU D 230 -17.92 -29.79 51.39
CA LEU D 230 -16.88 -29.67 50.31
C LEU D 230 -17.50 -29.19 48.99
N GLN D 231 -18.74 -29.60 48.66
CA GLN D 231 -19.43 -29.27 47.38
C GLN D 231 -19.43 -27.75 47.14
N LYS D 232 -19.91 -26.98 48.13
CA LYS D 232 -20.04 -25.51 48.06
C LYS D 232 -18.66 -24.86 47.86
N LYS D 233 -17.61 -25.38 48.52
CA LYS D 233 -16.21 -24.88 48.38
C LYS D 233 -15.70 -25.17 46.96
N LEU D 234 -15.96 -26.37 46.43
CA LEU D 234 -15.59 -26.78 45.05
C LEU D 234 -16.31 -25.89 44.04
N TYR D 235 -17.60 -25.61 44.25
CA TYR D 235 -18.41 -24.71 43.38
C TYR D 235 -17.90 -23.26 43.52
N ALA D 236 -17.50 -22.84 44.73
CA ALA D 236 -16.95 -21.50 45.02
C ALA D 236 -15.66 -21.28 44.21
N PHE D 237 -14.76 -22.27 44.25
CA PHE D 237 -13.47 -22.27 43.49
C PHE D 237 -13.75 -22.14 42.00
N SER D 238 -14.49 -23.10 41.43
CA SER D 238 -14.87 -23.19 39.99
C SER D 238 -16.38 -23.00 39.84
N GLN D 239 -16.82 -21.79 39.49
CA GLN D 239 -18.26 -21.39 39.39
C GLN D 239 -18.96 -22.25 38.33
N GLY D 240 -18.52 -22.15 37.08
CA GLY D 240 -19.04 -22.92 35.92
C GLY D 240 -17.96 -23.77 35.27
N ASN D 241 -16.83 -23.17 34.91
CA ASN D 241 -15.71 -23.76 34.12
C ASN D 241 -15.35 -25.15 34.67
N MET D 242 -15.68 -26.21 33.91
CA MET D 242 -15.39 -27.63 34.24
C MET D 242 -13.88 -27.88 34.20
N ARG D 243 -13.16 -27.14 33.33
CA ARG D 243 -11.67 -27.15 33.21
C ARG D 243 -11.04 -26.95 34.59
N SER D 244 -11.39 -25.84 35.26
CA SER D 244 -10.88 -25.42 36.58
C SER D 244 -11.15 -26.51 37.63
N LEU D 245 -12.39 -27.01 37.67
CA LEU D 245 -12.84 -28.10 38.58
C LEU D 245 -11.99 -29.35 38.35
N ARG D 246 -11.99 -29.87 37.11
CA ARG D 246 -11.26 -31.12 36.75
C ARG D 246 -9.76 -30.96 36.98
N ASN D 247 -9.20 -29.77 36.73
CA ASN D 247 -7.78 -29.41 37.05
C ASN D 247 -7.53 -29.57 38.55
N LEU D 248 -8.42 -29.01 39.39
CA LEU D 248 -8.33 -29.10 40.88
C LEU D 248 -8.38 -30.58 41.31
N ILE D 249 -9.35 -31.34 40.78
CA ILE D 249 -9.54 -32.80 41.06
C ILE D 249 -8.26 -33.55 40.66
N TYR D 250 -7.76 -33.29 39.45
CA TYR D 250 -6.52 -33.90 38.90
C TYR D 250 -5.34 -33.60 39.83
N GLN D 251 -5.07 -32.31 40.06
CA GLN D 251 -3.95 -31.83 40.93
C GLN D 251 -4.06 -32.44 42.33
N ALA D 252 -5.28 -32.49 42.89
CA ALA D 252 -5.58 -33.12 44.21
C ALA D 252 -5.24 -34.62 44.16
N SER D 253 -5.72 -35.33 43.13
CA SER D 253 -5.48 -36.79 42.91
C SER D 253 -3.96 -37.07 42.84
N ILE D 254 -3.19 -36.19 42.21
CA ILE D 254 -1.70 -36.30 42.08
C ILE D 254 -1.07 -36.08 43.46
N GLU D 255 -1.52 -35.04 44.20
CA GLU D 255 -1.03 -34.72 45.56
C GLU D 255 -1.44 -35.80 46.56
N ALA D 256 -2.47 -36.61 46.25
CA ALA D 256 -2.90 -37.77 47.05
C ALA D 256 -2.00 -38.98 46.77
N ILE D 257 -1.79 -39.33 45.50
CA ILE D 257 -0.98 -40.51 45.09
C ILE D 257 0.51 -40.24 45.39
N ASP D 258 0.98 -39.00 45.20
CA ASP D 258 2.30 -38.55 45.71
C ASP D 258 2.22 -38.48 47.24
N ASN D 259 3.28 -38.89 47.94
CA ASN D 259 3.31 -39.20 49.40
C ASN D 259 1.99 -39.93 49.75
N GLN D 260 1.86 -41.16 49.23
CA GLN D 260 0.60 -41.97 49.15
C GLN D 260 -0.28 -41.75 50.37
N HIS D 261 -1.50 -41.23 50.16
CA HIS D 261 -2.62 -41.19 51.15
C HIS D 261 -3.70 -42.20 50.76
N GLU D 262 -4.65 -42.46 51.67
CA GLU D 262 -5.77 -43.41 51.46
C GLU D 262 -6.77 -42.82 50.45
N THR D 263 -7.04 -41.50 50.53
CA THR D 263 -7.98 -40.75 49.65
C THR D 263 -7.51 -39.30 49.50
N ILE D 264 -8.14 -38.55 48.60
CA ILE D 264 -7.92 -37.08 48.41
C ILE D 264 -8.57 -36.34 49.59
N THR D 265 -7.83 -36.22 50.70
CA THR D 265 -8.25 -35.52 51.95
C THR D 265 -8.18 -34.00 51.74
N GLU D 266 -8.67 -33.23 52.72
CA GLU D 266 -8.74 -31.73 52.67
C GLU D 266 -7.45 -31.13 53.27
N GLU D 267 -6.29 -31.74 52.97
CA GLU D 267 -4.93 -31.22 53.28
C GLU D 267 -4.13 -30.96 52.00
N ASP D 268 -4.50 -31.61 50.88
CA ASP D 268 -3.86 -31.46 49.55
C ASP D 268 -4.68 -30.51 48.66
N PHE D 269 -5.99 -30.39 48.90
CA PHE D 269 -6.92 -29.47 48.19
C PHE D 269 -6.46 -28.01 48.33
N VAL D 270 -5.90 -27.64 49.49
CA VAL D 270 -5.37 -26.28 49.77
C VAL D 270 -4.18 -25.99 48.84
N PHE D 271 -3.28 -26.98 48.66
CA PHE D 271 -2.11 -26.89 47.75
C PHE D 271 -2.58 -26.90 46.30
N ALA D 272 -3.50 -27.82 45.96
CA ALA D 272 -4.11 -27.97 44.61
C ALA D 272 -4.78 -26.65 44.19
N SER D 273 -5.55 -26.04 45.09
CA SER D 273 -6.26 -24.74 44.89
C SER D 273 -5.24 -23.61 44.73
N LYS D 274 -4.25 -23.54 45.63
CA LYS D 274 -3.14 -22.53 45.60
C LYS D 274 -2.37 -22.63 44.27
N LEU D 275 -2.10 -23.86 43.80
CA LEU D 275 -1.30 -24.16 42.58
C LEU D 275 -2.06 -23.66 41.33
N THR D 276 -3.35 -24.01 41.21
CA THR D 276 -4.25 -23.59 40.10
C THR D 276 -5.04 -22.35 40.54
N SER D 277 -4.33 -21.23 40.76
CA SER D 277 -4.89 -19.90 41.13
C SER D 277 -4.20 -18.80 40.30
N GLY D 278 -4.13 -19.00 38.98
CA GLY D 278 -3.46 -18.10 38.03
C GLY D 278 -4.45 -17.37 37.13
N ASP D 279 -5.39 -18.11 36.52
CA ASP D 279 -6.34 -17.60 35.50
C ASP D 279 -7.51 -16.85 36.18
N LYS D 280 -7.72 -17.02 37.49
CA LYS D 280 -8.86 -16.42 38.24
C LYS D 280 -8.64 -14.92 38.41
N PRO D 281 -9.69 -14.06 38.32
CA PRO D 281 -9.54 -12.63 38.56
C PRO D 281 -9.20 -12.26 40.02
N ASN D 282 -8.82 -10.99 40.23
CA ASN D 282 -8.47 -10.41 41.56
C ASN D 282 -9.71 -10.36 42.47
N SER D 283 -10.88 -10.15 41.88
CA SER D 283 -12.21 -10.09 42.56
C SER D 283 -12.52 -11.42 43.27
N TRP D 284 -12.11 -12.55 42.67
CA TRP D 284 -12.33 -13.92 43.21
C TRP D 284 -11.53 -14.11 44.51
N LYS D 285 -12.12 -14.82 45.48
CA LYS D 285 -11.51 -15.16 46.80
C LYS D 285 -11.42 -16.68 46.93
N ASN D 286 -10.25 -17.20 47.34
CA ASN D 286 -9.95 -18.65 47.45
C ASN D 286 -10.51 -19.17 48.78
N PRO D 287 -11.43 -20.16 48.78
CA PRO D 287 -12.00 -20.69 50.03
C PRO D 287 -11.05 -21.62 50.79
N PHE D 288 -10.24 -22.41 50.08
CA PHE D 288 -9.36 -23.47 50.63
C PHE D 288 -8.16 -22.85 51.39
N GLU D 289 -7.57 -21.76 50.85
CA GLU D 289 -6.33 -21.10 51.35
C GLU D 289 -6.29 -21.09 52.88
N GLU D 290 -7.26 -20.42 53.51
CA GLU D 290 -7.38 -20.27 54.98
C GLU D 290 -8.61 -21.03 55.48
N GLY D 291 -8.79 -21.08 56.81
CA GLY D 291 -9.97 -21.67 57.48
C GLY D 291 -11.11 -20.66 57.59
N VAL D 292 -11.61 -20.17 56.45
CA VAL D 292 -12.67 -19.12 56.34
C VAL D 292 -13.93 -19.78 55.76
N GLU D 293 -15.09 -19.54 56.38
CA GLU D 293 -16.41 -20.09 55.95
C GLU D 293 -16.83 -19.40 54.65
N VAL D 294 -17.20 -20.19 53.64
CA VAL D 294 -17.60 -19.72 52.29
C VAL D 294 -18.96 -19.00 52.40
N THR D 295 -19.12 -17.90 51.66
CA THR D 295 -20.32 -17.00 51.69
C THR D 295 -21.28 -17.40 50.57
N GLU D 296 -22.59 -17.44 50.86
CA GLU D 296 -23.67 -17.87 49.94
C GLU D 296 -23.82 -16.88 48.77
N ASP D 297 -23.52 -15.59 49.00
CA ASP D 297 -23.60 -14.50 47.99
C ASP D 297 -22.64 -14.78 46.83
N MET D 298 -21.42 -15.26 47.13
CA MET D 298 -20.36 -15.58 46.15
C MET D 298 -20.78 -16.74 45.24
N LEU D 299 -21.64 -17.65 45.74
CA LEU D 299 -22.14 -18.85 45.02
C LEU D 299 -23.48 -18.54 44.33
N ARG D 300 -23.65 -17.31 43.81
CA ARG D 300 -24.73 -16.96 42.85
C ARG D 300 -24.47 -17.70 41.54
N PRO D 301 -25.51 -18.00 40.73
CA PRO D 301 -25.31 -18.72 39.47
C PRO D 301 -24.60 -17.83 38.44
N PRO D 302 -23.86 -18.42 37.46
CA PRO D 302 -23.10 -17.62 36.50
C PRO D 302 -24.01 -16.86 35.54
N PRO D 303 -23.56 -15.74 34.96
CA PRO D 303 -24.44 -14.87 34.16
C PRO D 303 -24.86 -15.51 32.82
N LYS D 304 -25.93 -14.96 32.21
CA LYS D 304 -26.50 -15.44 30.92
C LYS D 304 -25.50 -15.20 29.79
N ASP D 305 -24.70 -14.14 29.88
CA ASP D 305 -23.64 -13.77 28.90
C ASP D 305 -22.27 -14.17 29.49
N ILE D 306 -22.12 -15.45 29.83
CA ILE D 306 -20.90 -16.03 30.49
C ILE D 306 -19.69 -15.92 29.56
N GLY D 307 -19.85 -16.22 28.26
CA GLY D 307 -18.78 -16.21 27.25
C GLY D 307 -18.92 -15.06 26.28
N TRP D 308 -19.17 -13.85 26.79
CA TRP D 308 -19.32 -12.58 26.02
C TRP D 308 -18.31 -11.52 26.48
N GLU D 309 -17.53 -11.78 27.54
CA GLU D 309 -16.71 -10.76 28.26
C GLU D 309 -15.68 -10.16 27.31
N ASP D 310 -14.91 -11.02 26.63
CA ASP D 310 -13.84 -10.64 25.65
C ASP D 310 -14.44 -9.81 24.50
N TYR D 311 -15.69 -10.09 24.11
CA TYR D 311 -16.44 -9.35 23.06
C TYR D 311 -16.94 -8.00 23.61
N LEU D 312 -17.38 -7.97 24.87
CA LEU D 312 -17.93 -6.76 25.55
C LEU D 312 -16.80 -5.84 26.04
N ARG D 313 -15.53 -6.28 26.00
CA ARG D 313 -14.35 -5.42 26.28
C ARG D 313 -14.35 -4.21 25.34
N HIS D 314 -14.63 -4.43 24.05
CA HIS D 314 -14.84 -3.38 23.01
C HIS D 314 -16.28 -3.46 22.50
N THR E 4 45.79 -14.34 36.33
CA THR E 4 44.33 -14.40 36.65
C THR E 4 43.86 -15.86 36.70
N ARG E 5 44.17 -16.64 35.65
CA ARG E 5 43.86 -18.09 35.49
C ARG E 5 42.38 -18.26 35.14
N GLU E 6 42.09 -18.87 33.98
CA GLU E 6 40.74 -18.96 33.37
C GLU E 6 39.75 -19.69 34.30
N ALA E 7 40.22 -20.71 35.05
CA ALA E 7 39.41 -21.59 35.92
C ALA E 7 38.81 -20.78 37.08
N ARG E 8 39.62 -19.92 37.71
CA ARG E 8 39.24 -19.06 38.86
C ARG E 8 38.16 -18.05 38.40
N ILE E 9 38.35 -17.42 37.24
CA ILE E 9 37.44 -16.39 36.67
C ILE E 9 36.15 -17.08 36.18
N SER E 10 36.28 -18.25 35.56
CA SER E 10 35.16 -19.13 35.12
C SER E 10 34.28 -19.49 36.32
N ARG E 11 34.90 -19.97 37.41
CA ARG E 11 34.20 -20.37 38.66
C ARG E 11 33.68 -19.15 39.40
N ALA E 12 34.36 -18.00 39.29
CA ALA E 12 33.93 -16.69 39.85
C ALA E 12 32.65 -16.22 39.15
N LYS E 13 32.56 -16.41 37.82
CA LYS E 13 31.35 -16.08 37.02
C LYS E 13 30.25 -17.11 37.31
N ARG E 14 30.55 -18.40 37.11
CA ARG E 14 29.61 -19.53 37.35
C ARG E 14 29.65 -19.91 38.84
N ALA E 15 28.93 -19.14 39.67
CA ALA E 15 28.77 -19.35 41.13
C ALA E 15 27.27 -19.43 41.45
N PHE E 16 26.58 -20.39 40.84
CA PHE E 16 25.10 -20.57 40.94
C PHE E 16 24.74 -21.19 42.29
N VAL E 17 23.89 -20.49 43.06
CA VAL E 17 23.20 -21.00 44.29
C VAL E 17 21.68 -20.82 44.09
N SER E 18 20.90 -21.73 44.67
CA SER E 18 19.42 -21.86 44.45
C SER E 18 18.64 -21.24 45.61
N THR E 19 17.87 -20.19 45.32
CA THR E 19 16.87 -19.57 46.24
C THR E 19 15.61 -20.45 46.23
N PRO E 20 14.82 -20.53 47.33
CA PRO E 20 13.61 -21.38 47.37
C PRO E 20 12.63 -21.19 46.20
N SER E 21 12.54 -19.97 45.65
CA SER E 21 11.72 -19.63 44.45
C SER E 21 12.17 -20.50 43.26
N VAL E 22 13.48 -20.54 43.00
CA VAL E 22 14.10 -21.33 41.89
C VAL E 22 13.81 -22.82 42.12
N ARG E 23 13.98 -23.31 43.36
CA ARG E 23 13.70 -24.71 43.76
C ARG E 23 12.23 -25.05 43.49
N LYS E 24 11.31 -24.13 43.81
CA LYS E 24 9.85 -24.27 43.56
C LYS E 24 9.59 -24.38 42.06
N ILE E 25 10.23 -23.52 41.25
CA ILE E 25 10.09 -23.50 39.76
C ILE E 25 10.63 -24.83 39.20
N LEU E 26 11.81 -25.27 39.66
CA LEU E 26 12.44 -26.56 39.26
C LEU E 26 11.52 -27.73 39.62
N SER E 27 10.90 -27.70 40.81
CA SER E 27 9.94 -28.73 41.30
C SER E 27 8.68 -28.73 40.42
N TYR E 28 8.11 -27.55 40.16
CA TYR E 28 6.90 -27.34 39.32
C TYR E 28 7.17 -27.78 37.87
N MET E 29 8.38 -27.50 37.36
CA MET E 29 8.84 -27.94 36.00
C MET E 29 8.90 -29.48 35.95
N ASP E 30 9.58 -30.10 36.93
CA ASP E 30 9.71 -31.57 37.08
C ASP E 30 8.31 -32.20 37.17
N ARG E 31 7.43 -31.61 37.99
CA ARG E 31 6.02 -32.01 38.14
C ARG E 31 5.32 -31.94 36.76
N CYS E 32 5.30 -30.76 36.15
CA CYS E 32 4.60 -30.44 34.87
C CYS E 32 5.05 -31.40 33.76
N ARG E 33 6.32 -31.80 33.75
CA ARG E 33 6.88 -32.81 32.80
C ARG E 33 6.35 -34.20 33.15
N ASP E 34 6.47 -34.61 34.43
CA ASP E 34 6.12 -35.97 34.93
C ASP E 34 4.62 -36.23 34.82
N LEU E 35 3.78 -35.19 34.92
CA LEU E 35 2.28 -35.30 34.91
C LEU E 35 1.80 -35.81 33.54
N SER E 36 2.03 -35.03 32.48
CA SER E 36 1.54 -35.29 31.10
C SER E 36 2.13 -36.60 30.56
N ASP E 37 1.29 -37.44 29.95
CA ASP E 37 1.65 -38.81 29.47
C ASP E 37 1.63 -38.86 27.94
N LEU E 38 1.65 -37.69 27.27
CA LEU E 38 1.67 -37.53 25.78
C LEU E 38 0.48 -38.27 25.14
N GLU E 39 -0.70 -38.18 25.77
CA GLU E 39 -1.96 -38.83 25.30
C GLU E 39 -3.15 -37.88 25.56
N SER E 40 -3.39 -37.52 26.84
CA SER E 40 -4.43 -36.56 27.28
C SER E 40 -3.97 -35.12 27.04
N GLU E 41 -4.83 -34.14 27.33
CA GLU E 41 -4.50 -32.68 27.31
C GLU E 41 -3.46 -32.40 28.39
N PRO E 42 -2.37 -31.65 28.09
CA PRO E 42 -1.32 -31.39 29.08
C PRO E 42 -1.75 -30.38 30.14
N THR E 43 -1.09 -30.42 31.30
CA THR E 43 -1.37 -29.56 32.50
C THR E 43 -1.02 -28.11 32.20
N CYS E 44 0.16 -27.87 31.59
CA CYS E 44 0.69 -26.55 31.15
C CYS E 44 1.12 -25.71 32.37
N MET E 45 1.89 -24.64 32.13
CA MET E 45 2.53 -23.80 33.18
C MET E 45 2.92 -22.44 32.59
N MET E 46 2.95 -21.39 33.42
CA MET E 46 3.52 -20.06 33.05
C MET E 46 4.33 -19.50 34.23
N VAL E 47 5.57 -19.06 33.96
CA VAL E 47 6.48 -18.35 34.91
C VAL E 47 6.52 -16.86 34.51
N TYR E 48 6.39 -15.97 35.49
CA TYR E 48 6.32 -14.50 35.31
C TYR E 48 7.72 -13.89 35.52
N GLY E 49 8.14 -13.72 36.78
CA GLY E 49 9.44 -13.14 37.16
C GLY E 49 9.49 -11.64 36.88
N ALA E 50 10.63 -11.16 36.38
CA ALA E 50 10.87 -9.75 35.99
C ALA E 50 12.11 -9.66 35.08
N SER E 51 12.48 -8.44 34.68
CA SER E 51 13.64 -8.15 33.79
C SER E 51 14.95 -8.37 34.55
N GLY E 52 15.63 -9.50 34.30
CA GLY E 52 16.94 -9.83 34.89
C GLY E 52 16.82 -10.25 36.35
N VAL E 53 16.30 -11.47 36.60
CA VAL E 53 16.18 -12.10 37.95
C VAL E 53 16.93 -13.44 37.93
N GLY E 54 16.51 -14.36 37.05
CA GLY E 54 17.23 -15.62 36.78
C GLY E 54 16.46 -16.62 35.92
N LYS E 55 15.63 -16.16 34.99
CA LYS E 55 14.69 -17.01 34.19
C LYS E 55 15.52 -17.94 33.29
N THR E 56 16.40 -17.37 32.47
CA THR E 56 17.33 -18.09 31.55
C THR E 56 18.20 -19.07 32.35
N THR E 57 18.68 -18.64 33.53
CA THR E 57 19.58 -19.43 34.42
C THR E 57 18.82 -20.63 35.01
N VAL E 58 17.57 -20.42 35.44
CA VAL E 58 16.65 -21.50 35.91
C VAL E 58 16.44 -22.52 34.78
N ILE E 59 16.21 -22.05 33.56
CA ILE E 59 15.97 -22.89 32.35
C ILE E 59 17.27 -23.67 32.02
N LYS E 60 18.42 -22.99 32.05
CA LYS E 60 19.76 -23.59 31.80
C LYS E 60 20.07 -24.66 32.85
N LYS E 61 19.82 -24.34 34.13
CA LYS E 61 20.01 -25.27 35.28
C LYS E 61 19.16 -26.53 35.09
N TYR E 62 17.92 -26.36 34.63
CA TYR E 62 16.96 -27.46 34.33
C TYR E 62 17.46 -28.26 33.11
N LEU E 63 17.88 -27.57 32.05
CA LEU E 63 18.42 -28.18 30.80
C LEU E 63 19.66 -29.03 31.11
N ASN E 64 20.58 -28.51 31.95
CA ASN E 64 21.86 -29.17 32.31
C ASN E 64 21.59 -30.50 33.02
N GLN E 65 20.68 -30.53 33.99
CA GLN E 65 20.35 -31.73 34.81
C GLN E 65 19.48 -32.71 34.01
N ASN E 66 18.59 -32.20 33.16
CA ASN E 66 17.57 -33.01 32.41
C ASN E 66 18.17 -33.55 31.11
N ARG E 67 18.56 -32.65 30.19
CA ARG E 67 18.80 -32.94 28.75
C ARG E 67 20.14 -33.62 28.50
N ARG E 68 21.12 -33.48 29.41
CA ARG E 68 22.53 -33.91 29.24
C ARG E 68 22.62 -35.40 28.87
N GLU E 69 22.14 -36.28 29.77
CA GLU E 69 22.24 -37.76 29.65
C GLU E 69 21.43 -38.27 28.45
N SER E 70 20.28 -37.65 28.17
CA SER E 70 19.37 -37.99 27.04
C SER E 70 20.03 -37.61 25.71
N GLU E 71 20.54 -36.38 25.60
CA GLU E 71 21.23 -35.83 24.41
C GLU E 71 22.53 -36.61 24.14
N ALA E 72 23.23 -37.04 25.20
CA ALA E 72 24.46 -37.85 25.13
C ALA E 72 24.19 -39.20 24.46
N GLY E 73 23.00 -39.78 24.68
CA GLY E 73 22.55 -41.06 24.09
C GLY E 73 22.45 -40.98 22.57
N GLY E 74 21.75 -39.97 22.04
CA GLY E 74 21.58 -39.74 20.60
C GLY E 74 20.59 -38.62 20.30
N ASP E 75 19.94 -38.69 19.14
CA ASP E 75 18.94 -37.68 18.67
C ASP E 75 17.60 -37.95 19.36
N ILE E 76 17.42 -37.39 20.57
CA ILE E 76 16.19 -37.50 21.39
C ILE E 76 15.66 -36.08 21.69
N ILE E 77 16.49 -35.24 22.29
CA ILE E 77 16.20 -33.84 22.75
C ILE E 77 14.82 -33.80 23.41
N PRO E 78 14.69 -34.30 24.67
CA PRO E 78 13.39 -34.33 25.36
C PRO E 78 12.78 -32.95 25.67
N VAL E 79 13.63 -31.93 25.88
CA VAL E 79 13.23 -30.54 26.26
C VAL E 79 13.84 -29.54 25.26
N LEU E 80 13.13 -28.45 24.99
CA LEU E 80 13.50 -27.41 23.99
C LEU E 80 13.83 -26.09 24.70
N HIS E 81 14.34 -25.10 23.95
CA HIS E 81 14.53 -23.69 24.38
C HIS E 81 14.20 -22.77 23.19
N ILE E 82 13.05 -22.08 23.25
CA ILE E 82 12.53 -21.17 22.18
C ILE E 82 12.59 -19.72 22.68
N GLU E 83 12.79 -18.76 21.76
CA GLU E 83 12.85 -17.31 22.06
C GLU E 83 12.27 -16.54 20.85
N LEU E 84 10.99 -16.14 20.94
CA LEU E 84 10.18 -15.58 19.82
C LEU E 84 10.79 -14.25 19.36
N PRO E 85 10.82 -13.92 18.04
CA PRO E 85 11.35 -12.63 17.58
C PRO E 85 10.47 -11.42 17.91
N ASP E 86 10.92 -10.21 17.55
CA ASP E 86 10.19 -8.93 17.78
C ASP E 86 8.99 -8.86 16.83
N ASN E 87 7.80 -8.58 17.37
CA ASN E 87 6.50 -8.65 16.66
C ASN E 87 6.34 -10.04 16.04
N ALA E 88 6.38 -11.07 16.88
CA ALA E 88 6.38 -12.51 16.51
C ALA E 88 5.10 -12.86 15.74
N LYS E 89 5.24 -13.71 14.71
CA LYS E 89 4.13 -14.28 13.90
C LYS E 89 4.21 -15.80 13.97
N PRO E 90 3.10 -16.54 13.74
CA PRO E 90 3.09 -18.00 13.89
C PRO E 90 4.13 -18.71 13.00
N VAL E 91 4.32 -18.22 11.77
CA VAL E 91 5.38 -18.69 10.82
C VAL E 91 6.75 -18.64 11.53
N ASP E 92 7.09 -17.51 12.16
CA ASP E 92 8.42 -17.24 12.77
C ASP E 92 8.63 -18.17 13.98
N ALA E 93 7.62 -18.27 14.87
CA ALA E 93 7.61 -19.13 16.07
C ALA E 93 7.82 -20.59 15.68
N ALA E 94 7.09 -21.06 14.65
CA ALA E 94 7.12 -22.44 14.13
C ALA E 94 8.45 -22.72 13.42
N ARG E 95 8.95 -21.75 12.64
CA ARG E 95 10.28 -21.81 11.96
C ARG E 95 11.37 -21.99 13.03
N GLU E 96 11.32 -21.20 14.11
CA GLU E 96 12.27 -21.29 15.26
C GLU E 96 12.14 -22.66 15.94
N LEU E 97 10.91 -23.11 16.21
CA LEU E 97 10.61 -24.44 16.82
C LEU E 97 11.27 -25.56 16.01
N LEU E 98 11.24 -25.46 14.67
CA LEU E 98 11.85 -26.46 13.74
C LEU E 98 13.38 -26.27 13.69
N VAL E 99 13.86 -25.03 13.53
CA VAL E 99 15.32 -24.68 13.47
C VAL E 99 16.01 -25.18 14.74
N GLU E 100 15.40 -24.97 15.91
CA GLU E 100 15.90 -25.45 17.23
C GLU E 100 15.89 -26.99 17.25
N MET E 101 14.84 -27.61 16.70
CA MET E 101 14.65 -29.08 16.67
C MET E 101 15.53 -29.69 15.55
N GLY E 102 16.83 -29.84 15.82
CA GLY E 102 17.81 -30.58 15.00
C GLY E 102 17.78 -30.19 13.52
N ASP E 103 16.79 -30.70 12.79
CA ASP E 103 16.60 -30.54 11.31
C ASP E 103 16.64 -29.06 10.93
N PRO E 104 17.60 -28.63 10.07
CA PRO E 104 17.66 -27.24 9.60
C PRO E 104 16.70 -26.92 8.44
N LEU E 105 16.07 -27.95 7.84
CA LEU E 105 15.11 -27.81 6.71
C LEU E 105 13.77 -27.26 7.25
N ALA E 106 12.86 -26.91 6.34
CA ALA E 106 11.59 -26.18 6.58
C ALA E 106 11.90 -24.72 6.97
N LEU E 107 13.06 -24.20 6.54
CA LEU E 107 13.58 -22.84 6.86
C LEU E 107 13.55 -21.95 5.62
N TYR E 108 13.74 -22.52 4.42
CA TYR E 108 13.95 -21.79 3.14
C TYR E 108 12.63 -21.16 2.66
N GLU E 109 11.63 -21.99 2.32
CA GLU E 109 10.34 -21.56 1.73
C GLU E 109 9.19 -22.40 2.33
N THR E 110 8.59 -21.90 3.42
CA THR E 110 7.39 -22.48 4.08
C THR E 110 6.50 -21.34 4.60
N ASP E 111 5.19 -21.39 4.30
CA ASP E 111 4.21 -20.30 4.58
C ASP E 111 2.99 -20.87 5.31
N LEU E 112 3.19 -21.34 6.55
CA LEU E 112 2.15 -21.82 7.50
C LEU E 112 1.22 -22.83 6.80
N ALA E 113 1.79 -23.85 6.18
CA ALA E 113 1.08 -24.87 5.35
C ALA E 113 1.46 -26.29 5.79
N ARG E 114 2.69 -26.72 5.49
CA ARG E 114 3.17 -28.11 5.68
C ARG E 114 4.14 -28.21 6.88
N LEU E 115 4.69 -27.09 7.35
CA LEU E 115 5.61 -27.02 8.52
C LEU E 115 4.89 -27.51 9.79
N THR E 116 3.61 -27.13 9.96
CA THR E 116 2.76 -27.49 11.13
C THR E 116 2.51 -29.00 11.14
N LYS E 117 2.13 -29.57 9.99
CA LYS E 117 1.84 -31.01 9.80
C LYS E 117 3.10 -31.84 10.11
N ARG E 118 4.26 -31.44 9.58
CA ARG E 118 5.55 -32.18 9.78
C ARG E 118 6.00 -32.00 11.24
N LEU E 119 5.81 -30.81 11.83
CA LEU E 119 6.13 -30.51 13.26
C LEU E 119 5.30 -31.43 14.17
N THR E 120 3.99 -31.53 13.93
CA THR E 120 3.05 -32.41 14.69
C THR E 120 3.39 -33.88 14.47
N GLU E 121 3.95 -34.23 13.30
CA GLU E 121 4.37 -35.63 12.95
C GLU E 121 5.70 -35.99 13.62
N LEU E 122 6.66 -35.06 13.68
CA LEU E 122 8.06 -35.34 14.13
C LEU E 122 8.21 -35.17 15.65
N ILE E 123 7.35 -34.38 16.32
CA ILE E 123 7.42 -34.11 17.78
C ILE E 123 7.29 -35.42 18.56
N PRO E 124 6.29 -36.30 18.28
CA PRO E 124 6.24 -37.63 18.89
C PRO E 124 7.42 -38.55 18.54
N ALA E 125 7.92 -38.47 17.30
CA ALA E 125 8.97 -39.34 16.73
C ALA E 125 10.31 -39.12 17.45
N VAL E 126 10.74 -37.86 17.57
CA VAL E 126 12.00 -37.46 18.27
C VAL E 126 11.86 -37.74 19.78
N GLY E 127 10.67 -37.51 20.34
CA GLY E 127 10.32 -37.82 21.74
C GLY E 127 10.48 -36.62 22.66
N VAL E 128 9.68 -35.57 22.44
CA VAL E 128 9.63 -34.33 23.28
C VAL E 128 8.70 -34.60 24.46
N LYS E 129 9.18 -34.32 25.69
CA LYS E 129 8.40 -34.51 26.95
C LYS E 129 7.93 -33.17 27.53
N LEU E 130 8.48 -32.04 27.06
CA LEU E 130 8.17 -30.67 27.55
C LEU E 130 8.76 -29.63 26.60
N ILE E 131 8.17 -28.43 26.54
CA ILE E 131 8.66 -27.26 25.75
C ILE E 131 8.86 -26.07 26.71
N ILE E 132 9.91 -25.28 26.49
CA ILE E 132 10.27 -24.08 27.32
C ILE E 132 10.37 -22.86 26.39
N ILE E 133 9.25 -22.16 26.18
CA ILE E 133 9.20 -20.84 25.47
C ILE E 133 9.60 -19.76 26.48
N ASP E 134 10.51 -18.86 26.07
CA ASP E 134 11.28 -17.96 26.97
C ASP E 134 10.71 -16.53 26.97
N GLU E 135 10.24 -16.03 25.82
CA GLU E 135 10.00 -14.59 25.57
C GLU E 135 8.60 -14.35 25.00
N PHE E 136 7.78 -13.53 25.69
CA PHE E 136 6.44 -13.05 25.24
C PHE E 136 6.35 -11.51 25.21
N GLN E 137 7.41 -10.80 25.60
CA GLN E 137 7.46 -9.31 25.66
C GLN E 137 7.16 -8.71 24.28
N HIS E 138 7.54 -9.43 23.21
CA HIS E 138 7.45 -9.00 21.80
C HIS E 138 6.00 -8.97 21.30
N LEU E 139 5.14 -9.87 21.81
CA LEU E 139 3.73 -10.03 21.35
C LEU E 139 2.95 -8.73 21.59
N VAL E 140 3.17 -8.08 22.74
CA VAL E 140 2.66 -6.72 23.06
C VAL E 140 3.52 -5.71 22.29
N GLU E 141 2.89 -4.84 21.49
CA GLU E 141 3.58 -3.84 20.61
C GLU E 141 4.20 -2.74 21.48
N GLU E 142 5.25 -2.09 20.96
CA GLU E 142 6.08 -1.08 21.68
C GLU E 142 5.26 0.20 21.89
N ARG E 143 4.85 0.87 20.80
CA ARG E 143 4.14 2.17 20.83
C ARG E 143 2.65 1.93 21.13
N SER E 144 1.97 1.14 20.28
CA SER E 144 0.52 0.83 20.37
C SER E 144 0.26 -0.14 21.53
N ASN E 145 -0.93 -0.07 22.13
CA ASN E 145 -1.37 -0.90 23.28
C ASN E 145 -1.90 -2.26 22.79
N ARG E 146 -2.08 -2.43 21.47
CA ARG E 146 -2.53 -3.69 20.82
C ARG E 146 -1.59 -4.84 21.17
N VAL E 147 -2.14 -6.04 21.37
CA VAL E 147 -1.40 -7.32 21.58
C VAL E 147 -1.89 -8.33 20.53
N LEU E 148 -0.98 -8.87 19.72
CA LEU E 148 -1.28 -9.85 18.64
C LEU E 148 -1.59 -11.21 19.28
N THR E 149 -2.64 -11.88 18.79
CA THR E 149 -3.17 -13.17 19.32
C THR E 149 -2.96 -14.31 18.30
N GLN E 150 -2.41 -14.03 17.12
CA GLN E 150 -2.14 -15.02 16.04
C GLN E 150 -1.24 -16.14 16.58
N VAL E 151 -0.16 -15.76 17.28
CA VAL E 151 0.82 -16.67 17.92
C VAL E 151 0.12 -17.45 19.05
N GLY E 152 -0.75 -16.78 19.81
CA GLY E 152 -1.54 -17.37 20.91
C GLY E 152 -2.50 -18.45 20.42
N ASN E 153 -3.22 -18.17 19.32
CA ASN E 153 -4.17 -19.11 18.68
C ASN E 153 -3.39 -20.25 17.99
N TRP E 154 -2.20 -19.97 17.46
CA TRP E 154 -1.28 -21.00 16.90
C TRP E 154 -0.77 -21.91 18.03
N LEU E 155 -0.39 -21.32 19.17
CA LEU E 155 -0.02 -22.05 20.42
C LEU E 155 -1.21 -22.90 20.90
N LYS E 156 -2.41 -22.32 20.88
CA LYS E 156 -3.69 -23.01 21.19
C LYS E 156 -3.85 -24.22 20.26
N MET E 157 -3.73 -24.00 18.94
CA MET E 157 -3.94 -25.02 17.88
C MET E 157 -2.90 -26.13 17.98
N ILE E 158 -1.61 -25.79 18.06
CA ILE E 158 -0.50 -26.79 18.16
C ILE E 158 -0.63 -27.58 19.46
N LEU E 159 -1.08 -26.94 20.56
CA LEU E 159 -1.35 -27.61 21.87
C LEU E 159 -2.56 -28.55 21.72
N ASN E 160 -3.58 -28.17 20.94
CA ASN E 160 -4.79 -29.00 20.65
C ASN E 160 -4.39 -30.21 19.79
N LYS E 161 -3.57 -30.00 18.75
CA LYS E 161 -3.15 -31.07 17.79
C LYS E 161 -2.22 -32.06 18.50
N THR E 162 -1.01 -31.61 18.89
CA THR E 162 0.02 -32.43 19.58
C THR E 162 0.03 -32.08 21.08
N LYS E 163 0.04 -33.10 21.94
CA LYS E 163 -0.07 -32.96 23.42
C LYS E 163 1.33 -32.94 24.04
N CYS E 164 1.71 -31.80 24.63
CA CYS E 164 3.02 -31.59 25.30
C CYS E 164 2.94 -30.41 26.27
N PRO E 165 3.54 -30.52 27.49
CA PRO E 165 3.65 -29.36 28.39
C PRO E 165 4.44 -28.19 27.79
N ILE E 166 3.98 -26.96 28.03
CA ILE E 166 4.68 -25.69 27.64
C ILE E 166 4.79 -24.79 28.88
N VAL E 167 5.96 -24.16 29.07
CA VAL E 167 6.32 -23.39 30.31
C VAL E 167 6.14 -21.88 30.07
N ILE E 168 6.29 -21.39 28.83
CA ILE E 168 6.00 -20.00 28.38
C ILE E 168 6.44 -18.97 29.44
N PHE E 169 7.76 -18.72 29.56
CA PHE E 169 8.34 -17.61 30.35
C PHE E 169 7.99 -16.27 29.71
N GLY E 170 7.93 -15.20 30.51
CA GLY E 170 7.65 -13.83 30.05
C GLY E 170 7.45 -12.85 31.19
N MET E 171 8.02 -11.65 31.07
CA MET E 171 7.94 -10.53 32.06
C MET E 171 6.48 -10.28 32.47
N PRO E 172 6.23 -9.77 33.70
CA PRO E 172 4.89 -9.82 34.28
C PRO E 172 3.81 -8.94 33.62
N TYR E 173 4.18 -8.09 32.65
CA TYR E 173 3.24 -7.31 31.80
C TYR E 173 2.75 -8.17 30.62
N SER E 174 3.34 -9.36 30.43
CA SER E 174 2.94 -10.33 29.37
C SER E 174 1.57 -10.96 29.67
N LYS E 175 1.08 -10.90 30.91
CA LYS E 175 -0.25 -11.37 31.36
C LYS E 175 -1.35 -10.90 30.39
N VAL E 176 -1.22 -9.67 29.87
CA VAL E 176 -2.15 -9.03 28.89
C VAL E 176 -2.31 -9.93 27.66
N VAL E 177 -1.26 -10.65 27.25
CA VAL E 177 -1.28 -11.63 26.11
C VAL E 177 -2.32 -12.71 26.42
N LEU E 178 -2.34 -13.24 27.66
CA LEU E 178 -3.32 -14.26 28.11
C LEU E 178 -4.70 -13.63 28.29
N GLN E 179 -4.77 -12.47 28.97
CA GLN E 179 -6.04 -11.77 29.32
C GLN E 179 -6.87 -11.47 28.06
N ALA E 180 -6.23 -11.28 26.91
CA ALA E 180 -6.88 -11.05 25.59
C ALA E 180 -7.74 -12.26 25.20
N ASN E 181 -7.12 -13.43 25.01
CA ASN E 181 -7.78 -14.68 24.56
C ASN E 181 -8.25 -15.48 25.78
N SER E 182 -9.57 -15.62 25.96
CA SER E 182 -10.26 -16.18 27.15
C SER E 182 -9.81 -17.62 27.43
N GLN E 183 -9.71 -18.45 26.38
CA GLN E 183 -9.33 -19.88 26.48
C GLN E 183 -7.85 -20.02 26.89
N LEU E 184 -6.95 -19.33 26.16
CA LEU E 184 -5.48 -19.34 26.38
C LEU E 184 -5.16 -18.93 27.82
N HIS E 185 -5.95 -18.02 28.40
CA HIS E 185 -5.89 -17.64 29.84
C HIS E 185 -6.29 -18.85 30.70
N GLY E 186 -7.42 -19.49 30.37
CA GLY E 186 -7.97 -20.67 31.07
C GLY E 186 -7.12 -21.93 30.89
N ARG E 187 -6.43 -22.05 29.74
CA ARG E 187 -5.62 -23.25 29.37
C ARG E 187 -4.40 -23.34 30.30
N PHE E 188 -3.63 -22.25 30.39
CA PHE E 188 -2.43 -22.11 31.27
C PHE E 188 -2.90 -21.69 32.67
N SER E 189 -3.22 -22.69 33.52
CA SER E 189 -3.79 -22.53 34.88
C SER E 189 -2.67 -22.41 35.93
N ILE E 190 -1.61 -23.21 35.79
CA ILE E 190 -0.49 -23.30 36.79
C ILE E 190 0.40 -22.07 36.61
N GLN E 191 0.55 -21.26 37.66
CA GLN E 191 1.22 -19.93 37.60
C GLN E 191 2.02 -19.64 38.88
N VAL E 192 3.11 -18.89 38.67
CA VAL E 192 4.32 -18.78 39.57
C VAL E 192 4.87 -17.36 39.46
N GLU E 193 5.32 -16.77 40.58
CA GLU E 193 6.24 -15.60 40.55
C GLU E 193 7.67 -16.03 40.89
N LEU E 194 8.62 -15.66 40.02
CA LEU E 194 10.09 -15.70 40.25
C LEU E 194 10.56 -14.27 40.55
N ARG E 195 9.91 -13.59 41.51
CA ARG E 195 10.14 -12.16 41.83
C ARG E 195 11.44 -12.04 42.63
N PRO E 196 12.14 -10.87 42.59
CA PRO E 196 13.40 -10.70 43.32
C PRO E 196 13.22 -10.61 44.85
N PHE E 197 14.33 -10.36 45.56
CA PHE E 197 14.42 -10.33 47.04
C PHE E 197 13.70 -9.08 47.57
N SER E 198 12.95 -9.23 48.67
CA SER E 198 12.06 -8.20 49.28
C SER E 198 12.73 -7.54 50.48
N TYR E 199 13.19 -8.35 51.45
CA TYR E 199 13.75 -7.89 52.76
C TYR E 199 15.25 -7.66 52.63
N ASN E 200 15.76 -6.61 53.29
CA ASN E 200 17.17 -6.13 53.21
C ASN E 200 17.91 -6.35 54.55
N GLY E 201 17.19 -6.34 55.69
CA GLY E 201 17.76 -6.38 57.05
C GLY E 201 18.75 -7.51 57.24
N GLY E 202 18.37 -8.74 56.88
CA GLY E 202 19.20 -9.96 56.99
C GLY E 202 18.43 -11.11 57.64
N ARG E 203 19.17 -12.09 58.16
CA ARG E 203 18.68 -13.33 58.83
C ARG E 203 17.43 -13.87 58.10
N GLY E 204 17.50 -13.97 56.77
CA GLY E 204 16.41 -14.42 55.89
C GLY E 204 16.92 -15.19 54.69
N VAL E 205 16.42 -14.87 53.48
CA VAL E 205 16.78 -15.54 52.20
C VAL E 205 18.01 -14.83 51.58
N PHE E 206 18.07 -13.49 51.67
CA PHE E 206 19.12 -12.63 51.08
C PHE E 206 20.48 -12.91 51.76
N LYS E 207 20.47 -13.04 53.10
CA LYS E 207 21.68 -13.28 53.94
C LYS E 207 22.28 -14.65 53.60
N THR E 208 21.46 -15.71 53.63
CA THR E 208 21.87 -17.11 53.33
C THR E 208 22.29 -17.23 51.85
N PHE E 209 21.60 -16.53 50.94
CA PHE E 209 21.95 -16.43 49.50
C PHE E 209 23.38 -15.88 49.36
N LEU E 210 23.66 -14.75 50.02
CA LEU E 210 25.01 -14.11 50.03
C LEU E 210 26.03 -15.03 50.70
N GLU E 211 25.64 -15.70 51.80
CA GLU E 211 26.52 -16.64 52.57
C GLU E 211 26.93 -17.82 51.67
N TYR E 212 25.95 -18.44 51.00
CA TYR E 212 26.17 -19.57 50.03
C TYR E 212 27.01 -19.08 48.84
N LEU E 213 26.76 -17.85 48.37
CA LEU E 213 27.53 -17.21 47.27
C LEU E 213 28.99 -17.00 47.71
N ASP E 214 29.21 -16.56 48.96
CA ASP E 214 30.57 -16.37 49.55
C ASP E 214 31.30 -17.72 49.65
N LYS E 215 30.57 -18.79 50.00
CA LYS E 215 31.11 -20.19 50.02
C LYS E 215 31.41 -20.66 48.60
N ALA E 216 30.69 -20.14 47.59
CA ALA E 216 30.86 -20.45 46.15
C ALA E 216 31.97 -19.61 45.50
N LEU E 217 32.29 -18.44 46.07
CA LEU E 217 33.35 -17.51 45.55
C LEU E 217 34.73 -18.20 45.58
N PRO E 218 35.69 -17.77 44.74
CA PRO E 218 36.96 -18.50 44.57
C PRO E 218 38.00 -18.31 45.68
N PHE E 219 37.81 -17.31 46.56
CA PHE E 219 38.78 -16.91 47.62
C PHE E 219 38.68 -17.89 48.80
N GLU E 220 39.83 -18.37 49.29
CA GLU E 220 39.94 -19.43 50.33
C GLU E 220 39.94 -18.81 51.74
N LYS E 221 39.92 -17.48 51.88
CA LYS E 221 39.99 -16.76 53.18
C LYS E 221 38.57 -16.38 53.64
N GLN E 222 37.60 -17.29 53.48
CA GLN E 222 36.24 -17.25 54.09
C GLN E 222 35.41 -16.07 53.54
N ALA E 223 34.19 -15.90 54.07
CA ALA E 223 33.19 -14.91 53.60
C ALA E 223 33.51 -13.52 54.17
N GLY E 224 33.42 -12.48 53.31
CA GLY E 224 33.48 -11.05 53.68
C GLY E 224 32.10 -10.43 53.78
N LEU E 225 31.15 -10.88 52.96
CA LEU E 225 29.75 -10.38 52.89
C LEU E 225 28.89 -11.12 53.92
N ALA E 226 27.57 -10.86 53.93
CA ALA E 226 26.56 -11.44 54.85
C ALA E 226 26.77 -10.87 56.26
N ASN E 227 27.11 -9.57 56.35
CA ASN E 227 27.29 -8.80 57.61
C ASN E 227 26.40 -7.55 57.54
N GLU E 228 25.67 -7.26 58.61
CA GLU E 228 24.69 -6.13 58.73
C GLU E 228 25.36 -4.81 58.29
N SER E 229 26.65 -4.65 58.58
CA SER E 229 27.49 -3.48 58.17
C SER E 229 27.54 -3.34 56.65
N LEU E 230 27.73 -4.44 55.92
CA LEU E 230 28.05 -4.45 54.46
C LEU E 230 26.80 -4.73 53.62
N GLN E 231 26.07 -5.82 53.93
CA GLN E 231 25.03 -6.42 53.04
C GLN E 231 23.88 -5.43 52.77
N LYS E 232 23.64 -4.47 53.67
CA LYS E 232 22.60 -3.41 53.49
C LYS E 232 22.96 -2.54 52.28
N LYS E 233 24.26 -2.24 52.07
CA LYS E 233 24.76 -1.41 50.95
C LYS E 233 24.63 -2.18 49.62
N LEU E 234 24.71 -3.52 49.65
CA LEU E 234 24.53 -4.39 48.45
C LEU E 234 23.08 -4.34 47.99
N TYR E 235 22.13 -4.32 48.94
CA TYR E 235 20.68 -4.13 48.68
C TYR E 235 20.41 -2.66 48.29
N ALA E 236 21.14 -1.72 48.91
CA ALA E 236 21.09 -0.27 48.58
C ALA E 236 21.53 -0.04 47.12
N PHE E 237 22.54 -0.80 46.66
CA PHE E 237 23.06 -0.73 45.27
C PHE E 237 22.03 -1.32 44.30
N SER E 238 21.66 -2.59 44.51
CA SER E 238 20.71 -3.38 43.68
C SER E 238 19.47 -3.71 44.52
N GLN E 239 18.33 -3.07 44.23
CA GLN E 239 17.06 -3.18 45.01
C GLN E 239 16.54 -4.62 44.91
N GLY E 240 16.27 -5.09 43.70
CA GLY E 240 15.79 -6.45 43.39
C GLY E 240 16.73 -7.19 42.44
N ASN E 241 17.01 -6.58 41.28
CA ASN E 241 17.75 -7.18 40.13
C ASN E 241 19.02 -7.90 40.63
N MET E 242 19.01 -9.24 40.61
CA MET E 242 20.16 -10.12 40.97
C MET E 242 21.31 -9.91 39.98
N ARG E 243 20.99 -9.57 38.72
CA ARG E 243 21.95 -9.18 37.65
C ARG E 243 22.95 -8.15 38.20
N SER E 244 22.43 -7.01 38.68
CA SER E 244 23.22 -5.84 39.17
C SER E 244 24.10 -6.26 40.37
N LEU E 245 23.55 -7.06 41.28
CA LEU E 245 24.28 -7.62 42.46
C LEU E 245 25.43 -8.50 41.97
N ARG E 246 25.13 -9.54 41.18
CA ARG E 246 26.12 -10.52 40.65
C ARG E 246 27.18 -9.81 39.81
N ASN E 247 26.79 -8.76 39.05
CA ASN E 247 27.71 -7.88 38.29
C ASN E 247 28.70 -7.21 39.26
N LEU E 248 28.19 -6.58 40.33
CA LEU E 248 29.03 -5.93 41.38
C LEU E 248 29.96 -6.97 42.01
N ILE E 249 29.43 -8.15 42.36
CA ILE E 249 30.19 -9.28 42.97
C ILE E 249 31.32 -9.70 42.02
N TYR E 250 31.01 -9.89 40.72
CA TYR E 250 31.97 -10.33 39.67
C TYR E 250 33.08 -9.28 39.51
N GLN E 251 32.72 -8.01 39.32
CA GLN E 251 33.67 -6.89 39.14
C GLN E 251 34.53 -6.73 40.40
N ALA E 252 33.90 -6.80 41.59
CA ALA E 252 34.57 -6.77 42.91
C ALA E 252 35.58 -7.90 43.03
N SER E 253 35.17 -9.13 42.64
CA SER E 253 36.03 -10.34 42.62
C SER E 253 37.22 -10.12 41.67
N ILE E 254 36.94 -9.78 40.41
CA ILE E 254 37.96 -9.45 39.36
C ILE E 254 39.01 -8.49 39.95
N GLU E 255 38.56 -7.42 40.61
CA GLU E 255 39.44 -6.36 41.17
C GLU E 255 40.26 -6.87 42.37
N ALA E 256 39.88 -8.01 42.97
CA ALA E 256 40.64 -8.67 44.06
C ALA E 256 41.71 -9.60 43.49
N ILE E 257 41.43 -10.29 42.37
CA ILE E 257 42.42 -11.16 41.66
C ILE E 257 43.52 -10.28 41.07
N ASP E 258 43.13 -9.23 40.32
CA ASP E 258 44.04 -8.15 39.86
C ASP E 258 44.61 -7.43 41.08
N ASN E 259 45.91 -7.12 41.07
CA ASN E 259 46.73 -6.70 42.25
C ASN E 259 46.30 -7.55 43.46
N GLN E 260 46.78 -8.81 43.50
CA GLN E 260 46.29 -9.92 44.37
C GLN E 260 46.01 -9.44 45.80
N HIS E 261 44.79 -9.74 46.31
CA HIS E 261 44.36 -9.56 47.71
C HIS E 261 43.92 -10.92 48.27
N GLU E 262 43.60 -10.97 49.57
CA GLU E 262 43.12 -12.19 50.29
C GLU E 262 41.60 -12.33 50.08
N THR E 263 40.85 -11.26 50.36
CA THR E 263 39.37 -11.18 50.23
C THR E 263 38.96 -9.91 49.47
N ILE E 264 37.67 -9.79 49.12
CA ILE E 264 37.07 -8.59 48.47
C ILE E 264 36.71 -7.58 49.57
N THR E 265 37.73 -6.88 50.08
CA THR E 265 37.62 -5.89 51.19
C THR E 265 37.05 -4.56 50.67
N GLU E 266 36.74 -3.64 51.58
CA GLU E 266 36.09 -2.33 51.28
C GLU E 266 37.13 -1.38 50.67
N GLU E 267 37.42 -1.55 49.37
CA GLU E 267 38.33 -0.70 48.57
C GLU E 267 38.09 -0.88 47.06
N ASP E 268 37.80 -2.12 46.62
CA ASP E 268 37.46 -2.46 45.20
C ASP E 268 35.96 -2.21 44.93
N PHE E 269 35.11 -2.34 45.95
CA PHE E 269 33.63 -2.18 45.84
C PHE E 269 33.27 -0.78 45.31
N VAL E 270 33.98 0.26 45.75
CA VAL E 270 33.73 1.68 45.38
C VAL E 270 33.87 1.87 43.86
N PHE E 271 34.94 1.35 43.25
CA PHE E 271 35.24 1.48 41.80
C PHE E 271 34.32 0.56 40.99
N ALA E 272 34.05 -0.65 41.50
CA ALA E 272 33.13 -1.65 40.90
C ALA E 272 31.70 -1.10 40.88
N SER E 273 31.29 -0.39 41.94
CA SER E 273 29.98 0.31 42.05
C SER E 273 29.91 1.45 41.03
N LYS E 274 30.97 2.26 40.94
CA LYS E 274 31.11 3.38 39.95
C LYS E 274 31.12 2.83 38.51
N LEU E 275 31.66 1.62 38.31
CA LEU E 275 31.77 0.96 36.98
C LEU E 275 30.38 0.59 36.46
N THR E 276 29.60 -0.17 37.26
CA THR E 276 28.28 -0.75 36.87
C THR E 276 27.14 0.11 37.45
N SER E 277 27.22 1.44 37.30
CA SER E 277 26.16 2.41 37.66
C SER E 277 25.71 3.19 36.42
N GLY E 278 25.57 2.48 35.28
CA GLY E 278 25.11 3.03 33.98
C GLY E 278 23.63 2.78 33.76
N ASP E 279 23.15 1.58 34.12
CA ASP E 279 21.73 1.14 33.93
C ASP E 279 20.81 1.75 34.99
N LYS E 280 21.37 2.27 36.09
CA LYS E 280 20.59 2.83 37.23
C LYS E 280 20.00 4.19 36.84
N PRO E 281 18.79 4.56 37.33
CA PRO E 281 18.23 5.90 37.08
C PRO E 281 19.02 7.05 37.71
N ASN E 282 18.76 8.27 37.26
CA ASN E 282 19.40 9.53 37.75
C ASN E 282 18.98 9.79 39.22
N SER E 283 17.74 9.44 39.58
CA SER E 283 17.17 9.59 40.94
C SER E 283 17.89 8.68 41.94
N TRP E 284 18.32 7.49 41.50
CA TRP E 284 19.05 6.48 42.31
C TRP E 284 20.39 7.06 42.78
N LYS E 285 20.77 6.77 44.04
CA LYS E 285 22.02 7.27 44.69
C LYS E 285 22.99 6.10 44.91
N ASN E 286 24.29 6.37 44.75
CA ASN E 286 25.39 5.39 44.96
C ASN E 286 25.81 5.43 46.44
N PRO E 287 25.65 4.33 47.20
CA PRO E 287 26.05 4.32 48.62
C PRO E 287 27.57 4.26 48.84
N PHE E 288 28.32 3.69 47.90
CA PHE E 288 29.78 3.41 48.00
C PHE E 288 30.62 4.63 47.59
N GLU E 289 30.07 5.54 46.77
CA GLU E 289 30.82 6.64 46.08
C GLU E 289 31.68 7.44 47.07
N GLU E 290 31.13 7.77 48.25
CA GLU E 290 31.79 8.57 49.31
C GLU E 290 31.32 8.08 50.68
N GLY E 291 31.73 8.75 51.77
CA GLY E 291 31.20 8.53 53.12
C GLY E 291 29.76 8.96 53.25
N VAL E 292 28.84 8.20 52.63
CA VAL E 292 27.37 8.47 52.57
C VAL E 292 26.65 7.30 53.23
N GLU E 293 26.12 7.50 54.44
CA GLU E 293 25.41 6.46 55.25
C GLU E 293 24.08 6.14 54.55
N VAL E 294 23.81 4.86 54.30
CA VAL E 294 22.57 4.36 53.62
C VAL E 294 21.35 4.73 54.47
N THR E 295 20.27 5.18 53.81
CA THR E 295 19.00 5.62 54.44
C THR E 295 17.97 4.49 54.35
N GLU E 296 17.19 4.29 55.41
CA GLU E 296 16.23 3.15 55.58
C GLU E 296 15.08 3.27 54.57
N ASP E 297 14.65 4.51 54.26
CA ASP E 297 13.52 4.81 53.33
C ASP E 297 13.87 4.32 51.91
N MET E 298 15.16 4.40 51.52
CA MET E 298 15.67 3.94 50.19
C MET E 298 15.60 2.41 50.09
N LEU E 299 15.70 1.70 51.22
CA LEU E 299 15.71 0.21 51.28
C LEU E 299 14.28 -0.33 51.53
N ARG E 300 13.27 0.30 50.91
CA ARG E 300 11.88 -0.22 50.85
C ARG E 300 11.85 -1.38 49.86
N PRO E 301 10.92 -2.36 49.99
CA PRO E 301 10.86 -3.48 49.06
C PRO E 301 10.41 -3.04 47.67
N PRO E 302 10.75 -3.79 46.58
CA PRO E 302 10.43 -3.36 45.22
C PRO E 302 8.93 -3.38 44.96
N PRO E 303 8.42 -2.51 44.06
CA PRO E 303 6.97 -2.40 43.84
C PRO E 303 6.37 -3.65 43.17
N LYS E 304 5.06 -3.87 43.38
CA LYS E 304 4.32 -5.05 42.85
C LYS E 304 4.30 -5.00 41.31
N ASP E 305 4.31 -3.79 40.74
CA ASP E 305 4.45 -3.52 39.28
C ASP E 305 5.94 -3.32 38.97
N ILE E 306 6.76 -4.35 39.18
CA ILE E 306 8.26 -4.31 39.01
C ILE E 306 8.61 -4.34 37.52
N GLY E 307 7.95 -5.22 36.73
CA GLY E 307 8.22 -5.42 35.29
C GLY E 307 7.05 -4.95 34.43
N TRP E 308 6.38 -3.87 34.84
CA TRP E 308 5.23 -3.24 34.12
C TRP E 308 5.62 -1.86 33.56
N GLU E 309 6.81 -1.35 33.88
CA GLU E 309 7.27 0.03 33.52
C GLU E 309 7.16 0.23 32.01
N ASP E 310 7.70 -0.72 31.23
CA ASP E 310 7.71 -0.71 29.74
C ASP E 310 6.27 -0.63 29.19
N TYR E 311 5.31 -1.27 29.88
CA TYR E 311 3.87 -1.27 29.50
C TYR E 311 3.21 0.04 29.92
N LEU E 312 3.56 0.55 31.11
CA LEU E 312 2.97 1.79 31.71
C LEU E 312 3.60 3.05 31.09
N ARG E 313 4.66 2.92 30.28
CA ARG E 313 5.21 4.02 29.43
C ARG E 313 4.10 4.56 28.51
N HIS E 314 3.41 3.67 27.80
CA HIS E 314 2.29 3.98 26.87
C HIS E 314 0.95 3.66 27.54
N THR F 4 56.82 20.34 0.01
CA THR F 4 55.94 20.01 1.17
C THR F 4 56.36 18.68 1.79
N ARG F 5 56.47 17.62 0.96
CA ARG F 5 56.88 16.24 1.33
C ARG F 5 55.71 15.51 2.00
N GLU F 6 55.41 14.29 1.55
CA GLU F 6 54.22 13.50 1.96
C GLU F 6 54.32 13.07 3.42
N ALA F 7 55.53 12.73 3.90
CA ALA F 7 55.81 12.19 5.25
C ALA F 7 55.49 13.23 6.33
N ARG F 8 55.88 14.49 6.10
CA ARG F 8 55.68 15.63 7.05
C ARG F 8 54.18 15.90 7.21
N ILE F 9 53.42 15.92 6.10
CA ILE F 9 51.95 16.17 6.07
C ILE F 9 51.24 14.95 6.67
N SER F 10 51.69 13.74 6.32
CA SER F 10 51.23 12.44 6.88
C SER F 10 51.37 12.46 8.42
N ARG F 11 52.55 12.82 8.92
CA ARG F 11 52.88 12.86 10.37
C ARG F 11 52.17 14.06 11.03
N ALA F 12 51.95 15.15 10.29
CA ALA F 12 51.19 16.34 10.76
C ALA F 12 49.72 15.95 10.97
N LYS F 13 49.14 15.14 10.07
CA LYS F 13 47.75 14.63 10.18
C LYS F 13 47.68 13.55 11.26
N ARG F 14 48.56 12.53 11.18
CA ARG F 14 48.67 11.44 12.19
C ARG F 14 49.60 11.88 13.32
N ALA F 15 49.10 12.76 14.21
CA ALA F 15 49.78 13.26 15.42
C ALA F 15 48.92 12.92 16.65
N PHE F 16 48.71 11.64 16.89
CA PHE F 16 47.82 11.10 17.96
C PHE F 16 48.53 11.15 19.32
N VAL F 17 47.90 11.81 20.29
CA VAL F 17 48.27 11.79 21.73
C VAL F 17 47.04 11.38 22.55
N SER F 18 47.25 10.71 23.68
CA SER F 18 46.21 10.05 24.51
C SER F 18 45.85 10.91 25.73
N THR F 19 44.60 11.35 25.81
CA THR F 19 43.98 12.02 26.99
C THR F 19 43.56 10.93 27.97
N PRO F 20 43.55 11.17 29.31
CA PRO F 20 43.18 10.14 30.29
C PRO F 20 41.86 9.39 30.02
N SER F 21 40.87 10.07 29.43
CA SER F 21 39.57 9.50 28.99
C SER F 21 39.81 8.36 27.99
N VAL F 22 40.67 8.59 26.99
CA VAL F 22 41.06 7.59 25.95
C VAL F 22 41.76 6.40 26.64
N ARG F 23 42.71 6.67 27.54
CA ARG F 23 43.47 5.65 28.32
C ARG F 23 42.50 4.81 29.15
N LYS F 24 41.49 5.45 29.77
CA LYS F 24 40.42 4.78 30.56
C LYS F 24 39.61 3.86 29.63
N ILE F 25 39.19 4.36 28.46
CA ILE F 25 38.40 3.59 27.44
C ILE F 25 39.22 2.39 26.97
N LEU F 26 40.50 2.60 26.62
CA LEU F 26 41.45 1.53 26.18
C LEU F 26 41.60 0.47 27.27
N SER F 27 41.75 0.89 28.53
CA SER F 27 41.85 0.01 29.73
C SER F 27 40.55 -0.78 29.90
N TYR F 28 39.39 -0.11 29.80
CA TYR F 28 38.03 -0.68 29.93
C TYR F 28 37.78 -1.70 28.81
N MET F 29 38.22 -1.41 27.58
CA MET F 29 38.15 -2.33 26.41
C MET F 29 38.99 -3.59 26.69
N ASP F 30 40.27 -3.38 27.05
CA ASP F 30 41.24 -4.46 27.40
C ASP F 30 40.66 -5.34 28.51
N ARG F 31 40.11 -4.71 29.55
CA ARG F 31 39.38 -5.38 30.67
C ARG F 31 38.23 -6.21 30.07
N CYS F 32 37.27 -5.54 29.43
CA CYS F 32 36.02 -6.12 28.86
C CYS F 32 36.33 -7.31 27.93
N ARG F 33 37.46 -7.26 27.20
CA ARG F 33 37.96 -8.38 26.36
C ARG F 33 38.46 -9.52 27.26
N ASP F 34 39.35 -9.20 28.22
CA ASP F 34 40.06 -10.20 29.08
C ASP F 34 39.08 -10.90 30.03
N LEU F 35 37.99 -10.23 30.44
CA LEU F 35 37.03 -10.76 31.46
C LEU F 35 36.28 -11.98 30.89
N SER F 36 35.58 -11.81 29.77
CA SER F 36 34.73 -12.85 29.13
C SER F 36 35.60 -14.01 28.61
N ASP F 37 35.18 -15.25 28.87
CA ASP F 37 35.93 -16.50 28.54
C ASP F 37 35.22 -17.26 27.40
N LEU F 38 34.23 -16.63 26.74
CA LEU F 38 33.45 -17.19 25.60
C LEU F 38 32.76 -18.50 26.02
N GLU F 39 32.11 -18.49 27.19
CA GLU F 39 31.39 -19.66 27.78
C GLU F 39 30.12 -19.17 28.49
N SER F 40 30.27 -18.33 29.52
CA SER F 40 29.16 -17.68 30.27
C SER F 40 28.78 -16.36 29.59
N GLU F 41 27.72 -15.71 30.10
CA GLU F 41 27.20 -14.40 29.60
C GLU F 41 28.30 -13.34 29.71
N PRO F 42 28.58 -12.55 28.65
CA PRO F 42 29.68 -11.57 28.69
C PRO F 42 29.34 -10.33 29.53
N THR F 43 30.38 -9.57 29.91
CA THR F 43 30.30 -8.37 30.77
C THR F 43 29.61 -7.22 30.02
N CYS F 44 30.03 -6.98 28.77
CA CYS F 44 29.49 -5.96 27.83
C CYS F 44 29.90 -4.54 28.28
N MET F 45 29.66 -3.54 27.42
CA MET F 45 30.07 -2.13 27.65
C MET F 45 29.30 -1.20 26.70
N MET F 46 29.19 0.09 27.03
CA MET F 46 28.67 1.14 26.11
C MET F 46 29.42 2.47 26.32
N VAL F 47 29.96 3.04 25.25
CA VAL F 47 30.62 4.38 25.20
C VAL F 47 29.62 5.40 24.64
N TYR F 48 29.59 6.60 25.22
CA TYR F 48 28.65 7.71 24.88
C TYR F 48 29.37 8.72 23.97
N GLY F 49 30.21 9.58 24.55
CA GLY F 49 30.99 10.60 23.83
C GLY F 49 30.12 11.73 23.31
N ALA F 50 30.40 12.22 22.10
CA ALA F 50 29.66 13.29 21.40
C ALA F 50 30.01 13.29 19.91
N SER F 51 29.46 14.25 19.15
CA SER F 51 29.70 14.43 17.69
C SER F 51 31.12 14.95 17.44
N GLY F 52 32.04 14.05 17.05
CA GLY F 52 33.42 14.39 16.67
C GLY F 52 34.28 14.71 17.88
N VAL F 53 34.64 13.69 18.68
CA VAL F 53 35.55 13.79 19.86
C VAL F 53 36.79 12.91 19.58
N GLY F 54 36.58 11.61 19.34
CA GLY F 54 37.62 10.67 18.85
C GLY F 54 37.26 9.20 18.99
N LYS F 55 35.98 8.85 18.81
CA LYS F 55 35.44 7.47 19.04
C LYS F 55 36.08 6.52 18.04
N THR F 56 36.00 6.84 16.74
CA THR F 56 36.60 6.07 15.61
C THR F 56 38.12 5.99 15.81
N THR F 57 38.76 7.09 16.21
CA THR F 57 40.23 7.19 16.43
C THR F 57 40.66 6.25 17.56
N VAL F 58 39.90 6.24 18.67
CA VAL F 58 40.09 5.31 19.82
C VAL F 58 39.94 3.85 19.33
N ILE F 59 38.93 3.58 18.49
CA ILE F 59 38.66 2.22 17.91
C ILE F 59 39.85 1.81 17.03
N LYS F 60 40.33 2.70 16.15
CA LYS F 60 41.48 2.47 15.25
C LYS F 60 42.76 2.25 16.09
N LYS F 61 42.98 3.08 17.11
CA LYS F 61 44.14 2.97 18.04
C LYS F 61 44.13 1.59 18.72
N TYR F 62 42.94 1.12 19.17
CA TYR F 62 42.73 -0.20 19.80
C TYR F 62 42.96 -1.31 18.77
N LEU F 63 42.42 -1.15 17.55
CA LEU F 63 42.56 -2.12 16.42
C LEU F 63 44.04 -2.30 16.05
N ASN F 64 44.80 -1.20 15.99
CA ASN F 64 46.24 -1.18 15.61
C ASN F 64 47.06 -2.01 16.60
N GLN F 65 46.87 -1.80 17.91
CA GLN F 65 47.65 -2.48 18.98
C GLN F 65 47.18 -3.93 19.14
N ASN F 66 45.88 -4.22 18.94
CA ASN F 66 45.25 -5.54 19.19
C ASN F 66 45.36 -6.44 17.96
N ARG F 67 44.73 -6.05 16.84
CA ARG F 67 44.39 -6.92 15.69
C ARG F 67 45.61 -7.21 14.80
N ARG F 68 46.65 -6.36 14.83
CA ARG F 68 47.80 -6.37 13.90
C ARG F 68 48.47 -7.74 13.85
N GLU F 69 49.03 -8.20 14.97
CA GLU F 69 49.84 -9.44 15.09
C GLU F 69 48.97 -10.68 14.82
N SER F 70 47.71 -10.67 15.29
CA SER F 70 46.72 -11.76 15.11
C SER F 70 46.33 -11.89 13.63
N GLU F 71 46.02 -10.76 12.98
CA GLU F 71 45.64 -10.68 11.54
C GLU F 71 46.84 -11.05 10.65
N ALA F 72 48.05 -10.67 11.06
CA ALA F 72 49.33 -10.96 10.36
C ALA F 72 49.57 -12.47 10.28
N GLY F 73 49.19 -13.21 11.33
CA GLY F 73 49.32 -14.68 11.42
C GLY F 73 48.51 -15.40 10.35
N GLY F 74 47.23 -15.04 10.21
CA GLY F 74 46.31 -15.62 9.22
C GLY F 74 44.87 -15.16 9.41
N ASP F 75 43.91 -15.99 8.99
CA ASP F 75 42.45 -15.70 9.09
C ASP F 75 41.99 -15.99 10.53
N ILE F 76 42.15 -15.00 11.42
CA ILE F 76 41.74 -15.06 12.86
C ILE F 76 40.79 -13.89 13.14
N ILE F 77 41.25 -12.65 12.90
CA ILE F 77 40.53 -11.36 13.13
C ILE F 77 39.75 -11.41 14.45
N PRO F 78 40.45 -11.29 15.61
CA PRO F 78 39.80 -11.38 16.93
C PRO F 78 38.76 -10.29 17.22
N VAL F 79 38.93 -9.09 16.65
CA VAL F 79 38.07 -7.88 16.89
C VAL F 79 37.52 -7.38 15.54
N LEU F 80 36.30 -6.82 15.57
CA LEU F 80 35.54 -6.34 14.37
C LEU F 80 35.40 -4.81 14.42
N HIS F 81 34.90 -4.21 13.34
CA HIS F 81 34.50 -2.78 13.23
C HIS F 81 33.21 -2.68 12.41
N ILE F 82 32.08 -2.50 13.09
CA ILE F 82 30.70 -2.49 12.49
C ILE F 82 30.20 -1.04 12.44
N GLU F 83 29.27 -0.75 11.52
CA GLU F 83 28.63 0.59 11.36
C GLU F 83 27.23 0.40 10.77
N LEU F 84 26.20 0.32 11.64
CA LEU F 84 24.77 0.03 11.31
C LEU F 84 24.24 1.08 10.34
N PRO F 85 23.53 0.71 9.24
CA PRO F 85 23.02 1.70 8.28
C PRO F 85 21.92 2.62 8.81
N ASP F 86 21.45 3.55 7.97
CA ASP F 86 20.38 4.53 8.28
C ASP F 86 19.02 3.80 8.31
N ASN F 87 18.28 3.94 9.41
CA ASN F 87 17.05 3.16 9.73
C ASN F 87 17.40 1.67 9.65
N ALA F 88 18.35 1.23 10.48
CA ALA F 88 18.93 -0.14 10.50
C ALA F 88 17.84 -1.17 10.83
N LYS F 89 17.91 -2.34 10.20
CA LYS F 89 17.06 -3.53 10.46
C LYS F 89 17.98 -4.70 10.80
N PRO F 90 17.48 -5.75 11.50
CA PRO F 90 18.33 -6.87 11.92
C PRO F 90 19.01 -7.60 10.74
N VAL F 91 18.30 -7.72 9.61
CA VAL F 91 18.84 -8.28 8.32
C VAL F 91 20.11 -7.51 7.93
N ASP F 92 20.04 -6.17 7.91
CA ASP F 92 21.13 -5.28 7.41
C ASP F 92 22.33 -5.31 8.37
N ALA F 93 22.07 -5.31 9.68
CA ALA F 93 23.09 -5.41 10.75
C ALA F 93 23.84 -6.74 10.63
N ALA F 94 23.08 -7.85 10.56
CA ALA F 94 23.61 -9.24 10.44
C ALA F 94 24.37 -9.41 9.12
N ARG F 95 23.83 -8.84 8.03
CA ARG F 95 24.47 -8.80 6.68
C ARG F 95 25.86 -8.15 6.79
N GLU F 96 25.95 -6.99 7.47
CA GLU F 96 27.23 -6.28 7.73
C GLU F 96 28.14 -7.14 8.61
N LEU F 97 27.64 -7.60 9.76
CA LEU F 97 28.38 -8.46 10.73
C LEU F 97 29.08 -9.61 9.99
N LEU F 98 28.42 -10.20 8.98
CA LEU F 98 29.00 -11.26 8.11
C LEU F 98 30.01 -10.65 7.13
N VAL F 99 29.67 -9.55 6.47
CA VAL F 99 30.49 -8.90 5.39
C VAL F 99 31.88 -8.57 5.93
N GLU F 100 31.95 -7.88 7.08
CA GLU F 100 33.23 -7.45 7.72
C GLU F 100 34.01 -8.68 8.22
N MET F 101 33.31 -9.70 8.71
CA MET F 101 33.92 -10.94 9.27
C MET F 101 34.26 -11.90 8.13
N GLY F 102 35.43 -11.70 7.50
CA GLY F 102 36.07 -12.63 6.54
C GLY F 102 35.21 -12.91 5.32
N ASP F 103 34.20 -13.79 5.48
CA ASP F 103 33.35 -14.36 4.40
C ASP F 103 32.62 -13.22 3.67
N PRO F 104 32.84 -13.05 2.34
CA PRO F 104 32.10 -12.06 1.55
C PRO F 104 30.70 -12.51 1.10
N LEU F 105 30.39 -13.81 1.25
CA LEU F 105 29.10 -14.44 0.85
C LEU F 105 28.00 -14.11 1.88
N ALA F 106 26.77 -14.57 1.62
CA ALA F 106 25.57 -14.43 2.47
C ALA F 106 25.03 -12.99 2.39
N LEU F 107 25.15 -12.35 1.23
CA LEU F 107 24.60 -10.99 0.94
C LEU F 107 23.71 -10.98 -0.32
N TYR F 108 23.59 -12.10 -1.04
CA TYR F 108 22.87 -12.20 -2.34
C TYR F 108 21.37 -12.35 -2.08
N GLU F 109 20.98 -13.41 -1.35
CA GLU F 109 19.57 -13.73 -1.03
C GLU F 109 19.49 -14.45 0.33
N THR F 110 19.39 -13.66 1.41
CA THR F 110 19.20 -14.11 2.81
C THR F 110 18.26 -13.14 3.53
N ASP F 111 17.21 -13.65 4.19
CA ASP F 111 16.14 -12.85 4.83
C ASP F 111 15.85 -13.42 6.23
N LEU F 112 16.77 -13.18 7.18
CA LEU F 112 16.66 -13.50 8.63
C LEU F 112 16.18 -14.94 8.82
N ALA F 113 16.96 -15.92 8.35
CA ALA F 113 16.63 -17.37 8.38
C ALA F 113 17.88 -18.18 8.78
N ARG F 114 18.85 -18.31 7.87
CA ARG F 114 20.05 -19.19 8.00
C ARG F 114 21.33 -18.37 8.23
N LEU F 115 21.32 -17.06 7.95
CA LEU F 115 22.47 -16.14 8.14
C LEU F 115 22.83 -16.06 9.63
N THR F 116 21.83 -16.03 10.52
CA THR F 116 22.00 -15.97 12.00
C THR F 116 22.66 -17.25 12.50
N LYS F 117 22.19 -18.40 12.02
CA LYS F 117 22.69 -19.76 12.37
C LYS F 117 24.17 -19.89 11.96
N ARG F 118 24.50 -19.52 10.73
CA ARG F 118 25.88 -19.64 10.16
C ARG F 118 26.80 -18.63 10.87
N LEU F 119 26.31 -17.41 11.15
CA LEU F 119 27.04 -16.35 11.89
C LEU F 119 27.38 -16.85 13.31
N THR F 120 26.40 -17.39 14.02
CA THR F 120 26.56 -17.96 15.40
C THR F 120 27.44 -19.22 15.37
N GLU F 121 27.47 -19.94 14.24
CA GLU F 121 28.31 -21.16 14.05
C GLU F 121 29.76 -20.79 13.74
N LEU F 122 29.99 -19.75 12.92
CA LEU F 122 31.34 -19.38 12.40
C LEU F 122 32.08 -18.45 13.37
N ILE F 123 31.37 -17.69 14.21
CA ILE F 123 31.97 -16.71 15.19
C ILE F 123 32.93 -17.45 16.13
N PRO F 124 32.55 -18.58 16.77
CA PRO F 124 33.51 -19.40 17.52
C PRO F 124 34.66 -19.98 16.69
N ALA F 125 34.38 -20.40 15.45
CA ALA F 125 35.32 -21.08 14.53
C ALA F 125 36.44 -20.12 14.10
N VAL F 126 36.08 -18.94 13.59
CA VAL F 126 37.05 -17.88 13.13
C VAL F 126 37.81 -17.34 14.36
N GLY F 127 37.16 -17.24 15.52
CA GLY F 127 37.79 -16.89 16.81
C GLY F 127 37.65 -15.41 17.13
N VAL F 128 36.40 -14.91 17.20
CA VAL F 128 36.07 -13.51 17.61
C VAL F 128 36.08 -13.45 19.14
N LYS F 129 36.85 -12.54 19.72
CA LYS F 129 36.98 -12.34 21.20
C LYS F 129 36.26 -11.07 21.66
N LEU F 130 35.79 -10.23 20.73
CA LEU F 130 35.12 -8.92 21.03
C LEU F 130 34.48 -8.38 19.74
N ILE F 131 33.38 -7.62 19.87
CA ILE F 131 32.67 -6.93 18.73
C ILE F 131 32.59 -5.43 19.06
N ILE F 132 33.21 -4.57 18.24
CA ILE F 132 33.21 -3.09 18.40
C ILE F 132 32.21 -2.48 17.41
N ILE F 133 30.95 -2.35 17.82
CA ILE F 133 29.87 -1.66 17.03
C ILE F 133 30.00 -0.15 17.29
N ASP F 134 29.90 0.66 16.23
CA ASP F 134 30.33 2.08 16.20
C ASP F 134 29.14 3.05 16.15
N GLU F 135 27.98 2.61 15.64
CA GLU F 135 26.87 3.50 15.18
C GLU F 135 25.54 3.04 15.76
N PHE F 136 24.84 3.93 16.49
CA PHE F 136 23.45 3.75 16.97
C PHE F 136 22.61 5.03 16.83
N GLN F 137 23.13 6.10 16.19
CA GLN F 137 22.39 7.36 15.95
C GLN F 137 21.20 7.11 15.02
N HIS F 138 21.30 6.09 14.15
CA HIS F 138 20.32 5.74 13.09
C HIS F 138 19.05 5.10 13.68
N LEU F 139 19.16 4.35 14.78
CA LEU F 139 18.03 3.57 15.39
C LEU F 139 16.91 4.52 15.83
N VAL F 140 17.26 5.72 16.30
CA VAL F 140 16.29 6.83 16.56
C VAL F 140 15.95 7.48 15.21
N GLU F 141 14.66 7.67 14.92
CA GLU F 141 14.16 8.19 13.63
C GLU F 141 14.42 9.70 13.56
N GLU F 142 14.57 10.23 12.35
CA GLU F 142 14.99 11.64 12.08
C GLU F 142 13.86 12.60 12.47
N ARG F 143 12.68 12.45 11.86
CA ARG F 143 11.50 13.35 12.07
C ARG F 143 10.74 12.90 13.31
N SER F 144 10.24 11.65 13.31
CA SER F 144 9.43 11.06 14.41
C SER F 144 10.30 10.80 15.64
N ASN F 145 9.69 10.77 16.83
CA ASN F 145 10.36 10.55 18.14
C ASN F 145 10.45 9.04 18.43
N ARG F 146 9.92 8.19 17.55
CA ARG F 146 10.00 6.70 17.63
C ARG F 146 11.46 6.24 17.58
N VAL F 147 11.75 5.08 18.16
CA VAL F 147 13.07 4.37 18.12
C VAL F 147 12.81 2.89 17.82
N LEU F 148 13.45 2.34 16.78
CA LEU F 148 13.29 0.92 16.37
C LEU F 148 14.04 0.04 17.37
N THR F 149 13.38 -1.03 17.85
CA THR F 149 13.89 -1.97 18.88
C THR F 149 14.35 -3.30 18.25
N GLN F 150 13.85 -3.63 17.05
CA GLN F 150 14.11 -4.90 16.32
C GLN F 150 15.60 -5.27 16.37
N VAL F 151 16.48 -4.30 16.08
CA VAL F 151 17.96 -4.47 16.03
C VAL F 151 18.47 -4.76 17.45
N GLY F 152 18.06 -3.95 18.43
CA GLY F 152 18.41 -4.11 19.87
C GLY F 152 17.98 -5.47 20.41
N ASN F 153 16.82 -5.96 19.98
CA ASN F 153 16.26 -7.29 20.33
C ASN F 153 17.12 -8.37 19.66
N TRP F 154 17.42 -8.23 18.36
CA TRP F 154 18.26 -9.18 17.59
C TRP F 154 19.66 -9.28 18.23
N LEU F 155 20.23 -8.13 18.63
CA LEU F 155 21.50 -8.05 19.40
C LEU F 155 21.36 -8.80 20.73
N LYS F 156 20.24 -8.61 21.43
CA LYS F 156 19.88 -9.33 22.68
C LYS F 156 19.87 -10.84 22.43
N MET F 157 19.27 -11.29 21.31
CA MET F 157 19.07 -12.72 20.98
C MET F 157 20.42 -13.36 20.61
N ILE F 158 21.18 -12.75 19.69
CA ILE F 158 22.52 -13.25 19.25
C ILE F 158 23.49 -13.24 20.45
N LEU F 159 23.36 -12.27 21.37
CA LEU F 159 24.15 -12.21 22.62
C LEU F 159 23.75 -13.36 23.55
N ASN F 160 22.46 -13.73 23.59
CA ASN F 160 21.96 -14.92 24.33
C ASN F 160 22.48 -16.20 23.69
N LYS F 161 22.46 -16.30 22.35
CA LYS F 161 22.90 -17.50 21.59
C LYS F 161 24.42 -17.66 21.71
N THR F 162 25.21 -16.74 21.13
CA THR F 162 26.69 -16.76 21.12
C THR F 162 27.21 -15.71 22.11
N LYS F 163 28.22 -16.06 22.92
CA LYS F 163 28.77 -15.23 24.01
C LYS F 163 30.02 -14.48 23.50
N CYS F 164 29.94 -13.14 23.45
CA CYS F 164 31.02 -12.23 22.98
C CYS F 164 30.78 -10.82 23.53
N PRO F 165 31.81 -10.13 24.08
CA PRO F 165 31.66 -8.74 24.50
C PRO F 165 31.38 -7.77 23.34
N ILE F 166 30.43 -6.85 23.53
CA ILE F 166 30.01 -5.82 22.55
C ILE F 166 30.18 -4.43 23.18
N VAL F 167 30.77 -3.48 22.44
CA VAL F 167 31.23 -2.14 22.94
C VAL F 167 30.17 -1.07 22.61
N ILE F 168 29.49 -1.18 21.46
CA ILE F 168 28.32 -0.35 21.04
C ILE F 168 28.56 1.15 21.31
N PHE F 169 29.43 1.79 20.53
CA PHE F 169 29.62 3.27 20.52
C PHE F 169 28.36 3.92 19.93
N GLY F 170 27.97 5.08 20.46
CA GLY F 170 26.80 5.86 19.98
C GLY F 170 26.64 7.17 20.75
N MET F 171 26.16 8.22 20.08
CA MET F 171 25.98 9.59 20.62
C MET F 171 25.13 9.55 21.88
N PRO F 172 25.29 10.52 22.82
CA PRO F 172 24.65 10.43 24.14
C PRO F 172 23.11 10.42 24.13
N TYR F 173 22.48 10.89 23.04
CA TYR F 173 21.00 10.84 22.83
C TYR F 173 20.56 9.42 22.48
N SER F 174 21.49 8.53 22.10
CA SER F 174 21.22 7.10 21.77
C SER F 174 20.86 6.30 23.03
N LYS F 175 21.11 6.83 24.24
CA LYS F 175 20.70 6.21 25.54
C LYS F 175 19.25 5.74 25.48
N VAL F 176 18.37 6.52 24.84
CA VAL F 176 16.92 6.22 24.62
C VAL F 176 16.77 4.81 24.04
N VAL F 177 17.63 4.41 23.10
CA VAL F 177 17.63 3.06 22.44
C VAL F 177 17.62 1.98 23.52
N LEU F 178 18.44 2.13 24.56
CA LEU F 178 18.50 1.18 25.72
C LEU F 178 17.25 1.35 26.59
N GLN F 179 16.85 2.61 26.88
CA GLN F 179 15.75 2.94 27.83
C GLN F 179 14.42 2.28 27.39
N ALA F 180 14.23 2.04 26.09
CA ALA F 180 13.02 1.39 25.51
C ALA F 180 12.90 -0.05 26.04
N ASN F 181 13.86 -0.91 25.71
CA ASN F 181 13.85 -2.36 26.07
C ASN F 181 14.57 -2.54 27.42
N SER F 182 13.91 -3.19 28.39
CA SER F 182 14.30 -3.23 29.82
C SER F 182 15.69 -3.87 30.00
N GLN F 183 15.84 -5.14 29.64
CA GLN F 183 17.08 -5.93 29.89
C GLN F 183 18.20 -5.53 28.91
N LEU F 184 17.86 -4.88 27.79
CA LEU F 184 18.86 -4.26 26.85
C LEU F 184 19.59 -3.14 27.60
N HIS F 185 18.88 -2.36 28.41
CA HIS F 185 19.45 -1.38 29.37
C HIS F 185 20.17 -2.13 30.49
N GLY F 186 19.56 -3.20 31.00
CA GLY F 186 20.10 -4.07 32.07
C GLY F 186 21.40 -4.76 31.70
N ARG F 187 21.51 -5.29 30.48
CA ARG F 187 22.66 -6.13 30.03
C ARG F 187 23.92 -5.27 29.92
N PHE F 188 23.84 -4.16 29.17
CA PHE F 188 24.93 -3.17 28.99
C PHE F 188 25.02 -2.30 30.25
N SER F 189 25.65 -2.85 31.29
CA SER F 189 25.74 -2.26 32.66
C SER F 189 26.92 -1.27 32.75
N ILE F 190 28.11 -1.69 32.28
CA ILE F 190 29.36 -0.87 32.34
C ILE F 190 29.25 0.25 31.30
N GLN F 191 29.45 1.50 31.75
CA GLN F 191 29.21 2.72 30.92
C GLN F 191 30.21 3.82 31.25
N VAL F 192 30.45 4.67 30.24
CA VAL F 192 31.65 5.54 30.07
C VAL F 192 31.19 6.85 29.39
N GLU F 193 31.74 8.00 29.81
CA GLU F 193 31.73 9.23 28.95
C GLU F 193 33.11 9.47 28.33
N LEU F 194 33.14 9.65 27.00
CA LEU F 194 34.30 10.16 26.22
C LEU F 194 34.00 11.62 25.84
N ARG F 195 33.63 12.44 26.82
CA ARG F 195 33.19 13.86 26.61
C ARG F 195 34.41 14.72 26.31
N PRO F 196 34.26 15.88 25.60
CA PRO F 196 35.40 16.74 25.29
C PRO F 196 35.94 17.51 26.50
N PHE F 197 36.90 18.41 26.25
CA PHE F 197 37.63 19.21 27.28
C PHE F 197 36.68 20.26 27.87
N SER F 198 36.78 20.47 29.19
CA SER F 198 35.87 21.33 30.00
C SER F 198 36.56 22.66 30.34
N TYR F 199 37.74 22.60 30.97
CA TYR F 199 38.49 23.78 31.49
C TYR F 199 39.40 24.34 30.38
N ASN F 200 39.46 25.68 30.28
CA ASN F 200 40.18 26.44 29.22
C ASN F 200 41.40 27.18 29.79
N GLY F 201 41.41 27.51 31.09
CA GLY F 201 42.45 28.33 31.76
C GLY F 201 43.85 27.81 31.51
N GLY F 202 44.06 26.50 31.68
CA GLY F 202 45.35 25.80 31.44
C GLY F 202 45.76 24.95 32.64
N ARG F 203 47.06 24.65 32.75
CA ARG F 203 47.71 23.84 33.81
C ARG F 203 46.81 22.64 34.18
N GLY F 204 46.30 21.92 33.17
CA GLY F 204 45.38 20.79 33.32
C GLY F 204 45.59 19.73 32.24
N VAL F 205 44.50 19.30 31.59
CA VAL F 205 44.51 18.24 30.53
C VAL F 205 44.69 18.90 29.15
N PHE F 206 44.06 20.06 28.92
CA PHE F 206 44.07 20.81 27.64
C PHE F 206 45.48 21.30 27.33
N LYS F 207 46.17 21.87 28.33
CA LYS F 207 47.55 22.42 28.22
C LYS F 207 48.53 21.31 27.83
N THR F 208 48.55 20.21 28.60
CA THR F 208 49.45 19.04 28.39
C THR F 208 49.10 18.36 27.06
N PHE F 209 47.82 18.29 26.70
CA PHE F 209 47.33 17.76 25.39
C PHE F 209 47.97 18.56 24.24
N LEU F 210 47.88 19.90 24.31
CA LEU F 210 48.48 20.82 23.31
C LEU F 210 50.01 20.74 23.34
N GLU F 211 50.60 20.58 24.54
CA GLU F 211 52.07 20.45 24.74
C GLU F 211 52.58 19.17 24.06
N TYR F 212 51.94 18.03 24.32
CA TYR F 212 52.24 16.71 23.71
C TYR F 212 52.00 16.77 22.18
N LEU F 213 50.92 17.42 21.76
CA LEU F 213 50.57 17.64 20.32
C LEU F 213 51.69 18.45 19.65
N ASP F 214 52.14 19.55 20.28
CA ASP F 214 53.26 20.41 19.80
C ASP F 214 54.57 19.61 19.77
N LYS F 215 54.76 18.67 20.70
CA LYS F 215 55.93 17.74 20.72
C LYS F 215 55.81 16.76 19.55
N ALA F 216 54.58 16.39 19.16
CA ALA F 216 54.27 15.45 18.05
C ALA F 216 54.28 16.16 16.69
N LEU F 217 54.11 17.50 16.64
CA LEU F 217 54.09 18.30 15.39
C LEU F 217 55.45 18.20 14.67
N PRO F 218 55.49 18.40 13.33
CA PRO F 218 56.69 18.10 12.54
C PRO F 218 57.86 19.10 12.67
N PHE F 219 57.58 20.33 13.12
CA PHE F 219 58.55 21.45 13.18
C PHE F 219 59.54 21.21 14.32
N GLU F 220 60.84 21.43 14.07
CA GLU F 220 61.96 21.10 14.99
C GLU F 220 62.32 22.30 15.87
N LYS F 221 61.60 23.44 15.74
CA LYS F 221 61.86 24.69 16.51
C LYS F 221 60.89 24.79 17.69
N GLN F 222 60.60 23.66 18.36
CA GLN F 222 59.91 23.55 19.67
C GLN F 222 58.44 24.00 19.56
N ALA F 223 57.71 23.98 20.68
CA ALA F 223 56.27 24.29 20.79
C ALA F 223 56.01 25.79 20.59
N GLY F 224 55.01 26.12 19.75
CA GLY F 224 54.46 27.48 19.59
C GLY F 224 53.27 27.72 20.52
N LEU F 225 52.50 26.67 20.83
CA LEU F 225 51.30 26.70 21.72
C LEU F 225 51.77 26.48 23.18
N ALA F 226 50.82 26.30 24.11
CA ALA F 226 51.04 26.11 25.57
C ALA F 226 51.40 27.46 26.21
N ASN F 227 50.75 28.54 25.75
CA ASN F 227 50.88 29.92 26.27
C ASN F 227 49.48 30.46 26.58
N GLU F 228 49.29 31.02 27.79
CA GLU F 228 48.00 31.51 28.34
C GLU F 228 47.28 32.40 27.32
N SER F 229 48.04 33.23 26.58
CA SER F 229 47.54 34.14 25.51
C SER F 229 46.90 33.36 24.38
N LEU F 230 47.55 32.28 23.91
CA LEU F 230 47.20 31.56 22.65
C LEU F 230 46.15 30.47 22.94
N GLN F 231 46.36 29.66 23.99
CA GLN F 231 45.48 28.52 24.40
C GLN F 231 44.02 28.98 24.49
N LYS F 232 43.78 30.14 25.10
CA LYS F 232 42.43 30.71 25.37
C LYS F 232 41.68 30.92 24.04
N LYS F 233 42.36 31.38 22.99
CA LYS F 233 41.78 31.63 21.64
C LYS F 233 41.47 30.31 20.93
N LEU F 234 42.29 29.26 21.16
CA LEU F 234 42.10 27.92 20.57
C LEU F 234 40.83 27.26 21.16
N TYR F 235 40.60 27.45 22.46
CA TYR F 235 39.35 27.02 23.16
C TYR F 235 38.17 27.90 22.70
N ALA F 236 38.42 29.20 22.49
CA ALA F 236 37.43 30.18 21.97
C ALA F 236 36.97 29.76 20.56
N PHE F 237 37.90 29.26 19.73
CA PHE F 237 37.62 28.76 18.36
C PHE F 237 36.84 27.45 18.43
N SER F 238 37.42 26.43 19.09
CA SER F 238 36.86 25.06 19.26
C SER F 238 36.54 24.83 20.74
N GLN F 239 35.25 24.86 21.10
CA GLN F 239 34.75 24.77 22.51
C GLN F 239 35.14 23.42 23.10
N GLY F 240 34.61 22.33 22.51
CA GLY F 240 34.87 20.93 22.92
C GLY F 240 35.47 20.12 21.79
N ASN F 241 34.79 20.08 20.64
CA ASN F 241 35.11 19.23 19.46
C ASN F 241 36.60 19.30 19.13
N MET F 242 37.32 18.19 19.34
CA MET F 242 38.77 18.03 19.05
C MET F 242 39.01 18.06 17.53
N ARG F 243 38.00 17.66 16.75
CA ARG F 243 37.96 17.74 15.26
C ARG F 243 38.33 19.16 14.82
N SER F 244 37.60 20.17 15.29
CA SER F 244 37.75 21.61 14.93
C SER F 244 39.16 22.09 15.29
N LEU F 245 39.63 21.74 16.50
CA LEU F 245 40.99 22.07 17.01
C LEU F 245 42.05 21.46 16.08
N ARG F 246 42.01 20.14 15.90
CA ARG F 246 42.98 19.37 15.07
C ARG F 246 42.96 19.87 13.62
N ASN F 247 41.77 20.21 13.10
CA ASN F 247 41.59 20.85 11.76
C ASN F 247 42.35 22.17 11.73
N LEU F 248 42.13 23.06 12.70
CA LEU F 248 42.81 24.39 12.81
C LEU F 248 44.33 24.18 12.88
N ILE F 249 44.80 23.22 13.69
CA ILE F 249 46.25 22.88 13.84
C ILE F 249 46.79 22.39 12.50
N TYR F 250 46.09 21.47 11.83
CA TYR F 250 46.45 20.89 10.51
C TYR F 250 46.56 22.02 9.48
N GLN F 251 45.54 22.87 9.39
CA GLN F 251 45.46 24.02 8.45
C GLN F 251 46.60 25.01 8.73
N ALA F 252 46.93 25.24 10.00
CA ALA F 252 48.06 26.10 10.44
C ALA F 252 49.39 25.47 10.00
N SER F 253 49.57 24.17 10.26
CA SER F 253 50.80 23.39 9.94
C SER F 253 51.10 23.44 8.44
N ILE F 254 50.10 23.16 7.60
CA ILE F 254 50.24 23.16 6.11
C ILE F 254 50.48 24.59 5.61
N GLU F 255 49.90 25.60 6.26
CA GLU F 255 50.15 27.04 5.96
C GLU F 255 51.56 27.44 6.40
N ALA F 256 52.11 26.79 7.43
CA ALA F 256 53.47 27.05 7.96
C ALA F 256 54.52 26.42 7.03
N ILE F 257 54.32 25.18 6.57
CA ILE F 257 55.26 24.48 5.64
C ILE F 257 55.16 25.13 4.25
N ASP F 258 53.98 25.58 3.82
CA ASP F 258 53.80 26.44 2.62
C ASP F 258 54.43 27.80 2.92
N ASN F 259 55.06 28.43 1.91
CA ASN F 259 55.98 29.59 2.05
C ASN F 259 56.77 29.45 3.36
N GLN F 260 57.69 28.48 3.37
CA GLN F 260 58.32 27.84 4.56
C GLN F 260 58.58 28.85 5.69
N HIS F 261 58.04 28.56 6.88
CA HIS F 261 58.33 29.25 8.17
C HIS F 261 59.03 28.27 9.13
N GLU F 262 59.49 28.77 10.27
CA GLU F 262 60.16 27.97 11.33
C GLU F 262 59.09 27.28 12.21
N THR F 263 58.11 28.07 12.69
CA THR F 263 57.00 27.60 13.57
C THR F 263 55.65 28.11 13.01
N ILE F 264 54.55 27.61 13.56
CA ILE F 264 53.15 28.06 13.27
C ILE F 264 52.90 29.36 14.05
N THR F 265 53.43 30.48 13.55
CA THR F 265 53.39 31.82 14.19
C THR F 265 52.01 32.47 13.99
N GLU F 266 51.74 33.57 14.70
CA GLU F 266 50.44 34.30 14.67
C GLU F 266 50.34 35.08 13.34
N GLU F 267 49.96 34.38 12.27
CA GLU F 267 49.80 34.93 10.89
C GLU F 267 49.02 33.96 9.99
N ASP F 268 49.23 32.65 10.14
CA ASP F 268 48.51 31.57 9.41
C ASP F 268 47.26 31.13 10.18
N PHE F 269 47.20 31.37 11.49
CA PHE F 269 46.04 31.03 12.37
C PHE F 269 44.79 31.81 11.93
N VAL F 270 44.95 33.08 11.56
CA VAL F 270 43.84 33.98 11.11
C VAL F 270 43.19 33.39 9.85
N PHE F 271 44.00 32.96 8.87
CA PHE F 271 43.55 32.33 7.61
C PHE F 271 42.91 30.97 7.92
N ALA F 272 43.61 30.13 8.69
CA ALA F 272 43.17 28.78 9.12
C ALA F 272 41.80 28.86 9.81
N SER F 273 41.61 29.86 10.68
CA SER F 273 40.34 30.11 11.43
C SER F 273 39.24 30.57 10.47
N LYS F 274 39.55 31.50 9.55
CA LYS F 274 38.61 32.00 8.51
C LYS F 274 38.21 30.87 7.56
N LEU F 275 39.11 29.91 7.31
CA LEU F 275 38.87 28.77 6.38
C LEU F 275 37.87 27.79 6.99
N THR F 276 38.16 27.26 8.19
CA THR F 276 37.41 26.18 8.86
C THR F 276 36.41 26.78 9.87
N SER F 277 35.60 27.75 9.43
CA SER F 277 34.50 28.39 10.22
C SER F 277 33.17 28.28 9.46
N GLY F 278 32.95 27.15 8.78
CA GLY F 278 31.72 26.83 8.04
C GLY F 278 30.74 26.02 8.89
N ASP F 279 31.26 25.06 9.66
CA ASP F 279 30.47 24.16 10.54
C ASP F 279 29.94 24.90 11.77
N LYS F 280 30.56 26.03 12.16
CA LYS F 280 30.23 26.78 13.39
C LYS F 280 28.91 27.54 13.21
N PRO F 281 28.10 27.75 14.27
CA PRO F 281 26.88 28.56 14.17
C PRO F 281 27.13 30.06 13.89
N ASN F 282 26.08 30.77 13.46
CA ASN F 282 26.10 32.23 13.16
C ASN F 282 26.38 33.03 14.44
N SER F 283 25.88 32.56 15.58
CA SER F 283 26.05 33.18 16.93
C SER F 283 27.52 33.16 17.36
N TRP F 284 28.27 32.11 17.00
CA TRP F 284 29.71 31.92 17.30
C TRP F 284 30.52 33.04 16.64
N LYS F 285 31.55 33.56 17.34
CA LYS F 285 32.45 34.64 16.86
C LYS F 285 33.87 34.08 16.70
N ASN F 286 34.60 34.55 15.68
CA ASN F 286 36.01 34.17 15.38
C ASN F 286 36.92 35.07 16.20
N PRO F 287 37.75 34.53 17.13
CA PRO F 287 38.66 35.37 17.92
C PRO F 287 39.87 35.91 17.16
N PHE F 288 40.23 35.29 16.02
CA PHE F 288 41.45 35.57 15.22
C PHE F 288 41.18 36.60 14.12
N GLU F 289 39.92 36.74 13.67
CA GLU F 289 39.51 37.50 12.45
C GLU F 289 40.12 38.92 12.45
N GLU F 290 40.07 39.60 13.60
CA GLU F 290 40.57 41.00 13.78
C GLU F 290 41.16 41.13 15.20
N GLY F 291 41.58 42.34 15.59
CA GLY F 291 41.99 42.67 16.96
C GLY F 291 40.80 42.68 17.91
N VAL F 292 40.23 41.51 18.19
CA VAL F 292 39.05 41.29 19.07
C VAL F 292 39.50 40.46 20.28
N GLU F 293 39.49 41.07 21.47
CA GLU F 293 39.95 40.44 22.74
C GLU F 293 38.95 39.36 23.15
N VAL F 294 39.44 38.13 23.36
CA VAL F 294 38.64 36.94 23.79
C VAL F 294 37.96 37.26 25.14
N THR F 295 36.67 36.92 25.26
CA THR F 295 35.81 37.20 26.44
C THR F 295 35.65 35.91 27.28
N GLU F 296 35.57 36.05 28.60
CA GLU F 296 35.51 34.93 29.57
C GLU F 296 34.13 34.23 29.52
N ASP F 297 33.05 35.00 29.31
CA ASP F 297 31.65 34.49 29.29
C ASP F 297 31.44 33.51 28.13
N MET F 298 32.16 33.70 27.02
CA MET F 298 32.12 32.83 25.80
C MET F 298 32.69 31.45 26.12
N LEU F 299 33.67 31.37 27.04
CA LEU F 299 34.46 30.14 27.35
C LEU F 299 33.87 29.42 28.58
N ARG F 300 32.54 29.39 28.70
CA ARG F 300 31.82 28.49 29.64
C ARG F 300 31.96 27.06 29.12
N PRO F 301 31.98 26.03 30.01
CA PRO F 301 32.22 24.65 29.55
C PRO F 301 31.03 24.11 28.76
N PRO F 302 31.24 23.08 27.91
CA PRO F 302 30.18 22.61 27.00
C PRO F 302 29.00 22.02 27.79
N PRO F 303 27.73 22.22 27.33
CA PRO F 303 26.56 21.72 28.06
C PRO F 303 26.57 20.20 28.26
N LYS F 304 25.91 19.72 29.32
CA LYS F 304 25.72 18.27 29.64
C LYS F 304 24.92 17.59 28.52
N ASP F 305 24.04 18.35 27.84
CA ASP F 305 23.30 17.94 26.63
C ASP F 305 24.10 18.39 25.39
N ILE F 306 25.33 17.89 25.24
CA ILE F 306 26.27 18.28 24.14
C ILE F 306 25.84 17.62 22.82
N GLY F 307 25.49 16.32 22.85
CA GLY F 307 25.12 15.52 21.67
C GLY F 307 23.65 15.15 21.68
N TRP F 308 22.79 16.02 22.23
CA TRP F 308 21.31 15.86 22.33
C TRP F 308 20.60 16.82 21.39
N GLU F 309 21.32 17.73 20.73
CA GLU F 309 20.77 18.83 19.88
C GLU F 309 19.88 18.23 18.78
N ASP F 310 20.38 17.21 18.08
CA ASP F 310 19.68 16.47 16.99
C ASP F 310 18.37 15.86 17.52
N TYR F 311 18.36 15.39 18.77
CA TYR F 311 17.16 14.79 19.44
C TYR F 311 16.20 15.89 19.88
N LEU F 312 16.72 17.03 20.36
CA LEU F 312 15.94 18.19 20.88
C LEU F 312 15.46 19.09 19.73
N ARG F 313 15.86 18.82 18.48
CA ARG F 313 15.31 19.49 17.26
C ARG F 313 13.79 19.27 17.21
N HIS F 314 13.36 18.00 17.36
CA HIS F 314 11.93 17.57 17.42
C HIS F 314 11.56 17.28 18.87
N THR G 4 28.74 33.56 -40.82
CA THR G 4 28.83 33.53 -39.32
C THR G 4 30.16 32.90 -38.90
N ARG G 5 30.45 31.68 -39.40
CA ARG G 5 31.68 30.87 -39.15
C ARG G 5 31.60 30.23 -37.77
N GLU G 6 31.87 28.91 -37.69
CA GLU G 6 31.71 28.08 -36.47
C GLU G 6 32.73 28.48 -35.40
N ALA G 7 33.97 28.83 -35.79
CA ALA G 7 35.10 29.16 -34.90
C ALA G 7 34.82 30.48 -34.15
N ARG G 8 34.30 31.48 -34.85
CA ARG G 8 33.94 32.82 -34.30
C ARG G 8 32.78 32.66 -33.30
N ILE G 9 31.75 31.90 -33.66
CA ILE G 9 30.55 31.61 -32.82
C ILE G 9 30.97 30.79 -31.59
N SER G 10 31.84 29.80 -31.79
CA SER G 10 32.43 28.94 -30.73
C SER G 10 33.19 29.81 -29.72
N ARG G 11 34.09 30.68 -30.21
CA ARG G 11 34.93 31.59 -29.39
C ARG G 11 34.07 32.69 -28.74
N ALA G 12 33.00 33.12 -29.42
CA ALA G 12 32.00 34.09 -28.89
C ALA G 12 31.24 33.47 -27.70
N LYS G 13 30.92 32.17 -27.78
CA LYS G 13 30.25 31.41 -26.69
C LYS G 13 31.28 31.12 -25.58
N ARG G 14 32.41 30.49 -25.95
CA ARG G 14 33.52 30.14 -25.01
C ARG G 14 34.48 31.32 -24.89
N ALA G 15 34.12 32.31 -24.06
CA ALA G 15 34.92 33.50 -23.71
C ALA G 15 35.06 33.59 -22.19
N PHE G 16 35.78 32.63 -21.60
CA PHE G 16 35.92 32.44 -20.13
C PHE G 16 37.03 33.37 -19.59
N VAL G 17 36.70 34.17 -18.58
CA VAL G 17 37.65 34.96 -17.73
C VAL G 17 37.37 34.62 -16.26
N SER G 18 38.41 34.66 -15.42
CA SER G 18 38.40 34.21 -14.01
C SER G 18 38.24 35.41 -13.05
N THR G 19 37.13 35.45 -12.31
CA THR G 19 36.86 36.40 -11.19
C THR G 19 37.60 35.86 -9.96
N PRO G 20 38.09 36.72 -9.02
CA PRO G 20 38.83 36.25 -7.85
C PRO G 20 38.17 35.11 -7.05
N SER G 21 36.84 35.09 -6.98
CA SER G 21 36.02 34.02 -6.35
C SER G 21 36.34 32.67 -7.01
N VAL G 22 36.36 32.61 -8.35
CA VAL G 22 36.67 31.40 -9.15
C VAL G 22 38.12 30.97 -8.86
N ARG G 23 39.06 31.93 -8.88
CA ARG G 23 40.51 31.70 -8.60
C ARG G 23 40.68 31.13 -7.19
N LYS G 24 39.93 31.66 -6.21
CA LYS G 24 39.91 31.17 -4.80
C LYS G 24 39.42 29.71 -4.76
N ILE G 25 38.31 29.42 -5.45
CA ILE G 25 37.70 28.05 -5.52
C ILE G 25 38.70 27.09 -6.18
N LEU G 26 39.32 27.49 -7.30
CA LEU G 26 40.35 26.68 -8.03
C LEU G 26 41.54 26.39 -7.10
N SER G 27 42.00 27.41 -6.35
CA SER G 27 43.10 27.29 -5.35
C SER G 27 42.70 26.33 -4.23
N TYR G 28 41.47 26.49 -3.70
CA TYR G 28 40.89 25.65 -2.61
C TYR G 28 40.74 24.19 -3.08
N MET G 29 40.35 23.98 -4.34
CA MET G 29 40.23 22.63 -4.97
C MET G 29 41.62 21.98 -5.07
N ASP G 30 42.59 22.69 -5.65
CA ASP G 30 44.01 22.27 -5.78
C ASP G 30 44.57 21.92 -4.40
N ARG G 31 44.33 22.81 -3.42
CA ARG G 31 44.65 22.60 -1.98
C ARG G 31 44.02 21.29 -1.51
N CYS G 32 42.69 21.19 -1.56
CA CYS G 32 41.87 20.05 -1.07
C CYS G 32 42.31 18.73 -1.72
N ARG G 33 42.76 18.76 -2.98
CA ARG G 33 43.33 17.59 -3.71
C ARG G 33 44.71 17.24 -3.14
N ASP G 34 45.62 18.22 -3.11
CA ASP G 34 47.06 18.03 -2.79
C ASP G 34 47.25 17.56 -1.34
N LEU G 35 46.41 18.02 -0.41
CA LEU G 35 46.59 17.77 1.06
C LEU G 35 46.35 16.30 1.40
N SER G 36 45.17 15.76 1.04
CA SER G 36 44.75 14.37 1.34
C SER G 36 45.71 13.37 0.67
N ASP G 37 46.28 12.44 1.44
CA ASP G 37 47.35 11.51 1.01
C ASP G 37 46.81 10.09 0.82
N LEU G 38 45.48 9.93 0.73
CA LEU G 38 44.77 8.63 0.52
C LEU G 38 45.20 7.61 1.59
N GLU G 39 45.24 8.04 2.86
CA GLU G 39 45.63 7.20 4.03
C GLU G 39 44.78 7.59 5.24
N SER G 40 44.91 8.84 5.71
CA SER G 40 44.13 9.42 6.84
C SER G 40 42.86 10.10 6.31
N GLU G 41 41.98 10.53 7.23
CA GLU G 41 40.70 11.22 6.95
C GLU G 41 40.97 12.45 6.07
N PRO G 42 40.22 12.66 4.97
CA PRO G 42 40.46 13.79 4.07
C PRO G 42 39.97 15.13 4.66
N THR G 43 40.46 16.25 4.09
CA THR G 43 40.16 17.64 4.53
C THR G 43 38.69 17.96 4.29
N CYS G 44 38.18 17.65 3.08
CA CYS G 44 36.79 17.85 2.61
C CYS G 44 36.51 19.34 2.37
N MET G 45 35.44 19.65 1.63
CA MET G 45 35.10 21.02 1.16
C MET G 45 33.62 21.08 0.76
N MET G 46 32.98 22.25 0.87
CA MET G 46 31.62 22.51 0.32
C MET G 46 31.57 23.91 -0.32
N VAL G 47 31.11 23.97 -1.59
CA VAL G 47 30.84 25.23 -2.35
C VAL G 47 29.33 25.47 -2.36
N TYR G 48 28.91 26.72 -2.14
CA TYR G 48 27.49 27.15 -2.03
C TYR G 48 27.06 27.78 -3.37
N GLY G 49 27.39 29.06 -3.58
CA GLY G 49 27.03 29.83 -4.80
C GLY G 49 25.55 30.14 -4.84
N ALA G 50 24.94 30.06 -6.03
CA ALA G 50 23.49 30.32 -6.27
C ALA G 50 23.08 29.72 -7.63
N SER G 51 21.82 29.93 -8.03
CA SER G 51 21.21 29.42 -9.28
C SER G 51 21.74 30.21 -10.49
N GLY G 52 22.65 29.62 -11.26
CA GLY G 52 23.13 30.16 -12.56
C GLY G 52 24.20 31.22 -12.39
N VAL G 53 25.24 30.93 -11.60
CA VAL G 53 26.41 31.83 -11.36
C VAL G 53 27.59 31.34 -12.21
N GLY G 54 27.97 30.06 -12.06
CA GLY G 54 28.95 29.36 -12.91
C GLY G 54 29.71 28.26 -12.18
N LYS G 55 29.02 27.45 -11.36
CA LYS G 55 29.61 26.34 -10.57
C LYS G 55 30.13 25.26 -11.52
N THR G 56 29.29 24.83 -12.47
CA THR G 56 29.60 23.83 -13.52
C THR G 56 30.82 24.29 -14.33
N THR G 57 30.87 25.58 -14.70
CA THR G 57 31.96 26.20 -15.50
C THR G 57 33.29 26.09 -14.74
N VAL G 58 33.28 26.42 -13.43
CA VAL G 58 34.45 26.28 -12.50
C VAL G 58 34.90 24.82 -12.46
N ILE G 59 33.95 23.87 -12.37
CA ILE G 59 34.23 22.41 -12.31
C ILE G 59 34.84 21.95 -13.65
N LYS G 60 34.29 22.39 -14.78
CA LYS G 60 34.79 22.06 -16.14
C LYS G 60 36.19 22.66 -16.35
N LYS G 61 36.38 23.92 -15.96
CA LYS G 61 37.69 24.64 -16.03
C LYS G 61 38.74 23.86 -15.23
N TYR G 62 38.38 23.41 -14.03
CA TYR G 62 39.22 22.58 -13.12
C TYR G 62 39.51 21.22 -13.77
N LEU G 63 38.48 20.56 -14.30
CA LEU G 63 38.55 19.24 -14.99
C LEU G 63 39.51 19.32 -16.20
N ASN G 64 39.41 20.41 -16.99
CA ASN G 64 40.22 20.62 -18.23
C ASN G 64 41.71 20.71 -17.88
N GLN G 65 42.08 21.49 -16.86
CA GLN G 65 43.49 21.71 -16.45
C GLN G 65 44.03 20.48 -15.70
N ASN G 66 43.19 19.77 -14.96
CA ASN G 66 43.57 18.64 -14.07
C ASN G 66 43.59 17.32 -14.84
N ARG G 67 42.43 16.88 -15.36
CA ARG G 67 42.15 15.49 -15.78
C ARG G 67 42.71 15.18 -17.18
N ARG G 68 42.98 16.20 -18.00
CA ARG G 68 43.33 16.07 -19.44
C ARG G 68 44.52 15.13 -19.65
N GLU G 69 45.69 15.48 -19.09
CA GLU G 69 46.98 14.76 -19.27
C GLU G 69 46.89 13.35 -18.68
N SER G 70 46.24 13.19 -17.52
CA SER G 70 46.06 11.91 -16.81
C SER G 70 45.14 10.98 -17.62
N GLU G 71 44.01 11.50 -18.12
CA GLU G 71 43.02 10.77 -18.95
C GLU G 71 43.66 10.38 -20.30
N ALA G 72 44.49 11.26 -20.87
CA ALA G 72 45.23 11.05 -22.15
C ALA G 72 46.20 9.86 -22.01
N GLY G 73 46.80 9.68 -20.83
CA GLY G 73 47.73 8.57 -20.52
C GLY G 73 47.06 7.22 -20.62
N GLY G 74 45.91 7.05 -19.96
CA GLY G 74 45.13 5.79 -19.97
C GLY G 74 43.96 5.84 -19.00
N ASP G 75 43.53 4.67 -18.52
CA ASP G 75 42.39 4.50 -17.57
C ASP G 75 42.88 4.81 -16.16
N ILE G 76 42.85 6.10 -15.78
CA ILE G 76 43.26 6.63 -14.44
C ILE G 76 42.08 7.39 -13.83
N ILE G 77 41.57 8.41 -14.54
CA ILE G 77 40.47 9.35 -14.14
C ILE G 77 40.65 9.75 -12.67
N PRO G 78 41.60 10.68 -12.37
CA PRO G 78 41.85 11.12 -10.99
C PRO G 78 40.70 11.87 -10.30
N VAL G 79 39.83 12.52 -11.09
CA VAL G 79 38.70 13.37 -10.60
C VAL G 79 37.40 12.97 -11.32
N LEU G 80 36.26 13.11 -10.63
CA LEU G 80 34.91 12.68 -11.09
C LEU G 80 34.00 13.91 -11.27
N HIS G 81 32.79 13.70 -11.79
CA HIS G 81 31.70 14.71 -11.92
C HIS G 81 30.34 14.00 -11.76
N ILE G 82 29.71 14.12 -10.59
CA ILE G 82 28.42 13.44 -10.22
C ILE G 82 27.28 14.45 -10.26
N GLU G 83 26.05 13.99 -10.47
CA GLU G 83 24.80 14.81 -10.45
C GLU G 83 23.64 13.94 -9.91
N LEU G 84 23.32 14.08 -8.61
CA LEU G 84 22.35 13.22 -7.87
C LEU G 84 20.95 13.39 -8.46
N PRO G 85 20.12 12.31 -8.59
CA PRO G 85 18.76 12.43 -9.12
C PRO G 85 17.76 13.16 -8.20
N ASP G 86 16.55 13.37 -8.69
CA ASP G 86 15.42 13.99 -7.93
C ASP G 86 14.95 13.01 -6.85
N ASN G 87 14.94 13.45 -5.58
CA ASN G 87 14.69 12.60 -4.39
C ASN G 87 15.66 11.41 -4.43
N ALA G 88 16.97 11.70 -4.45
CA ALA G 88 18.08 10.72 -4.60
C ALA G 88 18.06 9.72 -3.43
N LYS G 89 18.45 8.47 -3.71
CA LYS G 89 18.66 7.38 -2.71
C LYS G 89 20.09 6.87 -2.85
N PRO G 90 20.67 6.24 -1.79
CA PRO G 90 22.07 5.81 -1.83
C PRO G 90 22.42 4.86 -2.99
N VAL G 91 21.49 3.96 -3.34
CA VAL G 91 21.58 3.04 -4.52
C VAL G 91 21.87 3.87 -5.79
N ASP G 92 21.10 4.93 -6.03
CA ASP G 92 21.13 5.74 -7.28
C ASP G 92 22.42 6.58 -7.31
N ALA G 93 22.79 7.18 -6.18
CA ALA G 93 24.05 7.96 -5.99
C ALA G 93 25.26 7.06 -6.26
N ALA G 94 25.25 5.84 -5.69
CA ALA G 94 26.33 4.84 -5.84
C ALA G 94 26.39 4.30 -7.27
N ARG G 95 25.22 4.04 -7.88
CA ARG G 95 25.08 3.65 -9.32
C ARG G 95 25.73 4.72 -10.21
N GLU G 96 25.43 6.00 -9.94
CA GLU G 96 26.00 7.17 -10.68
C GLU G 96 27.51 7.24 -10.46
N LEU G 97 27.97 7.10 -9.21
CA LEU G 97 29.42 7.05 -8.83
C LEU G 97 30.14 5.95 -9.62
N LEU G 98 29.46 4.81 -9.86
CA LEU G 98 30.02 3.66 -10.62
C LEU G 98 29.98 3.93 -12.13
N VAL G 99 28.81 4.29 -12.69
CA VAL G 99 28.61 4.41 -14.17
C VAL G 99 29.47 5.56 -14.73
N GLU G 100 29.74 6.60 -13.94
CA GLU G 100 30.72 7.67 -14.29
C GLU G 100 32.14 7.06 -14.30
N MET G 101 32.46 6.20 -13.32
CA MET G 101 33.78 5.55 -13.17
C MET G 101 33.92 4.41 -14.21
N GLY G 102 34.16 4.78 -15.48
CA GLY G 102 34.51 3.87 -16.59
C GLY G 102 33.55 2.70 -16.73
N ASP G 103 33.69 1.68 -15.86
CA ASP G 103 32.94 0.40 -15.86
C ASP G 103 31.43 0.66 -15.90
N PRO G 104 30.71 0.20 -16.95
CA PRO G 104 29.25 0.34 -17.01
C PRO G 104 28.46 -0.72 -16.22
N LEU G 105 29.14 -1.76 -15.71
CA LEU G 105 28.54 -2.87 -14.93
C LEU G 105 28.21 -2.38 -13.50
N ALA G 106 27.58 -3.24 -12.70
CA ALA G 106 27.04 -2.95 -11.34
C ALA G 106 25.78 -2.07 -11.48
N LEU G 107 25.05 -2.21 -12.58
CA LEU G 107 23.85 -1.41 -12.96
C LEU G 107 22.60 -2.29 -13.00
N TYR G 108 22.70 -3.46 -13.66
CA TYR G 108 21.55 -4.31 -14.07
C TYR G 108 20.74 -4.77 -12.85
N GLU G 109 21.39 -5.40 -11.87
CA GLU G 109 20.75 -5.93 -10.64
C GLU G 109 21.72 -5.82 -9.45
N THR G 110 21.66 -4.69 -8.73
CA THR G 110 22.43 -4.41 -7.48
C THR G 110 21.55 -3.59 -6.53
N ASP G 111 21.42 -4.02 -5.27
CA ASP G 111 20.50 -3.45 -4.26
C ASP G 111 21.27 -3.18 -2.95
N LEU G 112 22.23 -2.26 -3.00
CA LEU G 112 23.03 -1.75 -1.85
C LEU G 112 23.60 -2.92 -1.03
N ALA G 113 24.32 -3.82 -1.71
CA ALA G 113 24.91 -5.06 -1.13
C ALA G 113 26.39 -5.16 -1.48
N ARG G 114 26.73 -5.37 -2.76
CA ARG G 114 28.09 -5.68 -3.26
C ARG G 114 28.68 -4.50 -4.07
N LEU G 115 27.84 -3.56 -4.51
CA LEU G 115 28.27 -2.35 -5.28
C LEU G 115 29.20 -1.47 -4.42
N THR G 116 28.88 -1.32 -3.13
CA THR G 116 29.65 -0.50 -2.15
C THR G 116 31.04 -1.11 -1.93
N LYS G 117 31.08 -2.44 -1.76
CA LYS G 117 32.32 -3.24 -1.56
C LYS G 117 33.26 -3.07 -2.77
N ARG G 118 32.74 -3.30 -3.99
CA ARG G 118 33.53 -3.24 -5.25
C ARG G 118 33.96 -1.79 -5.50
N LEU G 119 33.09 -0.80 -5.23
CA LEU G 119 33.39 0.65 -5.33
C LEU G 119 34.55 1.00 -4.40
N THR G 120 34.49 0.56 -3.14
CA THR G 120 35.54 0.73 -2.09
C THR G 120 36.84 0.06 -2.54
N GLU G 121 36.75 -1.09 -3.23
CA GLU G 121 37.93 -1.89 -3.71
C GLU G 121 38.57 -1.22 -4.94
N LEU G 122 37.77 -0.67 -5.87
CA LEU G 122 38.24 -0.20 -7.21
C LEU G 122 38.69 1.27 -7.17
N ILE G 123 38.20 2.08 -6.23
CA ILE G 123 38.55 3.54 -6.12
C ILE G 123 40.05 3.70 -5.92
N PRO G 124 40.71 2.97 -4.98
CA PRO G 124 42.17 2.99 -4.88
C PRO G 124 42.91 2.45 -6.11
N ALA G 125 42.36 1.42 -6.77
CA ALA G 125 42.97 0.69 -7.91
C ALA G 125 43.11 1.62 -9.13
N VAL G 126 42.01 2.26 -9.53
CA VAL G 126 41.95 3.21 -10.69
C VAL G 126 42.80 4.46 -10.38
N GLY G 127 42.78 4.92 -9.12
CA GLY G 127 43.63 6.03 -8.62
C GLY G 127 42.90 7.37 -8.66
N VAL G 128 41.84 7.51 -7.86
CA VAL G 128 41.07 8.77 -7.66
C VAL G 128 41.75 9.59 -6.55
N LYS G 129 41.93 10.90 -6.76
CA LYS G 129 42.55 11.83 -5.79
C LYS G 129 41.54 12.84 -5.24
N LEU G 130 40.33 12.93 -5.81
CA LEU G 130 39.28 13.90 -5.43
C LEU G 130 37.95 13.51 -6.10
N ILE G 131 36.82 13.87 -5.48
CA ILE G 131 35.44 13.67 -6.03
C ILE G 131 34.73 15.03 -6.06
N ILE G 132 34.01 15.32 -7.15
CA ILE G 132 33.24 16.58 -7.35
C ILE G 132 31.75 16.20 -7.53
N ILE G 133 31.00 16.19 -6.43
CA ILE G 133 29.51 16.05 -6.44
C ILE G 133 28.92 17.44 -6.64
N ASP G 134 27.98 17.57 -7.60
CA ASP G 134 27.53 18.86 -8.17
C ASP G 134 26.18 19.31 -7.58
N GLU G 135 25.32 18.37 -7.19
CA GLU G 135 23.87 18.61 -6.93
C GLU G 135 23.45 18.02 -5.58
N PHE G 136 22.91 18.86 -4.68
CA PHE G 136 22.22 18.46 -3.42
C PHE G 136 20.87 19.18 -3.27
N GLN G 137 20.38 19.85 -4.32
CA GLN G 137 19.08 20.57 -4.34
C GLN G 137 17.92 19.57 -4.17
N HIS G 138 18.16 18.29 -4.51
CA HIS G 138 17.14 17.21 -4.59
C HIS G 138 16.89 16.56 -3.23
N LEU G 139 17.87 16.55 -2.32
CA LEU G 139 17.77 15.89 -0.99
C LEU G 139 16.70 16.58 -0.13
N VAL G 140 16.48 17.89 -0.34
CA VAL G 140 15.30 18.65 0.17
C VAL G 140 14.14 18.40 -0.78
N GLU G 141 13.02 17.85 -0.28
CA GLU G 141 11.81 17.51 -1.07
C GLU G 141 11.13 18.80 -1.57
N GLU G 142 10.38 18.70 -2.67
CA GLU G 142 9.76 19.84 -3.39
C GLU G 142 8.64 20.44 -2.53
N ARG G 143 7.58 19.67 -2.27
CA ARG G 143 6.36 20.13 -1.54
C ARG G 143 6.64 20.15 -0.05
N SER G 144 7.02 19.00 0.53
CA SER G 144 7.29 18.83 1.99
C SER G 144 8.61 19.52 2.36
N ASN G 145 8.67 20.08 3.58
CA ASN G 145 9.87 20.76 4.14
C ASN G 145 10.90 19.70 4.57
N ARG G 146 10.48 18.44 4.73
CA ARG G 146 11.33 17.24 4.98
C ARG G 146 12.57 17.24 4.08
N VAL G 147 13.69 16.72 4.61
CA VAL G 147 14.98 16.54 3.88
C VAL G 147 15.47 15.10 4.12
N LEU G 148 15.81 14.37 3.05
CA LEU G 148 16.29 12.97 3.14
C LEU G 148 17.79 12.97 3.48
N THR G 149 18.20 12.12 4.42
CA THR G 149 19.58 12.05 4.99
C THR G 149 20.28 10.73 4.61
N GLN G 150 19.54 9.74 4.07
CA GLN G 150 20.07 8.38 3.70
C GLN G 150 21.34 8.52 2.85
N VAL G 151 21.31 9.42 1.86
CA VAL G 151 22.46 9.71 0.94
C VAL G 151 23.59 10.36 1.75
N GLY G 152 23.26 11.27 2.69
CA GLY G 152 24.22 11.95 3.57
C GLY G 152 24.95 10.97 4.48
N ASN G 153 24.21 10.02 5.07
CA ASN G 153 24.75 8.94 5.95
C ASN G 153 25.60 7.98 5.10
N TRP G 154 25.14 7.61 3.90
CA TRP G 154 25.88 6.75 2.95
C TRP G 154 27.19 7.44 2.54
N LEU G 155 27.14 8.74 2.28
CA LEU G 155 28.34 9.60 2.01
C LEU G 155 29.28 9.58 3.23
N LYS G 156 28.71 9.67 4.44
CA LYS G 156 29.46 9.54 5.72
C LYS G 156 30.17 8.18 5.76
N MET G 157 29.45 7.09 5.44
CA MET G 157 29.95 5.69 5.50
C MET G 157 31.05 5.48 4.46
N ILE G 158 30.79 5.84 3.19
CA ILE G 158 31.74 5.65 2.06
C ILE G 158 32.99 6.54 2.27
N LEU G 159 32.83 7.72 2.90
CA LEU G 159 33.97 8.62 3.27
C LEU G 159 34.76 8.00 4.44
N ASN G 160 34.08 7.32 5.38
CA ASN G 160 34.73 6.61 6.52
C ASN G 160 35.49 5.38 6.01
N LYS G 161 34.89 4.61 5.09
CA LYS G 161 35.47 3.35 4.55
C LYS G 161 36.68 3.65 3.66
N THR G 162 36.48 4.44 2.59
CA THR G 162 37.55 4.87 1.65
C THR G 162 37.75 6.39 1.81
N LYS G 163 39.00 6.82 2.00
CA LYS G 163 39.39 8.22 2.32
C LYS G 163 39.72 8.95 1.01
N CYS G 164 38.86 9.91 0.61
CA CYS G 164 39.00 10.73 -0.62
C CYS G 164 38.31 12.09 -0.42
N PRO G 165 38.90 13.21 -0.88
CA PRO G 165 38.23 14.51 -0.84
C PRO G 165 36.90 14.55 -1.63
N ILE G 166 35.90 15.24 -1.08
CA ILE G 166 34.57 15.48 -1.72
C ILE G 166 34.25 16.99 -1.65
N VAL G 167 33.81 17.58 -2.76
CA VAL G 167 33.63 19.06 -2.94
C VAL G 167 32.15 19.44 -2.74
N ILE G 168 31.21 18.54 -3.06
CA ILE G 168 29.73 18.64 -2.77
C ILE G 168 29.21 20.07 -3.07
N PHE G 169 29.14 20.46 -4.35
CA PHE G 169 28.47 21.70 -4.81
C PHE G 169 26.95 21.59 -4.56
N GLY G 170 26.29 22.72 -4.33
CA GLY G 170 24.82 22.78 -4.13
C GLY G 170 24.35 24.17 -3.72
N MET G 171 23.11 24.53 -4.09
CA MET G 171 22.47 25.84 -3.83
C MET G 171 22.48 26.14 -2.33
N PRO G 172 22.52 27.43 -1.90
CA PRO G 172 22.79 27.78 -0.51
C PRO G 172 21.79 27.26 0.54
N TYR G 173 20.57 26.92 0.11
CA TYR G 173 19.51 26.29 0.96
C TYR G 173 19.81 24.81 1.21
N SER G 174 20.84 24.24 0.57
CA SER G 174 21.32 22.85 0.80
C SER G 174 22.04 22.73 2.15
N LYS G 175 22.41 23.83 2.80
CA LYS G 175 23.00 23.87 4.17
C LYS G 175 22.13 23.05 5.13
N VAL G 176 20.80 23.12 4.98
CA VAL G 176 19.79 22.37 5.78
C VAL G 176 20.11 20.86 5.74
N VAL G 177 20.59 20.36 4.60
CA VAL G 177 20.99 18.92 4.40
C VAL G 177 22.08 18.58 5.43
N LEU G 178 23.08 19.46 5.60
CA LEU G 178 24.16 19.28 6.61
C LEU G 178 23.60 19.52 8.01
N GLN G 179 22.90 20.64 8.22
CA GLN G 179 22.33 21.06 9.53
C GLN G 179 21.58 19.90 10.21
N ALA G 180 20.90 19.05 9.43
CA ALA G 180 20.17 17.84 9.90
C ALA G 180 21.13 16.87 10.59
N ASN G 181 22.13 16.35 9.86
CA ASN G 181 23.09 15.32 10.35
C ASN G 181 24.30 16.02 10.98
N SER G 182 24.53 15.81 12.29
CA SER G 182 25.44 16.59 13.16
C SER G 182 26.88 16.56 12.65
N GLN G 183 27.53 15.38 12.68
CA GLN G 183 28.99 15.23 12.40
C GLN G 183 29.23 15.13 10.89
N LEU G 184 28.19 15.07 10.06
CA LEU G 184 28.26 15.31 8.60
C LEU G 184 28.54 16.80 8.35
N HIS G 185 27.82 17.68 9.05
CA HIS G 185 28.07 19.16 9.11
C HIS G 185 29.45 19.41 9.73
N GLY G 186 29.81 18.59 10.74
CA GLY G 186 31.15 18.59 11.38
C GLY G 186 32.26 18.21 10.41
N ARG G 187 32.02 17.24 9.52
CA ARG G 187 33.02 16.69 8.56
C ARG G 187 33.46 17.79 7.58
N PHE G 188 32.50 18.38 6.85
CA PHE G 188 32.74 19.43 5.82
C PHE G 188 32.94 20.78 6.52
N SER G 189 34.17 21.03 6.97
CA SER G 189 34.58 22.24 7.73
C SER G 189 34.88 23.40 6.79
N ILE G 190 35.66 23.16 5.73
CA ILE G 190 36.11 24.19 4.75
C ILE G 190 34.91 24.56 3.86
N GLN G 191 34.54 25.85 3.83
CA GLN G 191 33.32 26.35 3.16
C GLN G 191 33.55 27.74 2.54
N VAL G 192 32.79 27.99 1.46
CA VAL G 192 33.06 29.01 0.39
C VAL G 192 31.71 29.56 -0.09
N GLU G 193 31.66 30.88 -0.36
CA GLU G 193 30.59 31.45 -1.24
C GLU G 193 31.15 31.77 -2.63
N LEU G 194 30.52 31.22 -3.67
CA LEU G 194 30.71 31.57 -5.10
C LEU G 194 29.54 32.48 -5.53
N ARG G 195 29.30 33.55 -4.75
CA ARG G 195 28.11 34.43 -4.91
C ARG G 195 28.35 35.38 -6.09
N PRO G 196 27.28 35.94 -6.71
CA PRO G 196 27.43 36.83 -7.86
C PRO G 196 28.00 38.22 -7.51
N PHE G 197 28.04 39.12 -8.49
CA PHE G 197 28.62 40.49 -8.38
C PHE G 197 27.68 41.37 -7.56
N SER G 198 28.24 42.20 -6.67
CA SER G 198 27.51 43.04 -5.67
C SER G 198 27.43 44.49 -6.15
N TYR G 199 28.58 45.10 -6.47
CA TYR G 199 28.71 46.54 -6.83
C TYR G 199 28.51 46.72 -8.34
N ASN G 200 27.83 47.81 -8.73
CA ASN G 200 27.41 48.12 -10.12
C ASN G 200 28.14 49.36 -10.67
N GLY G 201 28.56 50.29 -9.81
CA GLY G 201 29.14 51.60 -10.18
C GLY G 201 30.28 51.47 -11.17
N GLY G 202 31.27 50.61 -10.87
CA GLY G 202 32.44 50.34 -11.72
C GLY G 202 33.74 50.34 -10.91
N ARG G 203 34.87 50.55 -11.59
CA ARG G 203 36.26 50.59 -11.04
C ARG G 203 36.42 49.52 -9.94
N GLY G 204 35.98 48.29 -10.21
CA GLY G 204 36.00 47.15 -9.27
C GLY G 204 36.23 45.83 -9.97
N VAL G 205 35.44 44.81 -9.63
CA VAL G 205 35.55 43.42 -10.17
C VAL G 205 34.68 43.30 -11.44
N PHE G 206 33.49 43.90 -11.45
CA PHE G 206 32.49 43.85 -12.54
C PHE G 206 33.03 44.54 -13.80
N LYS G 207 33.68 45.70 -13.62
CA LYS G 207 34.28 46.52 -14.72
C LYS G 207 35.40 45.74 -15.40
N THR G 208 36.37 45.26 -14.61
CA THR G 208 37.57 44.50 -15.10
C THR G 208 37.12 43.15 -15.67
N PHE G 209 36.09 42.51 -15.09
CA PHE G 209 35.44 41.28 -15.62
C PHE G 209 34.94 41.53 -17.06
N LEU G 210 34.15 42.59 -17.25
CA LEU G 210 33.58 43.00 -18.57
C LEU G 210 34.71 43.46 -19.51
N GLU G 211 35.77 44.07 -18.97
CA GLU G 211 36.96 44.55 -19.75
C GLU G 211 37.69 43.34 -20.35
N TYR G 212 37.99 42.32 -19.54
CA TYR G 212 38.65 41.05 -19.97
C TYR G 212 37.72 40.26 -20.90
N LEU G 213 36.40 40.29 -20.64
CA LEU G 213 35.36 39.67 -21.52
C LEU G 213 35.39 40.36 -22.89
N ASP G 214 35.44 41.70 -22.91
CA ASP G 214 35.51 42.52 -24.15
C ASP G 214 36.80 42.23 -24.92
N LYS G 215 37.91 41.96 -24.21
CA LYS G 215 39.19 41.51 -24.81
C LYS G 215 39.02 40.10 -25.41
N ALA G 216 38.21 39.26 -24.76
CA ALA G 216 37.94 37.84 -25.14
C ALA G 216 36.89 37.74 -26.25
N LEU G 217 36.09 38.80 -26.48
CA LEU G 217 35.04 38.83 -27.54
C LEU G 217 35.69 38.76 -28.93
N PRO G 218 34.95 38.31 -29.98
CA PRO G 218 35.55 38.10 -31.30
C PRO G 218 35.83 39.37 -32.13
N PHE G 219 35.32 40.53 -31.69
CA PHE G 219 35.41 41.82 -32.42
C PHE G 219 36.83 42.40 -32.27
N GLU G 220 37.46 42.79 -33.38
CA GLU G 220 38.85 43.31 -33.43
C GLU G 220 38.89 44.83 -33.27
N LYS G 221 37.73 45.48 -33.13
CA LYS G 221 37.59 46.97 -33.00
C LYS G 221 37.41 47.35 -31.52
N GLN G 222 38.13 46.66 -30.61
CA GLN G 222 38.33 47.04 -29.18
C GLN G 222 37.02 46.91 -28.38
N ALA G 223 37.07 47.25 -27.09
CA ALA G 223 35.96 47.12 -26.10
C ALA G 223 34.87 48.16 -26.38
N GLY G 224 33.60 47.73 -26.33
CA GLY G 224 32.40 48.59 -26.38
C GLY G 224 31.80 48.82 -25.00
N LEU G 225 31.94 47.86 -24.08
CA LEU G 225 31.37 47.88 -22.71
C LEU G 225 32.38 48.53 -21.75
N ALA G 226 32.10 48.51 -20.44
CA ALA G 226 32.94 49.08 -19.35
C ALA G 226 32.90 50.61 -19.41
N ASN G 227 31.72 51.17 -19.69
CA ASN G 227 31.43 52.63 -19.73
C ASN G 227 30.24 52.92 -18.81
N GLU G 228 30.38 53.92 -17.92
CA GLU G 228 29.42 54.25 -16.82
C GLU G 228 27.99 54.33 -17.37
N SER G 229 27.81 54.85 -18.59
CA SER G 229 26.51 54.97 -19.30
C SER G 229 25.94 53.57 -19.60
N LEU G 230 26.74 52.69 -20.19
CA LEU G 230 26.31 51.36 -20.71
C LEU G 230 26.42 50.30 -19.62
N GLN G 231 27.56 50.25 -18.91
CA GLN G 231 27.90 49.23 -17.87
C GLN G 231 26.79 49.15 -16.82
N LYS G 232 26.21 50.30 -16.44
CA LYS G 232 25.12 50.40 -15.42
C LYS G 232 23.89 49.61 -15.88
N LYS G 233 23.50 49.73 -17.15
CA LYS G 233 22.29 49.09 -17.74
C LYS G 233 22.46 47.56 -17.80
N LEU G 234 23.70 47.06 -17.93
CA LEU G 234 24.02 45.60 -17.95
C LEU G 234 23.71 44.99 -16.58
N TYR G 235 24.06 45.69 -15.50
CA TYR G 235 23.71 45.33 -14.09
C TYR G 235 22.21 45.50 -13.87
N ALA G 236 21.62 46.55 -14.47
CA ALA G 236 20.17 46.85 -14.42
C ALA G 236 19.37 45.71 -15.07
N PHE G 237 19.90 45.12 -16.15
CA PHE G 237 19.31 43.95 -16.86
C PHE G 237 19.48 42.70 -15.97
N SER G 238 20.72 42.27 -15.74
CA SER G 238 21.10 41.07 -14.94
C SER G 238 21.70 41.52 -13.61
N GLN G 239 20.95 41.35 -12.51
CA GLN G 239 21.32 41.84 -11.14
C GLN G 239 22.60 41.15 -10.68
N GLY G 240 22.56 39.82 -10.56
CA GLY G 240 23.71 38.97 -10.15
C GLY G 240 24.03 37.91 -11.20
N ASN G 241 23.02 37.14 -11.62
CA ASN G 241 23.13 35.93 -12.48
C ASN G 241 23.99 36.24 -13.72
N MET G 242 25.20 35.65 -13.76
CA MET G 242 26.19 35.79 -14.86
C MET G 242 25.65 35.11 -16.13
N ARG G 243 24.86 34.05 -15.96
CA ARG G 243 24.11 33.34 -17.05
C ARG G 243 23.35 34.38 -17.89
N SER G 244 22.52 35.20 -17.25
CA SER G 244 21.66 36.24 -17.88
C SER G 244 22.53 37.26 -18.64
N LEU G 245 23.62 37.72 -18.01
CA LEU G 245 24.59 38.69 -18.60
C LEU G 245 25.21 38.07 -19.85
N ARG G 246 25.84 36.90 -19.71
CA ARG G 246 26.55 36.19 -20.81
C ARG G 246 25.56 35.85 -21.94
N ASN G 247 24.31 35.49 -21.60
CA ASN G 247 23.20 35.28 -22.58
C ASN G 247 22.98 36.57 -23.36
N LEU G 248 22.80 37.71 -22.68
CA LEU G 248 22.60 39.05 -23.31
C LEU G 248 23.79 39.39 -24.21
N ILE G 249 25.02 39.18 -23.71
CA ILE G 249 26.29 39.47 -24.45
C ILE G 249 26.34 38.59 -25.71
N TYR G 250 26.03 37.29 -25.57
CA TYR G 250 26.03 36.29 -26.68
C TYR G 250 25.02 36.73 -27.76
N GLN G 251 23.76 36.94 -27.38
CA GLN G 251 22.65 37.31 -28.30
C GLN G 251 22.97 38.66 -28.99
N ALA G 252 23.56 39.60 -28.26
CA ALA G 252 24.03 40.91 -28.77
C ALA G 252 25.16 40.68 -29.81
N SER G 253 26.15 39.84 -29.46
CA SER G 253 27.28 39.46 -30.35
C SER G 253 26.75 38.82 -31.64
N ILE G 254 25.80 37.88 -31.52
CA ILE G 254 25.14 37.17 -32.66
C ILE G 254 24.50 38.21 -33.59
N GLU G 255 23.73 39.15 -33.02
CA GLU G 255 23.07 40.26 -33.78
C GLU G 255 24.11 41.14 -34.48
N ALA G 256 25.29 41.31 -33.89
CA ALA G 256 26.42 42.10 -34.46
C ALA G 256 27.11 41.30 -35.57
N ILE G 257 27.27 39.98 -35.42
CA ILE G 257 27.87 39.09 -36.48
C ILE G 257 26.88 38.97 -37.65
N ASP G 258 25.58 38.90 -37.36
CA ASP G 258 24.49 39.06 -38.37
C ASP G 258 24.47 40.50 -38.86
N ASN G 259 23.87 40.76 -40.02
CA ASN G 259 23.94 42.04 -40.80
C ASN G 259 25.23 42.79 -40.41
N GLN G 260 26.38 42.20 -40.77
CA GLN G 260 27.74 42.42 -40.18
C GLN G 260 27.95 43.88 -39.77
N HIS G 261 28.16 44.11 -38.47
CA HIS G 261 28.58 45.40 -37.85
C HIS G 261 30.07 45.31 -37.47
N GLU G 262 30.65 46.43 -37.02
CA GLU G 262 32.05 46.52 -36.51
C GLU G 262 32.08 46.05 -35.05
N THR G 263 31.22 46.62 -34.20
CA THR G 263 31.08 46.32 -32.75
C THR G 263 29.60 46.13 -32.39
N ILE G 264 29.35 45.67 -31.16
CA ILE G 264 27.98 45.54 -30.56
C ILE G 264 27.54 46.93 -30.08
N THR G 265 26.95 47.72 -30.98
CA THR G 265 26.52 49.13 -30.77
C THR G 265 25.13 49.16 -30.12
N GLU G 266 24.68 50.34 -29.70
CA GLU G 266 23.38 50.56 -29.01
C GLU G 266 22.24 50.49 -30.04
N GLU G 267 21.86 49.26 -30.42
CA GLU G 267 20.76 48.97 -31.39
C GLU G 267 20.39 47.47 -31.38
N ASP G 268 21.36 46.57 -31.15
CA ASP G 268 21.16 45.11 -31.00
C ASP G 268 20.87 44.75 -29.53
N PHE G 269 21.31 45.57 -28.57
CA PHE G 269 21.13 45.36 -27.11
C PHE G 269 19.63 45.40 -26.75
N VAL G 270 18.87 46.32 -27.36
CA VAL G 270 17.39 46.49 -27.14
C VAL G 270 16.67 45.20 -27.59
N PHE G 271 17.04 44.64 -28.74
CA PHE G 271 16.48 43.36 -29.28
C PHE G 271 16.92 42.18 -28.39
N ALA G 272 18.21 42.11 -28.06
CA ALA G 272 18.82 41.07 -27.21
C ALA G 272 18.14 41.04 -25.83
N SER G 273 17.87 42.22 -25.27
CA SER G 273 17.15 42.42 -23.98
C SER G 273 15.69 41.95 -24.11
N LYS G 274 15.01 42.37 -25.18
CA LYS G 274 13.62 41.93 -25.52
C LYS G 274 13.55 40.41 -25.67
N LEU G 275 14.61 39.79 -26.23
CA LEU G 275 14.68 38.33 -26.52
C LEU G 275 14.75 37.53 -25.21
N THR G 276 15.75 37.83 -24.36
CA THR G 276 16.09 37.06 -23.13
C THR G 276 15.53 37.76 -21.89
N SER G 277 14.26 38.21 -21.93
CA SER G 277 13.50 38.78 -20.79
C SER G 277 12.30 37.88 -20.47
N GLY G 278 12.51 36.56 -20.51
CA GLY G 278 11.48 35.53 -20.23
C GLY G 278 11.59 35.01 -18.80
N ASP G 279 12.82 34.73 -18.34
CA ASP G 279 13.12 34.15 -17.00
C ASP G 279 12.93 35.18 -15.89
N LYS G 280 12.95 36.49 -16.21
CA LYS G 280 12.84 37.59 -15.23
C LYS G 280 11.42 37.69 -14.70
N PRO G 281 11.19 38.14 -13.45
CA PRO G 281 9.84 38.36 -12.93
C PRO G 281 9.09 39.53 -13.60
N ASN G 282 7.77 39.60 -13.40
CA ASN G 282 6.88 40.67 -13.92
C ASN G 282 7.24 42.03 -13.28
N SER G 283 7.68 42.02 -12.01
CA SER G 283 8.10 43.22 -11.24
C SER G 283 9.34 43.86 -11.85
N TRP G 284 10.25 43.05 -12.41
CA TRP G 284 11.51 43.52 -13.08
C TRP G 284 11.17 44.40 -14.28
N LYS G 285 11.94 45.47 -14.50
CA LYS G 285 11.77 46.46 -15.59
C LYS G 285 12.95 46.33 -16.59
N ASN G 286 12.65 46.46 -17.89
CA ASN G 286 13.65 46.42 -18.99
C ASN G 286 14.21 47.82 -19.19
N PRO G 287 15.53 48.06 -18.97
CA PRO G 287 16.13 49.39 -19.16
C PRO G 287 16.33 49.78 -20.63
N PHE G 288 16.49 48.82 -21.53
CA PHE G 288 16.81 49.02 -22.98
C PHE G 288 15.55 49.24 -23.82
N GLU G 289 14.39 48.77 -23.37
CA GLU G 289 13.13 48.67 -24.17
C GLU G 289 12.81 50.00 -24.87
N GLU G 290 12.94 51.13 -24.15
CA GLU G 290 12.62 52.50 -24.63
C GLU G 290 13.61 53.49 -23.99
N GLY G 291 13.41 54.79 -24.21
CA GLY G 291 14.12 55.88 -23.51
C GLY G 291 13.73 55.95 -22.04
N VAL G 292 14.15 54.96 -21.25
CA VAL G 292 13.85 54.80 -19.79
C VAL G 292 15.18 54.85 -19.03
N GLU G 293 15.44 55.95 -18.33
CA GLU G 293 16.70 56.20 -17.58
C GLU G 293 16.76 55.25 -16.38
N VAL G 294 17.86 54.50 -16.26
CA VAL G 294 18.13 53.51 -15.17
C VAL G 294 18.08 54.25 -13.81
N THR G 295 17.40 53.65 -12.83
CA THR G 295 17.17 54.22 -11.47
C THR G 295 18.11 53.53 -10.47
N GLU G 296 18.67 54.29 -9.52
CA GLU G 296 19.71 53.84 -8.56
C GLU G 296 19.12 52.85 -7.55
N ASP G 297 17.85 53.02 -7.16
CA ASP G 297 17.12 52.16 -6.17
C ASP G 297 17.01 50.73 -6.69
N MET G 298 16.85 50.55 -8.01
CA MET G 298 16.75 49.22 -8.69
C MET G 298 18.08 48.47 -8.60
N LEU G 299 19.21 49.19 -8.56
CA LEU G 299 20.59 48.62 -8.60
C LEU G 299 21.14 48.42 -7.18
N ARG G 300 20.29 48.03 -6.22
CA ARG G 300 20.70 47.57 -4.87
C ARG G 300 21.37 46.20 -5.03
N PRO G 301 22.33 45.82 -4.16
CA PRO G 301 23.01 44.52 -4.29
C PRO G 301 22.06 43.36 -4.01
N PRO G 302 22.31 42.14 -4.54
CA PRO G 302 21.37 41.03 -4.41
C PRO G 302 21.22 40.57 -2.96
N PRO G 303 20.03 40.10 -2.53
CA PRO G 303 19.82 39.70 -1.13
C PRO G 303 20.78 38.60 -0.64
N LYS G 304 21.03 38.56 0.67
CA LYS G 304 21.88 37.54 1.35
C LYS G 304 21.27 36.15 1.15
N ASP G 305 19.93 36.07 1.14
CA ASP G 305 19.13 34.86 0.81
C ASP G 305 18.79 34.89 -0.69
N ILE G 306 19.81 34.81 -1.55
CA ILE G 306 19.67 34.93 -3.04
C ILE G 306 19.05 33.65 -3.62
N GLY G 307 19.51 32.47 -3.18
CA GLY G 307 19.11 31.16 -3.73
C GLY G 307 18.18 30.38 -2.82
N TRP G 308 17.62 31.03 -1.79
CA TRP G 308 16.75 30.41 -0.75
C TRP G 308 15.27 30.48 -1.16
N GLU G 309 14.93 31.21 -2.25
CA GLU G 309 13.54 31.46 -2.72
C GLU G 309 12.78 30.14 -2.85
N ASP G 310 13.39 29.14 -3.51
CA ASP G 310 12.81 27.79 -3.76
C ASP G 310 12.48 27.08 -2.44
N TYR G 311 13.29 27.32 -1.39
CA TYR G 311 13.09 26.75 -0.02
C TYR G 311 12.02 27.56 0.73
N LEU G 312 12.04 28.89 0.59
CA LEU G 312 11.10 29.82 1.29
C LEU G 312 9.71 29.81 0.62
N ARG G 313 9.58 29.24 -0.59
CA ARG G 313 8.26 29.01 -1.26
C ARG G 313 7.34 28.21 -0.33
N HIS G 314 7.86 27.10 0.23
CA HIS G 314 7.15 26.21 1.19
C HIS G 314 7.65 26.51 2.61
PG ATP H . -3.36 20.87 -29.42
O1G ATP H . -3.51 20.89 -27.92
O2G ATP H . -2.00 20.38 -29.86
O3G ATP H . -4.48 20.13 -30.12
PB ATP H . -2.79 23.28 -31.04
O1B ATP H . -1.41 22.77 -31.30
O2B ATP H . -2.98 24.73 -30.72
O3B ATP H . -3.47 22.41 -29.90
PA ATP H . -3.36 22.44 -33.80
O1A ATP H . -2.04 23.01 -34.18
O2A ATP H . -3.51 20.95 -33.86
O3A ATP H . -3.71 22.92 -32.31
O5' ATP H . -4.53 23.13 -34.64
C5' ATP H . -4.25 24.34 -35.39
C4' ATP H . -5.37 24.61 -36.36
O4' ATP H . -5.18 25.92 -36.95
C3' ATP H . -5.47 23.66 -37.55
O3' ATP H . -6.82 23.49 -37.97
C2' ATP H . -4.62 24.36 -38.61
O2' ATP H . -4.95 23.98 -39.92
C1' ATP H . -4.96 25.82 -38.34
N9 ATP H . -3.92 26.77 -38.72
C8 ATP H . -2.79 27.10 -38.02
N7 ATP H . -2.06 28.00 -38.64
C5 ATP H . -2.75 28.27 -39.81
C6 ATP H . -2.49 29.15 -40.89
N6 ATP H . -1.43 29.93 -40.97
N1 ATP H . -3.40 29.17 -41.90
C2 ATP H . -4.48 28.38 -41.82
N3 ATP H . -4.82 27.53 -40.85
C4 ATP H . -3.90 27.52 -39.87
PG ATP I . 23.88 24.86 -13.62
O1G ATP I . 23.77 24.26 -12.24
O2G ATP I . 24.97 24.25 -14.45
O3G ATP I . 22.54 24.89 -14.35
PB ATP I . 25.68 27.08 -12.93
O1B ATP I . 26.70 26.01 -12.76
O2B ATP I . 25.40 28.02 -11.81
O3B ATP I . 24.30 26.41 -13.39
PA ATP I . 26.38 27.49 -15.74
O1A ATP I . 27.75 26.91 -15.79
O2A ATP I . 25.26 26.65 -16.26
O3A ATP I . 26.05 27.93 -14.24
O5' ATP I . 26.37 28.90 -16.50
C5' ATP I . 27.39 29.90 -16.18
C4' ATP I . 27.59 30.81 -17.37
O4' ATP I . 28.55 31.83 -17.02
C3' ATP I . 28.13 30.13 -18.64
O3' ATP I . 27.61 30.76 -19.81
C2' ATP I . 29.64 30.36 -18.50
O2' ATP I . 30.31 30.34 -19.74
C1' ATP I . 29.67 31.75 -17.89
N9 ATP I . 30.87 32.05 -17.12
C8 ATP I . 31.25 31.51 -15.91
N7 ATP I . 32.40 32.00 -15.49
C5 ATP I . 32.78 32.91 -16.46
C6 ATP I . 33.91 33.75 -16.59
N6 ATP I . 34.90 33.83 -15.71
N1 ATP I . 33.98 34.53 -17.71
C2 ATP I . 32.99 34.45 -18.60
N3 ATP I . 31.89 33.71 -18.59
C4 ATP I . 31.84 32.95 -17.47
PG ATP J . -27.92 1.25 -22.93
O1G ATP J . -28.04 2.26 -21.80
O2G ATP J . -26.56 1.27 -23.58
O3G ATP J . -28.36 -0.16 -22.53
PB ATP J . -28.86 2.21 -25.58
O1B ATP J . -27.65 1.59 -26.20
O2B ATP J . -29.05 3.70 -25.63
O3B ATP J . -28.98 1.75 -24.05
PA ATP J . -30.34 0.56 -27.47
O1A ATP J . -29.94 1.32 -28.69
O2A ATP J . -29.66 -0.74 -27.20
O3A ATP J . -30.16 1.52 -26.20
O5' ATP J . -31.94 0.33 -27.48
C5' ATP J . -32.75 1.06 -28.44
C4' ATP J . -34.15 0.48 -28.44
O4' ATP J . -35.02 1.38 -29.18
C3' ATP J . -34.30 -0.88 -29.14
O3' ATP J . -35.35 -1.65 -28.55
C2' ATP J . -34.62 -0.47 -30.58
O2' ATP J . -35.30 -1.47 -31.30
C1' ATP J . -35.52 0.75 -30.33
N9 ATP J . -35.53 1.71 -31.43
C8 ATP J . -34.72 2.80 -31.61
N7 ATP J . -35.00 3.46 -32.71
C5 ATP J . -36.05 2.76 -33.29
C6 ATP J . -36.79 2.95 -34.47
N6 ATP J . -36.58 3.95 -35.34
N1 ATP J . -37.77 2.06 -34.74
C2 ATP J . -37.98 1.06 -33.89
N3 ATP J . -37.35 0.77 -32.74
C4 ATP J . -36.38 1.68 -32.50
PG ATP K . -31.31 -18.71 0.07
O1G ATP K . -31.31 -17.20 0.05
O2G ATP K . -30.82 -19.31 -1.23
O3G ATP K . -30.58 -19.28 1.28
PB ATP K . -34.01 -19.64 -0.77
O1B ATP K . -33.40 -20.05 -2.08
O2B ATP K . -35.11 -18.65 -0.76
O3B ATP K . -32.86 -19.16 0.23
PA ATP K . -34.41 -22.51 -0.41
O1A ATP K . -34.96 -22.70 -1.78
O2A ATP K . -33.00 -22.99 -0.15
O3A ATP K . -34.51 -20.97 -0.01
O5' ATP K . -35.39 -23.18 0.68
C5' ATP K . -36.83 -23.17 0.45
C4' ATP K . -37.48 -24.22 1.30
O4' ATP K . -38.91 -24.22 1.04
C3' ATP K . -37.03 -25.67 1.05
O3' ATP K . -37.09 -26.45 2.24
C2' ATP K . -38.04 -26.15 0.00
O2' ATP K . -38.18 -27.55 -0.03
C1' ATP K . -39.31 -25.46 0.50
N9 ATP K . -40.31 -25.21 -0.54
C8 ATP K . -40.25 -24.27 -1.55
N7 ATP K . -41.32 -24.31 -2.32
C5 ATP K . -42.12 -25.31 -1.78
C6 ATP K . -43.38 -25.83 -2.14
N6 ATP K . -44.10 -25.39 -3.17
N1 ATP K . -43.88 -26.83 -1.38
C2 ATP K . -43.16 -27.28 -0.35
N3 ATP K . -41.97 -26.87 0.09
C4 ATP K . -41.49 -25.88 -0.69
PG ATP L . -11.43 -25.07 24.37
O1G ATP L . -11.57 -23.57 24.23
O2G ATP L . -11.81 -25.80 23.10
O3G ATP L . -10.07 -25.50 24.91
PB ATP L . -13.49 -26.75 25.70
O1B ATP L . -13.66 -27.48 24.41
O2B ATP L . -14.70 -26.29 26.44
O3B ATP L . -12.52 -25.48 25.48
PA ATP L . -12.04 -29.13 26.55
O1A ATP L . -13.12 -30.00 25.98
O2A ATP L . -10.72 -29.10 25.84
O3A ATP L . -12.59 -27.64 26.67
O5' ATP L . -11.80 -29.50 28.09
C5' ATP L . -12.93 -29.88 28.93
C4' ATP L . -12.43 -30.47 30.22
O4' ATP L . -13.56 -31.01 30.95
C3' ATP L . -11.44 -31.64 30.10
O3' ATP L . -10.55 -31.66 31.21
C2' ATP L . -12.38 -32.85 30.09
O2' ATP L . -11.75 -34.04 30.49
C1' ATP L . -13.43 -32.40 31.10
N9 ATP L . -14.75 -33.01 30.92
C8 ATP L . -15.64 -32.78 29.90
N7 ATP L . -16.74 -33.49 30.02
C5 ATP L . -16.55 -34.22 31.20
C6 ATP L . -17.36 -35.16 31.88
N6 ATP L . -18.56 -35.54 31.47
N1 ATP L . -16.86 -35.70 33.02
C2 ATP L . -15.65 -35.31 33.43
N3 ATP L . -14.81 -34.44 32.88
C4 ATP L . -15.33 -33.93 31.75
PG ATP M . 17.22 -11.71 30.03
O1G ATP M . 16.24 -10.66 29.57
O2G ATP M . 16.92 -13.08 29.45
O3G ATP M . 18.67 -11.30 29.82
PB ATP M . 16.76 -13.03 32.67
O1B ATP M . 16.55 -14.31 31.92
O2B ATP M . 15.74 -12.58 33.66
O3B ATP M . 17.03 -11.84 31.63
PA ATP M . 19.37 -14.18 33.31
O1A ATP M . 18.88 -15.50 33.80
O2A ATP M . 19.96 -14.14 31.93
O3A ATP M . 18.19 -13.12 33.40
O5' ATP M . 20.44 -13.57 34.34
C5' ATP M . 20.44 -13.99 35.74
C4' ATP M . 21.75 -13.62 36.39
O4' ATP M . 21.69 -13.97 37.79
C3' ATP M . 22.99 -14.32 35.84
O3' ATP M . 24.14 -13.50 35.97
C2' ATP M . 23.07 -15.56 36.73
O2' ATP M . 24.37 -16.10 36.82
C1' ATP M . 22.62 -15.00 38.08
N9 ATP M . 21.97 -15.97 38.94
C8 ATP M . 20.71 -16.51 38.80
N7 ATP M . 20.41 -17.36 39.77
C5 ATP M . 21.53 -17.37 40.58
C6 ATP M . 21.84 -18.05 41.78
N6 ATP M . 21.01 -18.91 42.38
N1 ATP M . 23.05 -17.83 42.33
C2 ATP M . 23.89 -16.97 41.73
N3 ATP M . 23.70 -16.27 40.62
C4 ATP M . 22.49 -16.51 40.09
PG ATP N . 32.75 10.23 13.20
O1G ATP N . 31.24 10.37 13.26
O2G ATP N . 33.20 8.80 13.29
O3G ATP N . 33.34 10.96 11.99
PB ATP N . 34.18 10.57 15.79
O1B ATP N . 34.46 9.10 15.74
O2B ATP N . 33.54 11.15 17.01
O3B ATP N . 33.33 10.99 14.51
PA ATP N . 36.78 11.01 14.53
O1A ATP N . 37.55 9.88 15.13
O2A ATP N . 36.24 10.85 13.14
O3A ATP N . 35.55 11.35 15.51
O5' ATP N . 37.63 12.36 14.61
C5' ATP N . 38.46 12.63 15.78
C4' ATP N . 39.54 13.62 15.42
O4' ATP N . 40.32 13.91 16.61
C3' ATP N . 40.56 13.14 14.38
O3' ATP N . 41.03 14.24 13.60
C2' ATP N . 41.67 12.55 15.25
O2' ATP N . 42.93 12.53 14.61
C1' ATP N . 41.66 13.51 16.44
N9 ATP N . 42.14 12.94 17.70
C8 ATP N . 41.47 12.06 18.52
N7 ATP N . 42.19 11.73 19.57
C5 ATP N . 43.37 12.44 19.44
C6 ATP N . 44.53 12.53 20.24
N6 ATP N . 44.70 11.87 21.38
N1 ATP N . 45.53 13.34 19.80
C2 ATP N . 45.36 14.00 18.64
N3 ATP N . 44.31 14.00 17.82
C4 ATP N . 43.34 13.19 18.28
#